data_3KA5
# 
_entry.id   3KA5 
# 
_audit_conform.dict_name       mmcif_pdbx.dic 
_audit_conform.dict_version    5.398 
_audit_conform.dict_location   http://mmcif.pdb.org/dictionaries/ascii/mmcif_pdbx.dic 
# 
loop_
_database_2.database_id 
_database_2.database_code 
_database_2.pdbx_database_accession 
_database_2.pdbx_DOI 
PDB   3KA5         pdb_00003ka5 10.2210/pdb3ka5/pdb 
RCSB  RCSB055738   ?            ?                   
WWPDB D_1000055738 ?            ?                   
# 
loop_
_pdbx_audit_revision_history.ordinal 
_pdbx_audit_revision_history.data_content_type 
_pdbx_audit_revision_history.major_revision 
_pdbx_audit_revision_history.minor_revision 
_pdbx_audit_revision_history.revision_date 
1 'Structure model' 1 0 2009-11-03 
2 'Structure model' 1 1 2011-07-13 
3 'Structure model' 1 2 2024-11-06 
# 
_pdbx_audit_revision_details.ordinal             1 
_pdbx_audit_revision_details.revision_ordinal    1 
_pdbx_audit_revision_details.data_content_type   'Structure model' 
_pdbx_audit_revision_details.provider            repository 
_pdbx_audit_revision_details.type                'Initial release' 
_pdbx_audit_revision_details.description         ? 
_pdbx_audit_revision_details.details             ? 
# 
loop_
_pdbx_audit_revision_group.ordinal 
_pdbx_audit_revision_group.revision_ordinal 
_pdbx_audit_revision_group.data_content_type 
_pdbx_audit_revision_group.group 
1 2 'Structure model' 'Version format compliance' 
2 3 'Structure model' 'Data collection'           
3 3 'Structure model' 'Database references'       
4 3 'Structure model' 'Derived calculations'      
5 3 'Structure model' 'Structure summary'         
# 
loop_
_pdbx_audit_revision_category.ordinal 
_pdbx_audit_revision_category.revision_ordinal 
_pdbx_audit_revision_category.data_content_type 
_pdbx_audit_revision_category.category 
1 3 'Structure model' chem_comp_atom            
2 3 'Structure model' chem_comp_bond            
3 3 'Structure model' database_2                
4 3 'Structure model' pdbx_entry_details        
5 3 'Structure model' pdbx_modification_feature 
6 3 'Structure model' struct_conn               
7 3 'Structure model' struct_ref_seq_dif        
# 
loop_
_pdbx_audit_revision_item.ordinal 
_pdbx_audit_revision_item.revision_ordinal 
_pdbx_audit_revision_item.data_content_type 
_pdbx_audit_revision_item.item 
1 3 'Structure model' '_database_2.pdbx_DOI'                
2 3 'Structure model' '_database_2.pdbx_database_accession' 
3 3 'Structure model' '_struct_conn.pdbx_leaving_atom_flag' 
4 3 'Structure model' '_struct_ref_seq_dif.details'         
# 
_pdbx_database_status.status_code                     REL 
_pdbx_database_status.entry_id                        3KA5 
_pdbx_database_status.recvd_initial_deposition_date   2009-10-18 
_pdbx_database_status.deposit_site                    RCSB 
_pdbx_database_status.process_site                    RCSB 
_pdbx_database_status.status_code_sf                  REL 
_pdbx_database_status.status_code_mr                  ? 
_pdbx_database_status.SG_entry                        Y 
_pdbx_database_status.pdb_format_compatible           Y 
_pdbx_database_status.status_code_cs                  ? 
_pdbx_database_status.status_code_nmr_data            ? 
_pdbx_database_status.methods_development_category    ? 
# 
_pdbx_database_related.db_name        TargetDB 
_pdbx_database_related.db_id          CaR123A 
_pdbx_database_related.details        . 
_pdbx_database_related.content_type   unspecified 
# 
loop_
_audit_author.name 
_audit_author.pdbx_ordinal 
'Seetharaman, J.'                                 1  
'Neely, H.'                                       2  
'Wang, D.'                                        3  
'Janjua, H.'                                      4  
'Cunningham, K.'                                  5  
'Owens, L.'                                       6  
'Xiao, R.'                                        7  
'Liu, J.'                                         8  
'Baran, M.C.'                                     9  
'Acton, T.B.'                                     10 
'Rost, B.'                                        11 
'Montelione, G.T.'                                12 
'Hunt, J.F.'                                      13 
'Tong, L.'                                        14 
'Northeast Structural Genomics Consortium (NESG)' 15 
# 
_citation.id                        primary 
_citation.title                     'Crystal structure of Ribosome-associated protein Y (PSrp-1) from Clostridium acetobutylicum' 
_citation.journal_abbrev            'To be Published' 
_citation.journal_volume            ? 
_citation.page_first                ? 
_citation.page_last                 ? 
_citation.year                      ? 
_citation.journal_id_ASTM           ? 
_citation.country                   ? 
_citation.journal_id_ISSN           ? 
_citation.journal_id_CSD            0353 
_citation.book_publisher            ? 
_citation.pdbx_database_id_PubMed   ? 
_citation.pdbx_database_id_DOI      ? 
# 
loop_
_citation_author.citation_id 
_citation_author.name 
_citation_author.ordinal 
_citation_author.identifier_ORCID 
primary 'Seetharaman, J.'  1  ? 
primary 'Neely, H.'        2  ? 
primary 'Wang, D.'         3  ? 
primary 'Janjua, H.'       4  ? 
primary 'Cunningham, K.'   5  ? 
primary 'Owens, L.'        6  ? 
primary 'Xiao, R.'         7  ? 
primary 'Liu, J.'          8  ? 
primary 'Baran, M.C.'      9  ? 
primary 'Acton, T.B.'      10 ? 
primary 'Rost, B.'         11 ? 
primary 'Montelione, G.T.' 12 ? 
primary 'Hunt, J.F.'       13 ? 
primary 'Tong, L.'         14 ? 
# 
loop_
_entity.id 
_entity.type 
_entity.src_method 
_entity.pdbx_description 
_entity.formula_weight 
_entity.pdbx_number_of_molecules 
_entity.pdbx_ec 
_entity.pdbx_mutation 
_entity.pdbx_fragment 
_entity.details 
1 polymer man 'Ribosome-associated protein Y (PSrp-1)' 7776.408 2  ? ? 'sequence database residues 117-173' ? 
2 water   nat water                                    18.015   86 ? ? ?                                    ? 
# 
_entity_poly.entity_id                      1 
_entity_poly.type                           'polypeptide(L)' 
_entity_poly.nstd_linkage                   no 
_entity_poly.nstd_monomer                   yes 
_entity_poly.pdbx_seq_one_letter_code       'EIVKTKRFAIKP(MSE)SEEEAVLE(MSE)ELLGHNFFVFQNGDSNEVNVVYKRKDGNYGLIEPELEHHHHHH' 
_entity_poly.pdbx_seq_one_letter_code_can   EIVKTKRFAIKPMSEEEAVLEMELLGHNFFVFQNGDSNEVNVVYKRKDGNYGLIEPELEHHHHHH 
_entity_poly.pdbx_strand_id                 A,B 
_entity_poly.pdbx_target_identifier         CaR123A 
# 
_pdbx_entity_nonpoly.entity_id   2 
_pdbx_entity_nonpoly.name        water 
_pdbx_entity_nonpoly.comp_id     HOH 
# 
loop_
_entity_poly_seq.entity_id 
_entity_poly_seq.num 
_entity_poly_seq.mon_id 
_entity_poly_seq.hetero 
1 1  GLU n 
1 2  ILE n 
1 3  VAL n 
1 4  LYS n 
1 5  THR n 
1 6  LYS n 
1 7  ARG n 
1 8  PHE n 
1 9  ALA n 
1 10 ILE n 
1 11 LYS n 
1 12 PRO n 
1 13 MSE n 
1 14 SER n 
1 15 GLU n 
1 16 GLU n 
1 17 GLU n 
1 18 ALA n 
1 19 VAL n 
1 20 LEU n 
1 21 GLU n 
1 22 MSE n 
1 23 GLU n 
1 24 LEU n 
1 25 LEU n 
1 26 GLY n 
1 27 HIS n 
1 28 ASN n 
1 29 PHE n 
1 30 PHE n 
1 31 VAL n 
1 32 PHE n 
1 33 GLN n 
1 34 ASN n 
1 35 GLY n 
1 36 ASP n 
1 37 SER n 
1 38 ASN n 
1 39 GLU n 
1 40 VAL n 
1 41 ASN n 
1 42 VAL n 
1 43 VAL n 
1 44 TYR n 
1 45 LYS n 
1 46 ARG n 
1 47 LYS n 
1 48 ASP n 
1 49 GLY n 
1 50 ASN n 
1 51 TYR n 
1 52 GLY n 
1 53 LEU n 
1 54 ILE n 
1 55 GLU n 
1 56 PRO n 
1 57 GLU n 
1 58 LEU n 
1 59 GLU n 
1 60 HIS n 
1 61 HIS n 
1 62 HIS n 
1 63 HIS n 
1 64 HIS n 
1 65 HIS n 
# 
_entity_src_gen.entity_id                          1 
_entity_src_gen.pdbx_src_id                        1 
_entity_src_gen.pdbx_alt_source_flag               sample 
_entity_src_gen.pdbx_seq_type                      ? 
_entity_src_gen.pdbx_beg_seq_num                   ? 
_entity_src_gen.pdbx_end_seq_num                   ? 
_entity_src_gen.gene_src_common_name               ? 
_entity_src_gen.gene_src_genus                     ? 
_entity_src_gen.pdbx_gene_src_gene                 'CA_C2847, Ordered Locus Names: CA_C2847' 
_entity_src_gen.gene_src_species                   ? 
_entity_src_gen.gene_src_strain                    ? 
_entity_src_gen.gene_src_tissue                    ? 
_entity_src_gen.gene_src_tissue_fraction           ? 
_entity_src_gen.gene_src_details                   ? 
_entity_src_gen.pdbx_gene_src_fragment             ? 
_entity_src_gen.pdbx_gene_src_scientific_name      'Clostridium acetobutylicum' 
_entity_src_gen.pdbx_gene_src_ncbi_taxonomy_id     1488 
_entity_src_gen.pdbx_gene_src_variant              ? 
_entity_src_gen.pdbx_gene_src_cell_line            ? 
_entity_src_gen.pdbx_gene_src_atcc                 ? 
_entity_src_gen.pdbx_gene_src_organ                ? 
_entity_src_gen.pdbx_gene_src_organelle            ? 
_entity_src_gen.pdbx_gene_src_cell                 ? 
_entity_src_gen.pdbx_gene_src_cellular_location    ? 
_entity_src_gen.host_org_common_name               ? 
_entity_src_gen.pdbx_host_org_scientific_name      'Escherichia coli' 
_entity_src_gen.pdbx_host_org_ncbi_taxonomy_id     562 
_entity_src_gen.host_org_genus                     ? 
_entity_src_gen.pdbx_host_org_gene                 ? 
_entity_src_gen.pdbx_host_org_organ                ? 
_entity_src_gen.host_org_species                   ? 
_entity_src_gen.pdbx_host_org_tissue               ? 
_entity_src_gen.pdbx_host_org_tissue_fraction      ? 
_entity_src_gen.pdbx_host_org_strain               ? 
_entity_src_gen.pdbx_host_org_variant              ? 
_entity_src_gen.pdbx_host_org_cell_line            ? 
_entity_src_gen.pdbx_host_org_atcc                 ? 
_entity_src_gen.pdbx_host_org_culture_collection   ? 
_entity_src_gen.pdbx_host_org_cell                 ? 
_entity_src_gen.pdbx_host_org_organelle            ? 
_entity_src_gen.pdbx_host_org_cellular_location    ? 
_entity_src_gen.pdbx_host_org_vector_type          ? 
_entity_src_gen.pdbx_host_org_vector               ? 
_entity_src_gen.host_org_details                   ? 
_entity_src_gen.expression_system_id               ? 
_entity_src_gen.plasmid_name                       ? 
_entity_src_gen.plasmid_details                    ? 
_entity_src_gen.pdbx_description                   ? 
# 
loop_
_chem_comp.id 
_chem_comp.type 
_chem_comp.mon_nstd_flag 
_chem_comp.name 
_chem_comp.pdbx_synonyms 
_chem_comp.formula 
_chem_comp.formula_weight 
ALA 'L-peptide linking' y ALANINE          ? 'C3 H7 N O2'     89.093  
ARG 'L-peptide linking' y ARGININE         ? 'C6 H15 N4 O2 1' 175.209 
ASN 'L-peptide linking' y ASPARAGINE       ? 'C4 H8 N2 O3'    132.118 
ASP 'L-peptide linking' y 'ASPARTIC ACID'  ? 'C4 H7 N O4'     133.103 
GLN 'L-peptide linking' y GLUTAMINE        ? 'C5 H10 N2 O3'   146.144 
GLU 'L-peptide linking' y 'GLUTAMIC ACID'  ? 'C5 H9 N O4'     147.129 
GLY 'peptide linking'   y GLYCINE          ? 'C2 H5 N O2'     75.067  
HIS 'L-peptide linking' y HISTIDINE        ? 'C6 H10 N3 O2 1' 156.162 
HOH non-polymer         . WATER            ? 'H2 O'           18.015  
ILE 'L-peptide linking' y ISOLEUCINE       ? 'C6 H13 N O2'    131.173 
LEU 'L-peptide linking' y LEUCINE          ? 'C6 H13 N O2'    131.173 
LYS 'L-peptide linking' y LYSINE           ? 'C6 H15 N2 O2 1' 147.195 
MSE 'L-peptide linking' n SELENOMETHIONINE ? 'C5 H11 N O2 Se' 196.106 
PHE 'L-peptide linking' y PHENYLALANINE    ? 'C9 H11 N O2'    165.189 
PRO 'L-peptide linking' y PROLINE          ? 'C5 H9 N O2'     115.130 
SER 'L-peptide linking' y SERINE           ? 'C3 H7 N O3'     105.093 
THR 'L-peptide linking' y THREONINE        ? 'C4 H9 N O3'     119.119 
TYR 'L-peptide linking' y TYROSINE         ? 'C9 H11 N O3'    181.189 
VAL 'L-peptide linking' y VALINE           ? 'C5 H11 N O2'    117.146 
# 
loop_
_pdbx_poly_seq_scheme.asym_id 
_pdbx_poly_seq_scheme.entity_id 
_pdbx_poly_seq_scheme.seq_id 
_pdbx_poly_seq_scheme.mon_id 
_pdbx_poly_seq_scheme.ndb_seq_num 
_pdbx_poly_seq_scheme.pdb_seq_num 
_pdbx_poly_seq_scheme.auth_seq_num 
_pdbx_poly_seq_scheme.pdb_mon_id 
_pdbx_poly_seq_scheme.auth_mon_id 
_pdbx_poly_seq_scheme.pdb_strand_id 
_pdbx_poly_seq_scheme.pdb_ins_code 
_pdbx_poly_seq_scheme.hetero 
A 1 1  GLU 1  1  1  GLU GLU A . n 
A 1 2  ILE 2  2  2  ILE ILE A . n 
A 1 3  VAL 3  3  3  VAL VAL A . n 
A 1 4  LYS 4  4  4  LYS LYS A . n 
A 1 5  THR 5  5  5  THR THR A . n 
A 1 6  LYS 6  6  6  LYS LYS A . n 
A 1 7  ARG 7  7  7  ARG ARG A . n 
A 1 8  PHE 8  8  8  PHE PHE A . n 
A 1 9  ALA 9  9  9  ALA ALA A . n 
A 1 10 ILE 10 10 10 ILE ILE A . n 
A 1 11 LYS 11 11 11 LYS LYS A . n 
A 1 12 PRO 12 12 12 PRO PRO A . n 
A 1 13 MSE 13 13 13 MSE MSE A . n 
A 1 14 SER 14 14 14 SER SER A . n 
A 1 15 GLU 15 15 15 GLU GLU A . n 
A 1 16 GLU 16 16 16 GLU GLU A . n 
A 1 17 GLU 17 17 17 GLU GLU A . n 
A 1 18 ALA 18 18 18 ALA ALA A . n 
A 1 19 VAL 19 19 19 VAL VAL A . n 
A 1 20 LEU 20 20 20 LEU LEU A . n 
A 1 21 GLU 21 21 21 GLU GLU A . n 
A 1 22 MSE 22 22 22 MSE MSE A . n 
A 1 23 GLU 23 23 23 GLU GLU A . n 
A 1 24 LEU 24 24 24 LEU LEU A . n 
A 1 25 LEU 25 25 25 LEU LEU A . n 
A 1 26 GLY 26 26 26 GLY GLY A . n 
A 1 27 HIS 27 27 27 HIS HIS A . n 
A 1 28 ASN 28 28 28 ASN ASN A . n 
A 1 29 PHE 29 29 29 PHE PHE A . n 
A 1 30 PHE 30 30 30 PHE PHE A . n 
A 1 31 VAL 31 31 31 VAL VAL A . n 
A 1 32 PHE 32 32 32 PHE PHE A . n 
A 1 33 GLN 33 33 33 GLN GLN A . n 
A 1 34 ASN 34 34 34 ASN ASN A . n 
A 1 35 GLY 35 35 35 GLY GLY A . n 
A 1 36 ASP 36 36 36 ASP ASP A . n 
A 1 37 SER 37 37 37 SER SER A . n 
A 1 38 ASN 38 38 38 ASN ASN A . n 
A 1 39 GLU 39 39 39 GLU GLU A . n 
A 1 40 VAL 40 40 40 VAL VAL A . n 
A 1 41 ASN 41 41 41 ASN ASN A . n 
A 1 42 VAL 42 42 42 VAL VAL A . n 
A 1 43 VAL 43 43 43 VAL VAL A . n 
A 1 44 TYR 44 44 44 TYR TYR A . n 
A 1 45 LYS 45 45 45 LYS LYS A . n 
A 1 46 ARG 46 46 46 ARG ARG A . n 
A 1 47 LYS 47 47 47 LYS LYS A . n 
A 1 48 ASP 48 48 48 ASP ASP A . n 
A 1 49 GLY 49 49 49 GLY GLY A . n 
A 1 50 ASN 50 50 50 ASN ASN A . n 
A 1 51 TYR 51 51 51 TYR TYR A . n 
A 1 52 GLY 52 52 52 GLY GLY A . n 
A 1 53 LEU 53 53 53 LEU LEU A . n 
A 1 54 ILE 54 54 54 ILE ILE A . n 
A 1 55 GLU 55 55 55 GLU GLU A . n 
A 1 56 PRO 56 56 56 PRO PRO A . n 
A 1 57 GLU 57 57 57 GLU GLU A . n 
A 1 58 LEU 58 58 ?  ?   ?   A . n 
A 1 59 GLU 59 59 ?  ?   ?   A . n 
A 1 60 HIS 60 60 ?  ?   ?   A . n 
A 1 61 HIS 61 61 ?  ?   ?   A . n 
A 1 62 HIS 62 62 ?  ?   ?   A . n 
A 1 63 HIS 63 63 ?  ?   ?   A . n 
A 1 64 HIS 64 64 ?  ?   ?   A . n 
A 1 65 HIS 65 65 ?  ?   ?   A . n 
B 1 1  GLU 1  1  1  GLU GLU B . n 
B 1 2  ILE 2  2  2  ILE ILE B . n 
B 1 3  VAL 3  3  3  VAL VAL B . n 
B 1 4  LYS 4  4  4  LYS LYS B . n 
B 1 5  THR 5  5  5  THR THR B . n 
B 1 6  LYS 6  6  6  LYS LYS B . n 
B 1 7  ARG 7  7  7  ARG ARG B . n 
B 1 8  PHE 8  8  8  PHE PHE B . n 
B 1 9  ALA 9  9  9  ALA ALA B . n 
B 1 10 ILE 10 10 10 ILE ILE B . n 
B 1 11 LYS 11 11 11 LYS LYS B . n 
B 1 12 PRO 12 12 12 PRO PRO B . n 
B 1 13 MSE 13 13 13 MSE MSE B . n 
B 1 14 SER 14 14 14 SER SER B . n 
B 1 15 GLU 15 15 15 GLU GLU B . n 
B 1 16 GLU 16 16 16 GLU GLU B . n 
B 1 17 GLU 17 17 17 GLU GLU B . n 
B 1 18 ALA 18 18 18 ALA ALA B . n 
B 1 19 VAL 19 19 19 VAL VAL B . n 
B 1 20 LEU 20 20 20 LEU LEU B . n 
B 1 21 GLU 21 21 21 GLU GLU B . n 
B 1 22 MSE 22 22 22 MSE MSE B . n 
B 1 23 GLU 23 23 23 GLU GLU B . n 
B 1 24 LEU 24 24 24 LEU LEU B . n 
B 1 25 LEU 25 25 25 LEU LEU B . n 
B 1 26 GLY 26 26 26 GLY GLY B . n 
B 1 27 HIS 27 27 27 HIS HIS B . n 
B 1 28 ASN 28 28 28 ASN ASN B . n 
B 1 29 PHE 29 29 29 PHE PHE B . n 
B 1 30 PHE 30 30 30 PHE PHE B . n 
B 1 31 VAL 31 31 31 VAL VAL B . n 
B 1 32 PHE 32 32 32 PHE PHE B . n 
B 1 33 GLN 33 33 33 GLN GLN B . n 
B 1 34 ASN 34 34 34 ASN ASN B . n 
B 1 35 GLY 35 35 35 GLY GLY B . n 
B 1 36 ASP 36 36 36 ASP ASP B . n 
B 1 37 SER 37 37 37 SER SER B . n 
B 1 38 ASN 38 38 38 ASN ASN B . n 
B 1 39 GLU 39 39 39 GLU GLU B . n 
B 1 40 VAL 40 40 40 VAL VAL B . n 
B 1 41 ASN 41 41 41 ASN ASN B . n 
B 1 42 VAL 42 42 42 VAL VAL B . n 
B 1 43 VAL 43 43 43 VAL VAL B . n 
B 1 44 TYR 44 44 44 TYR TYR B . n 
B 1 45 LYS 45 45 45 LYS LYS B . n 
B 1 46 ARG 46 46 46 ARG ARG B . n 
B 1 47 LYS 47 47 47 LYS LYS B . n 
B 1 48 ASP 48 48 48 ASP ASP B . n 
B 1 49 GLY 49 49 49 GLY GLY B . n 
B 1 50 ASN 50 50 50 ASN ASN B . n 
B 1 51 TYR 51 51 51 TYR TYR B . n 
B 1 52 GLY 52 52 52 GLY GLY B . n 
B 1 53 LEU 53 53 53 LEU LEU B . n 
B 1 54 ILE 54 54 54 ILE ILE B . n 
B 1 55 GLU 55 55 55 GLU GLU B . n 
B 1 56 PRO 56 56 56 PRO PRO B . n 
B 1 57 GLU 57 57 57 GLU GLU B . n 
B 1 58 LEU 58 58 58 LEU LEU B . n 
B 1 59 GLU 59 59 59 GLU GLU B . n 
B 1 60 HIS 60 60 ?  ?   ?   B . n 
B 1 61 HIS 61 61 ?  ?   ?   B . n 
B 1 62 HIS 62 62 ?  ?   ?   B . n 
B 1 63 HIS 63 63 ?  ?   ?   B . n 
B 1 64 HIS 64 64 ?  ?   ?   B . n 
B 1 65 HIS 65 65 ?  ?   ?   B . n 
# 
loop_
_pdbx_nonpoly_scheme.asym_id 
_pdbx_nonpoly_scheme.entity_id 
_pdbx_nonpoly_scheme.mon_id 
_pdbx_nonpoly_scheme.ndb_seq_num 
_pdbx_nonpoly_scheme.pdb_seq_num 
_pdbx_nonpoly_scheme.auth_seq_num 
_pdbx_nonpoly_scheme.pdb_mon_id 
_pdbx_nonpoly_scheme.auth_mon_id 
_pdbx_nonpoly_scheme.pdb_strand_id 
_pdbx_nonpoly_scheme.pdb_ins_code 
C 2 HOH 1  66  66 HOH TIP A . 
C 2 HOH 2  67  67 HOH TIP A . 
C 2 HOH 3  68  2  HOH TIP A . 
C 2 HOH 4  69  3  HOH TIP A . 
C 2 HOH 5  70  70 HOH TIP A . 
C 2 HOH 6  71  4  HOH TIP A . 
C 2 HOH 7  73  73 HOH TIP A . 
C 2 HOH 8  74  74 HOH TIP A . 
C 2 HOH 9  75  9  HOH TIP A . 
C 2 HOH 10 76  10 HOH TIP A . 
C 2 HOH 11 77  77 HOH TIP A . 
C 2 HOH 12 78  78 HOH TIP A . 
C 2 HOH 13 79  79 HOH TIP A . 
C 2 HOH 14 80  13 HOH TIP A . 
C 2 HOH 15 81  15 HOH TIP A . 
C 2 HOH 16 82  82 HOH TIP A . 
C 2 HOH 17 83  83 HOH TIP A . 
C 2 HOH 18 84  17 HOH TIP A . 
C 2 HOH 19 85  85 HOH TIP A . 
C 2 HOH 20 86  86 HOH TIP A . 
C 2 HOH 21 87  18 HOH TIP A . 
C 2 HOH 22 88  24 HOH TIP A . 
C 2 HOH 23 89  25 HOH TIP A . 
C 2 HOH 24 90  28 HOH TIP A . 
C 2 HOH 25 91  30 HOH TIP A . 
C 2 HOH 26 92  32 HOH TIP A . 
C 2 HOH 27 93  35 HOH TIP A . 
C 2 HOH 28 94  36 HOH TIP A . 
C 2 HOH 29 95  37 HOH TIP A . 
C 2 HOH 30 96  40 HOH TIP A . 
C 2 HOH 31 97  42 HOH TIP A . 
C 2 HOH 32 98  43 HOH TIP A . 
C 2 HOH 33 99  45 HOH TIP A . 
C 2 HOH 34 100 46 HOH TIP A . 
C 2 HOH 35 101 47 HOH TIP A . 
C 2 HOH 36 102 48 HOH TIP A . 
C 2 HOH 37 103 51 HOH TIP A . 
C 2 HOH 38 104 52 HOH TIP A . 
C 2 HOH 39 105 56 HOH TIP A . 
C 2 HOH 40 106 58 HOH TIP A . 
C 2 HOH 41 107 61 HOH TIP A . 
C 2 HOH 42 108 62 HOH TIP A . 
C 2 HOH 43 109 63 HOH TIP A . 
C 2 HOH 44 110 64 HOH TIP A . 
D 2 HOH 1  66  1  HOH TIP B . 
D 2 HOH 2  67  5  HOH TIP B . 
D 2 HOH 3  68  68 HOH TIP B . 
D 2 HOH 4  69  69 HOH TIP B . 
D 2 HOH 5  70  7  HOH TIP B . 
D 2 HOH 6  71  71 HOH TIP B . 
D 2 HOH 7  72  6  HOH TIP B . 
D 2 HOH 8  73  8  HOH TIP B . 
D 2 HOH 9  74  11 HOH TIP B . 
D 2 HOH 10 75  75 HOH TIP B . 
D 2 HOH 11 76  76 HOH TIP B . 
D 2 HOH 12 77  12 HOH TIP B . 
D 2 HOH 13 78  14 HOH TIP B . 
D 2 HOH 14 79  16 HOH TIP B . 
D 2 HOH 15 80  80 HOH TIP B . 
D 2 HOH 16 81  81 HOH TIP B . 
D 2 HOH 17 82  19 HOH TIP B . 
D 2 HOH 18 83  20 HOH TIP B . 
D 2 HOH 19 84  84 HOH TIP B . 
D 2 HOH 20 85  21 HOH TIP B . 
D 2 HOH 21 86  22 HOH TIP B . 
D 2 HOH 22 87  23 HOH TIP B . 
D 2 HOH 23 88  26 HOH TIP B . 
D 2 HOH 24 89  27 HOH TIP B . 
D 2 HOH 25 90  29 HOH TIP B . 
D 2 HOH 26 91  31 HOH TIP B . 
D 2 HOH 27 92  33 HOH TIP B . 
D 2 HOH 28 93  34 HOH TIP B . 
D 2 HOH 29 94  38 HOH TIP B . 
D 2 HOH 30 95  39 HOH TIP B . 
D 2 HOH 31 96  41 HOH TIP B . 
D 2 HOH 32 97  44 HOH TIP B . 
D 2 HOH 33 98  49 HOH TIP B . 
D 2 HOH 34 99  50 HOH TIP B . 
D 2 HOH 35 100 53 HOH TIP B . 
D 2 HOH 36 101 54 HOH TIP B . 
D 2 HOH 37 102 55 HOH TIP B . 
D 2 HOH 38 103 57 HOH TIP B . 
D 2 HOH 39 104 59 HOH TIP B . 
D 2 HOH 40 105 60 HOH TIP B . 
D 2 HOH 41 106 65 HOH TIP B . 
D 2 HOH 42 107 72 HOH TIP B . 
# 
loop_
_software.name 
_software.classification 
_software.version 
_software.citation_id 
_software.pdbx_ordinal 
SHELXS   phasing          .   ? 1 
CNS      refinement       1.2 ? 2 
HKL-2000 'data reduction' .   ? 3 
HKL-2000 'data scaling'   .   ? 4 
# 
_cell.entry_id           3KA5 
_cell.length_a           49.693 
_cell.length_b           49.693 
_cell.length_c           98.382 
_cell.angle_alpha        90.00 
_cell.angle_beta         90.00 
_cell.angle_gamma        120.00 
_cell.Z_PDB              12 
_cell.pdbx_unique_axis   ? 
_cell.length_a_esd       ? 
_cell.length_b_esd       ? 
_cell.length_c_esd       ? 
_cell.angle_alpha_esd    ? 
_cell.angle_beta_esd     ? 
_cell.angle_gamma_esd    ? 
# 
_symmetry.entry_id                         3KA5 
_symmetry.space_group_name_H-M             'P 31 2 1' 
_symmetry.pdbx_full_space_group_name_H-M   ? 
_symmetry.cell_setting                     ? 
_symmetry.Int_Tables_number                152 
_symmetry.space_group_name_Hall            ? 
# 
_exptl.entry_id          3KA5 
_exptl.method            'X-RAY DIFFRACTION' 
_exptl.crystals_number   1 
# 
_exptl_crystal.id                    1 
_exptl_crystal.density_meas          ? 
_exptl_crystal.density_Matthews      2.25 
_exptl_crystal.density_percent_sol   45.45 
_exptl_crystal.description           ? 
_exptl_crystal.F_000                 ? 
_exptl_crystal.preparation           ? 
# 
_exptl_crystal_grow.crystal_id      1 
_exptl_crystal_grow.method          ? 
_exptl_crystal_grow.temp            277 
_exptl_crystal_grow.temp_details    ? 
_exptl_crystal_grow.pH              4.2 
_exptl_crystal_grow.pdbx_details    '0.1M KSCN, 0.1M Na3Citrate pH 4.2, 20% PEG 4K, microbatch under oil method, temperature 277K' 
_exptl_crystal_grow.pdbx_pH_range   ? 
# 
_diffrn.id                     1 
_diffrn.ambient_temp           100 
_diffrn.ambient_temp_details   ? 
_diffrn.crystal_id             1 
# 
_diffrn_detector.diffrn_id              1 
_diffrn_detector.detector               'IMAGE PLATE' 
_diffrn_detector.type                   'MAR scanner 345 mm plate' 
_diffrn_detector.pdbx_collection_date   2009-10-04 
_diffrn_detector.details                ? 
# 
_diffrn_radiation.diffrn_id                        1 
_diffrn_radiation.wavelength_id                    1 
_diffrn_radiation.pdbx_monochromatic_or_laue_m_l   M 
_diffrn_radiation.monochromator                    ? 
_diffrn_radiation.pdbx_diffrn_protocol             'SINGLE WAVELENGTH' 
_diffrn_radiation.pdbx_scattering_type             x-ray 
# 
_diffrn_radiation_wavelength.id           1 
_diffrn_radiation_wavelength.wavelength   0.979 
_diffrn_radiation_wavelength.wt           1.0 
# 
_diffrn_source.diffrn_id                   1 
_diffrn_source.source                      SYNCHROTRON 
_diffrn_source.type                        'NSLS BEAMLINE X4C' 
_diffrn_source.pdbx_synchrotron_site       NSLS 
_diffrn_source.pdbx_synchrotron_beamline   X4C 
_diffrn_source.pdbx_wavelength             ? 
_diffrn_source.pdbx_wavelength_list        0.979 
# 
_reflns.entry_id                     3KA5 
_reflns.observed_criterion_sigma_I   0 
_reflns.observed_criterion_sigma_F   0 
_reflns.d_resolution_low             50 
_reflns.d_resolution_high            1.8 
_reflns.number_obs                   24939 
_reflns.number_all                   24939 
_reflns.percent_possible_obs         99.4 
_reflns.pdbx_Rmerge_I_obs            0.091 
_reflns.pdbx_Rsym_value              ? 
_reflns.pdbx_netI_over_sigmaI        12.9 
_reflns.B_iso_Wilson_estimate        15.6 
_reflns.pdbx_redundancy              5.1 
_reflns.R_free_details               ? 
_reflns.limit_h_max                  ? 
_reflns.limit_h_min                  ? 
_reflns.limit_k_max                  ? 
_reflns.limit_k_min                  ? 
_reflns.limit_l_max                  ? 
_reflns.limit_l_min                  ? 
_reflns.observed_criterion_F_max     ? 
_reflns.observed_criterion_F_min     ? 
_reflns.pdbx_chi_squared             ? 
_reflns.pdbx_scaling_rejects         ? 
_reflns.pdbx_diffrn_id               1 
_reflns.pdbx_ordinal                 1 
# 
_reflns_shell.d_res_high             1.80 
_reflns_shell.d_res_low              1.83 
_reflns_shell.percent_possible_all   91.4 
_reflns_shell.Rmerge_I_obs           0.395 
_reflns_shell.pdbx_Rsym_value        ? 
_reflns_shell.meanI_over_sigI_obs    ? 
_reflns_shell.pdbx_redundancy        3.1 
_reflns_shell.percent_possible_obs   ? 
_reflns_shell.number_unique_all      1154 
_reflns_shell.number_measured_all    ? 
_reflns_shell.number_measured_obs    ? 
_reflns_shell.number_unique_obs      ? 
_reflns_shell.pdbx_chi_squared       ? 
_reflns_shell.pdbx_diffrn_id         ? 
_reflns_shell.pdbx_ordinal           1 
# 
_refine.entry_id                                 3KA5 
_refine.ls_number_reflns_obs                     24060 
_refine.ls_number_reflns_all                     ? 
_refine.pdbx_ls_sigma_I                          ? 
_refine.pdbx_ls_sigma_F                          2.0 
_refine.pdbx_data_cutoff_high_absF               151523.95 
_refine.pdbx_data_cutoff_low_absF                0.000000 
_refine.pdbx_data_cutoff_high_rms_absF           ? 
_refine.ls_d_res_low                             32.39 
_refine.ls_d_res_high                            1.80 
_refine.ls_percent_reflns_obs                    95.9 
_refine.ls_R_factor_obs                          0.205 
_refine.ls_R_factor_all                          ? 
_refine.ls_R_factor_R_work                       0.205 
_refine.ls_R_factor_R_free                       0.233 
_refine.ls_R_factor_R_free_error                 0.007 
_refine.ls_R_factor_R_free_error_details         ? 
_refine.ls_percent_reflns_R_free                 4.9 
_refine.ls_number_reflns_R_free                  1174 
_refine.ls_number_parameters                     ? 
_refine.ls_number_restraints                     ? 
_refine.occupancy_min                            ? 
_refine.occupancy_max                            ? 
_refine.correlation_coeff_Fo_to_Fc               ? 
_refine.correlation_coeff_Fo_to_Fc_free          ? 
_refine.B_iso_mean                               25.9 
_refine.aniso_B[1][1]                            1.99 
_refine.aniso_B[2][2]                            1.99 
_refine.aniso_B[3][3]                            -3.99 
_refine.aniso_B[1][2]                            0.00 
_refine.aniso_B[1][3]                            0.00 
_refine.aniso_B[2][3]                            0.00 
_refine.solvent_model_details                    'FLAT MODEL' 
_refine.solvent_model_param_ksol                 0.4 
_refine.solvent_model_param_bsol                 44.309 
_refine.pdbx_solvent_vdw_probe_radii             ? 
_refine.pdbx_solvent_ion_probe_radii             ? 
_refine.pdbx_solvent_shrinkage_radii             ? 
_refine.pdbx_ls_cross_valid_method               THROUGHOUT 
_refine.details                                  'BULK SOLVENT MODEL USED' 
_refine.pdbx_starting_model                      ? 
_refine.pdbx_method_to_determine_struct          SAD 
_refine.pdbx_isotropic_thermal_model             RESTRAINED 
_refine.pdbx_stereochemistry_target_values       'Engh & Huber' 
_refine.pdbx_stereochem_target_val_spec_case     ? 
_refine.pdbx_R_Free_selection_details            RANDOM 
_refine.pdbx_overall_ESU_R                       ? 
_refine.pdbx_overall_ESU_R_Free                  ? 
_refine.overall_SU_ML                            ? 
_refine.overall_SU_B                             ? 
_refine.ls_redundancy_reflns_obs                 ? 
_refine.B_iso_min                                ? 
_refine.B_iso_max                                ? 
_refine.overall_SU_R_Cruickshank_DPI             ? 
_refine.overall_SU_R_free                        ? 
_refine.ls_wR_factor_R_free                      ? 
_refine.ls_wR_factor_R_work                      ? 
_refine.overall_FOM_free_R_set                   ? 
_refine.overall_FOM_work_R_set                   ? 
_refine.pdbx_overall_phase_error                 ? 
_refine.pdbx_refine_id                           'X-RAY DIFFRACTION' 
_refine.pdbx_diffrn_id                           1 
_refine.pdbx_TLS_residual_ADP_flag               ? 
_refine.pdbx_overall_SU_R_free_Cruickshank_DPI   ? 
_refine.pdbx_overall_SU_R_Blow_DPI               ? 
_refine.pdbx_overall_SU_R_free_Blow_DPI          ? 
# 
_refine_analyze.entry_id                        3KA5 
_refine_analyze.Luzzati_coordinate_error_obs    0.22 
_refine_analyze.Luzzati_sigma_a_obs             0.13 
_refine_analyze.Luzzati_d_res_low_obs           5.00 
_refine_analyze.Luzzati_coordinate_error_free   0.25 
_refine_analyze.Luzzati_sigma_a_free            0.14 
_refine_analyze.Luzzati_d_res_low_free          ? 
_refine_analyze.number_disordered_residues      ? 
_refine_analyze.occupancy_sum_hydrogen          ? 
_refine_analyze.occupancy_sum_non_hydrogen      ? 
_refine_analyze.pdbx_Luzzati_d_res_high_obs     ? 
_refine_analyze.pdbx_refine_id                  'X-RAY DIFFRACTION' 
# 
_refine_hist.pdbx_refine_id                   'X-RAY DIFFRACTION' 
_refine_hist.cycle_id                         LAST 
_refine_hist.pdbx_number_atoms_protein        945 
_refine_hist.pdbx_number_atoms_nucleic_acid   0 
_refine_hist.pdbx_number_atoms_ligand         0 
_refine_hist.number_atoms_solvent             86 
_refine_hist.number_atoms_total               1031 
_refine_hist.d_res_high                       1.80 
_refine_hist.d_res_low                        32.39 
# 
loop_
_refine_ls_restr.type 
_refine_ls_restr.dev_ideal 
_refine_ls_restr.dev_ideal_target 
_refine_ls_restr.weight 
_refine_ls_restr.number 
_refine_ls_restr.pdbx_refine_id 
_refine_ls_restr.pdbx_restraint_function 
c_bond_d           0.005 ? ? ? 'X-RAY DIFFRACTION' ? 
c_angle_deg        1.1   ? ? ? 'X-RAY DIFFRACTION' ? 
c_dihedral_angle_d 23.5  ? ? ? 'X-RAY DIFFRACTION' ? 
c_improper_angle_d 0.65  ? ? ? 'X-RAY DIFFRACTION' ? 
# 
_refine_ls_restr_ncs.pdbx_refine_id      'X-RAY DIFFRACTION' 
_refine_ls_restr_ncs.dom_id              1 
_refine_ls_restr_ncs.ncs_model_details   NONE 
_refine_ls_restr_ncs.rms_dev_position    ? 
_refine_ls_restr_ncs.weight_position     ? 
_refine_ls_restr_ncs.rms_dev_B_iso       ? 
_refine_ls_restr_ncs.weight_B_iso        ? 
_refine_ls_restr_ncs.pdbx_ordinal        1 
_refine_ls_restr_ncs.pdbx_type           . 
_refine_ls_restr_ncs.pdbx_auth_asym_id   . 
_refine_ls_restr_ncs.pdbx_ens_id         1 
_refine_ls_restr_ncs.pdbx_number         ? 
_refine_ls_restr_ncs.pdbx_asym_id        ? 
_refine_ls_restr_ncs.pdbx_rms            ? 
_refine_ls_restr_ncs.pdbx_weight         ? 
# 
_refine_ls_shell.pdbx_total_number_of_bins_used   6 
_refine_ls_shell.d_res_high                       1.80 
_refine_ls_shell.d_res_low                        1.91 
_refine_ls_shell.number_reflns_R_work             3394 
_refine_ls_shell.R_factor_R_work                  0.263 
_refine_ls_shell.percent_reflns_obs               83.2 
_refine_ls_shell.R_factor_R_free                  0.281 
_refine_ls_shell.R_factor_R_free_error            0.023 
_refine_ls_shell.percent_reflns_R_free            4.1 
_refine_ls_shell.number_reflns_R_free             144 
_refine_ls_shell.number_reflns_all                ? 
_refine_ls_shell.R_factor_all                     ? 
_refine_ls_shell.number_reflns_obs                ? 
_refine_ls_shell.redundancy_reflns_obs            ? 
_refine_ls_shell.pdbx_refine_id                   'X-RAY DIFFRACTION' 
# 
loop_
_pdbx_xplor_file.serial_no 
_pdbx_xplor_file.param_file 
_pdbx_xplor_file.topol_file 
_pdbx_xplor_file.pdbx_refine_id 
1 protein_rep.param protein.top 'X-RAY DIFFRACTION' 
2 water_rep.param   water.top   'X-RAY DIFFRACTION' 
3 ion.param         ion.top     'X-RAY DIFFRACTION' 
# 
_struct_ncs_dom.id            1 
_struct_ncs_dom.details       ? 
_struct_ncs_dom.pdbx_ens_id   1 
# 
_struct_ncs_ens.id        1 
_struct_ncs_ens.details   ? 
# 
_struct.entry_id                  3KA5 
_struct.title                     
;Crystal structure of Ribosome-associated protein Y (PSrp-1) from Clostridium acetobutylicum. Northeast Structural Genomics Consortium target id CaR123A
;
_struct.pdbx_model_details        ? 
_struct.pdbx_CASP_flag            ? 
_struct.pdbx_model_type_details   ? 
# 
_struct_keywords.entry_id        3KA5 
_struct_keywords.pdbx_keywords   CHAPERONE 
_struct_keywords.text            
;Ribosome-associated protein, Structural Genomics, PSI-2, Protein Structure Initiative, Northeast Structural Genomics Consortium, NESG, CHAPERONE
;
# 
loop_
_struct_asym.id 
_struct_asym.pdbx_blank_PDB_chainid_flag 
_struct_asym.pdbx_modified 
_struct_asym.entity_id 
_struct_asym.details 
A N N 1 ? 
B N N 1 ? 
C N N 2 ? 
D N N 2 ? 
# 
_struct_ref.id                         1 
_struct_ref.db_name                    UNP 
_struct_ref.db_code                    Q97F93_CLOAB 
_struct_ref.pdbx_db_accession          Q97F93 
_struct_ref.entity_id                  1 
_struct_ref.pdbx_seq_one_letter_code   EIVKTKRFAIKPMSEEEAVLEMELLGHNFFVFQNGDSNEVNVVYKRKDGNYGLIEPE 
_struct_ref.pdbx_align_begin           117 
_struct_ref.pdbx_db_isoform            ? 
# 
loop_
_struct_ref_seq.align_id 
_struct_ref_seq.ref_id 
_struct_ref_seq.pdbx_PDB_id_code 
_struct_ref_seq.pdbx_strand_id 
_struct_ref_seq.seq_align_beg 
_struct_ref_seq.pdbx_seq_align_beg_ins_code 
_struct_ref_seq.seq_align_end 
_struct_ref_seq.pdbx_seq_align_end_ins_code 
_struct_ref_seq.pdbx_db_accession 
_struct_ref_seq.db_align_beg 
_struct_ref_seq.pdbx_db_align_beg_ins_code 
_struct_ref_seq.db_align_end 
_struct_ref_seq.pdbx_db_align_end_ins_code 
_struct_ref_seq.pdbx_auth_seq_align_beg 
_struct_ref_seq.pdbx_auth_seq_align_end 
1 1 3KA5 A 1 ? 57 ? Q97F93 117 ? 173 ? 1 57 
2 1 3KA5 B 1 ? 57 ? Q97F93 117 ? 173 ? 1 57 
# 
loop_
_struct_ref_seq_dif.align_id 
_struct_ref_seq_dif.pdbx_pdb_id_code 
_struct_ref_seq_dif.mon_id 
_struct_ref_seq_dif.pdbx_pdb_strand_id 
_struct_ref_seq_dif.seq_num 
_struct_ref_seq_dif.pdbx_pdb_ins_code 
_struct_ref_seq_dif.pdbx_seq_db_name 
_struct_ref_seq_dif.pdbx_seq_db_accession_code 
_struct_ref_seq_dif.db_mon_id 
_struct_ref_seq_dif.pdbx_seq_db_seq_num 
_struct_ref_seq_dif.details 
_struct_ref_seq_dif.pdbx_auth_seq_num 
_struct_ref_seq_dif.pdbx_ordinal 
1 3KA5 LEU A 58 ? UNP Q97F93 ? ? 'expression tag' 58 1  
1 3KA5 GLU A 59 ? UNP Q97F93 ? ? 'expression tag' 59 2  
1 3KA5 HIS A 60 ? UNP Q97F93 ? ? 'expression tag' 60 3  
1 3KA5 HIS A 61 ? UNP Q97F93 ? ? 'expression tag' 61 4  
1 3KA5 HIS A 62 ? UNP Q97F93 ? ? 'expression tag' 62 5  
1 3KA5 HIS A 63 ? UNP Q97F93 ? ? 'expression tag' 63 6  
1 3KA5 HIS A 64 ? UNP Q97F93 ? ? 'expression tag' 64 7  
1 3KA5 HIS A 65 ? UNP Q97F93 ? ? 'expression tag' 65 8  
2 3KA5 LEU B 58 ? UNP Q97F93 ? ? 'expression tag' 58 9  
2 3KA5 GLU B 59 ? UNP Q97F93 ? ? 'expression tag' 59 10 
2 3KA5 HIS B 60 ? UNP Q97F93 ? ? 'expression tag' 60 11 
2 3KA5 HIS B 61 ? UNP Q97F93 ? ? 'expression tag' 61 12 
2 3KA5 HIS B 62 ? UNP Q97F93 ? ? 'expression tag' 62 13 
2 3KA5 HIS B 63 ? UNP Q97F93 ? ? 'expression tag' 63 14 
2 3KA5 HIS B 64 ? UNP Q97F93 ? ? 'expression tag' 64 15 
2 3KA5 HIS B 65 ? UNP Q97F93 ? ? 'expression tag' 65 16 
# 
_pdbx_struct_assembly.id                   1 
_pdbx_struct_assembly.details              author_and_software_defined_assembly 
_pdbx_struct_assembly.method_details       PISA 
_pdbx_struct_assembly.oligomeric_details   dimeric 
_pdbx_struct_assembly.oligomeric_count     2 
# 
loop_
_pdbx_struct_assembly_prop.biol_id 
_pdbx_struct_assembly_prop.type 
_pdbx_struct_assembly_prop.value 
_pdbx_struct_assembly_prop.details 
1 'ABSA (A^2)' 2410 ? 
1 MORE         -15  ? 
1 'SSA (A^2)'  7270 ? 
# 
_pdbx_struct_assembly_gen.assembly_id       1 
_pdbx_struct_assembly_gen.oper_expression   1 
_pdbx_struct_assembly_gen.asym_id_list      A,B,C,D 
# 
_pdbx_struct_oper_list.id                   1 
_pdbx_struct_oper_list.type                 'identity operation' 
_pdbx_struct_oper_list.name                 1_555 
_pdbx_struct_oper_list.symmetry_operation   x,y,z 
_pdbx_struct_oper_list.matrix[1][1]         1.0000000000 
_pdbx_struct_oper_list.matrix[1][2]         0.0000000000 
_pdbx_struct_oper_list.matrix[1][3]         0.0000000000 
_pdbx_struct_oper_list.vector[1]            0.0000000000 
_pdbx_struct_oper_list.matrix[2][1]         0.0000000000 
_pdbx_struct_oper_list.matrix[2][2]         1.0000000000 
_pdbx_struct_oper_list.matrix[2][3]         0.0000000000 
_pdbx_struct_oper_list.vector[2]            0.0000000000 
_pdbx_struct_oper_list.matrix[3][1]         0.0000000000 
_pdbx_struct_oper_list.matrix[3][2]         0.0000000000 
_pdbx_struct_oper_list.matrix[3][3]         1.0000000000 
_pdbx_struct_oper_list.vector[3]            0.0000000000 
# 
_struct_biol.id        1 
_struct_biol.details   ? 
# 
loop_
_struct_conf.conf_type_id 
_struct_conf.id 
_struct_conf.pdbx_PDB_helix_id 
_struct_conf.beg_label_comp_id 
_struct_conf.beg_label_asym_id 
_struct_conf.beg_label_seq_id 
_struct_conf.pdbx_beg_PDB_ins_code 
_struct_conf.end_label_comp_id 
_struct_conf.end_label_asym_id 
_struct_conf.end_label_seq_id 
_struct_conf.pdbx_end_PDB_ins_code 
_struct_conf.beg_auth_comp_id 
_struct_conf.beg_auth_asym_id 
_struct_conf.beg_auth_seq_id 
_struct_conf.end_auth_comp_id 
_struct_conf.end_auth_asym_id 
_struct_conf.end_auth_seq_id 
_struct_conf.pdbx_PDB_helix_class 
_struct_conf.details 
_struct_conf.pdbx_PDB_helix_length 
HELX_P HELX_P1 1 SER A 14 ? GLY A 26 ? SER A 14 GLY A 26 1 ? 13 
HELX_P HELX_P2 2 SER B 14 ? GLY B 26 ? SER B 14 GLY B 26 1 ? 13 
# 
_struct_conf_type.id          HELX_P 
_struct_conf_type.criteria    ? 
_struct_conf_type.reference   ? 
# 
loop_
_struct_conn.id 
_struct_conn.conn_type_id 
_struct_conn.pdbx_leaving_atom_flag 
_struct_conn.pdbx_PDB_id 
_struct_conn.ptnr1_label_asym_id 
_struct_conn.ptnr1_label_comp_id 
_struct_conn.ptnr1_label_seq_id 
_struct_conn.ptnr1_label_atom_id 
_struct_conn.pdbx_ptnr1_label_alt_id 
_struct_conn.pdbx_ptnr1_PDB_ins_code 
_struct_conn.pdbx_ptnr1_standard_comp_id 
_struct_conn.ptnr1_symmetry 
_struct_conn.ptnr2_label_asym_id 
_struct_conn.ptnr2_label_comp_id 
_struct_conn.ptnr2_label_seq_id 
_struct_conn.ptnr2_label_atom_id 
_struct_conn.pdbx_ptnr2_label_alt_id 
_struct_conn.pdbx_ptnr2_PDB_ins_code 
_struct_conn.ptnr1_auth_asym_id 
_struct_conn.ptnr1_auth_comp_id 
_struct_conn.ptnr1_auth_seq_id 
_struct_conn.ptnr2_auth_asym_id 
_struct_conn.ptnr2_auth_comp_id 
_struct_conn.ptnr2_auth_seq_id 
_struct_conn.ptnr2_symmetry 
_struct_conn.pdbx_ptnr3_label_atom_id 
_struct_conn.pdbx_ptnr3_label_seq_id 
_struct_conn.pdbx_ptnr3_label_comp_id 
_struct_conn.pdbx_ptnr3_label_asym_id 
_struct_conn.pdbx_ptnr3_label_alt_id 
_struct_conn.pdbx_ptnr3_PDB_ins_code 
_struct_conn.details 
_struct_conn.pdbx_dist_value 
_struct_conn.pdbx_value_order 
_struct_conn.pdbx_role 
covale1 covale both ? A PRO 12 C ? ? ? 1_555 A MSE 13 N ? ? A PRO 12 A MSE 13 1_555 ? ? ? ? ? ? ? 1.326 ? ? 
covale2 covale both ? A MSE 13 C ? ? ? 1_555 A SER 14 N ? ? A MSE 13 A SER 14 1_555 ? ? ? ? ? ? ? 1.327 ? ? 
covale3 covale both ? A GLU 21 C ? ? ? 1_555 A MSE 22 N ? ? A GLU 21 A MSE 22 1_555 ? ? ? ? ? ? ? 1.329 ? ? 
covale4 covale both ? A MSE 22 C ? ? ? 1_555 A GLU 23 N ? ? A MSE 22 A GLU 23 1_555 ? ? ? ? ? ? ? 1.327 ? ? 
covale5 covale both ? B PRO 12 C ? ? ? 1_555 B MSE 13 N ? ? B PRO 12 B MSE 13 1_555 ? ? ? ? ? ? ? 1.330 ? ? 
covale6 covale both ? B MSE 13 C ? ? ? 1_555 B SER 14 N ? ? B MSE 13 B SER 14 1_555 ? ? ? ? ? ? ? 1.329 ? ? 
covale7 covale both ? B GLU 21 C ? ? ? 1_555 B MSE 22 N ? ? B GLU 21 B MSE 22 1_555 ? ? ? ? ? ? ? 1.328 ? ? 
covale8 covale both ? B MSE 22 C ? ? ? 1_555 B GLU 23 N ? ? B MSE 22 B GLU 23 1_555 ? ? ? ? ? ? ? 1.329 ? ? 
# 
_struct_conn_type.id          covale 
_struct_conn_type.criteria    ? 
_struct_conn_type.reference   ? 
# 
loop_
_pdbx_modification_feature.ordinal 
_pdbx_modification_feature.label_comp_id 
_pdbx_modification_feature.label_asym_id 
_pdbx_modification_feature.label_seq_id 
_pdbx_modification_feature.label_alt_id 
_pdbx_modification_feature.modified_residue_label_comp_id 
_pdbx_modification_feature.modified_residue_label_asym_id 
_pdbx_modification_feature.modified_residue_label_seq_id 
_pdbx_modification_feature.modified_residue_label_alt_id 
_pdbx_modification_feature.auth_comp_id 
_pdbx_modification_feature.auth_asym_id 
_pdbx_modification_feature.auth_seq_id 
_pdbx_modification_feature.PDB_ins_code 
_pdbx_modification_feature.symmetry 
_pdbx_modification_feature.modified_residue_auth_comp_id 
_pdbx_modification_feature.modified_residue_auth_asym_id 
_pdbx_modification_feature.modified_residue_auth_seq_id 
_pdbx_modification_feature.modified_residue_PDB_ins_code 
_pdbx_modification_feature.modified_residue_symmetry 
_pdbx_modification_feature.comp_id_linking_atom 
_pdbx_modification_feature.modified_residue_id_linking_atom 
_pdbx_modification_feature.modified_residue_id 
_pdbx_modification_feature.ref_pcm_id 
_pdbx_modification_feature.ref_comp_id 
_pdbx_modification_feature.type 
_pdbx_modification_feature.category 
1 MSE A 13 ? . . . . MSE A 13 ? 1_555 . . . . . . . MET 1 MSE Selenomethionine 'Named protein modification' 
2 MSE A 22 ? . . . . MSE A 22 ? 1_555 . . . . . . . MET 1 MSE Selenomethionine 'Named protein modification' 
3 MSE B 13 ? . . . . MSE B 13 ? 1_555 . . . . . . . MET 1 MSE Selenomethionine 'Named protein modification' 
4 MSE B 22 ? . . . . MSE B 22 ? 1_555 . . . . . . . MET 1 MSE Selenomethionine 'Named protein modification' 
# 
loop_
_struct_sheet.id 
_struct_sheet.type 
_struct_sheet.number_strands 
_struct_sheet.details 
A ? 4 ? 
B ? 4 ? 
# 
loop_
_struct_sheet_order.sheet_id 
_struct_sheet_order.range_id_1 
_struct_sheet_order.range_id_2 
_struct_sheet_order.offset 
_struct_sheet_order.sense 
A 1 2 ? parallel      
A 2 3 ? anti-parallel 
A 3 4 ? anti-parallel 
B 1 2 ? anti-parallel 
B 2 3 ? anti-parallel 
B 3 4 ? parallel      
# 
loop_
_struct_sheet_range.sheet_id 
_struct_sheet_range.id 
_struct_sheet_range.beg_label_comp_id 
_struct_sheet_range.beg_label_asym_id 
_struct_sheet_range.beg_label_seq_id 
_struct_sheet_range.pdbx_beg_PDB_ins_code 
_struct_sheet_range.end_label_comp_id 
_struct_sheet_range.end_label_asym_id 
_struct_sheet_range.end_label_seq_id 
_struct_sheet_range.pdbx_end_PDB_ins_code 
_struct_sheet_range.beg_auth_comp_id 
_struct_sheet_range.beg_auth_asym_id 
_struct_sheet_range.beg_auth_seq_id 
_struct_sheet_range.end_auth_comp_id 
_struct_sheet_range.end_auth_asym_id 
_struct_sheet_range.end_auth_seq_id 
A 1 ILE A 2  ? LYS A 6  ? ILE A 2  LYS A 6  
A 2 TYR B 51 ? GLU B 55 ? TYR B 51 GLU B 55 
A 3 GLU B 39 ? LYS B 45 ? GLU B 39 LYS B 45 
A 4 PHE B 29 ? ASN B 34 ? PHE B 29 ASN B 34 
B 1 PHE A 29 ? ASN A 34 ? PHE A 29 ASN A 34 
B 2 GLU A 39 ? LYS A 45 ? GLU A 39 LYS A 45 
B 3 TYR A 51 ? GLU A 55 ? TYR A 51 GLU A 55 
B 4 ILE B 2  ? LYS B 6  ? ILE B 2  LYS B 6  
# 
loop_
_pdbx_struct_sheet_hbond.sheet_id 
_pdbx_struct_sheet_hbond.range_id_1 
_pdbx_struct_sheet_hbond.range_id_2 
_pdbx_struct_sheet_hbond.range_1_label_atom_id 
_pdbx_struct_sheet_hbond.range_1_label_comp_id 
_pdbx_struct_sheet_hbond.range_1_label_asym_id 
_pdbx_struct_sheet_hbond.range_1_label_seq_id 
_pdbx_struct_sheet_hbond.range_1_PDB_ins_code 
_pdbx_struct_sheet_hbond.range_1_auth_atom_id 
_pdbx_struct_sheet_hbond.range_1_auth_comp_id 
_pdbx_struct_sheet_hbond.range_1_auth_asym_id 
_pdbx_struct_sheet_hbond.range_1_auth_seq_id 
_pdbx_struct_sheet_hbond.range_2_label_atom_id 
_pdbx_struct_sheet_hbond.range_2_label_comp_id 
_pdbx_struct_sheet_hbond.range_2_label_asym_id 
_pdbx_struct_sheet_hbond.range_2_label_seq_id 
_pdbx_struct_sheet_hbond.range_2_PDB_ins_code 
_pdbx_struct_sheet_hbond.range_2_auth_atom_id 
_pdbx_struct_sheet_hbond.range_2_auth_comp_id 
_pdbx_struct_sheet_hbond.range_2_auth_asym_id 
_pdbx_struct_sheet_hbond.range_2_auth_seq_id 
A 1 2 N VAL A 3  ? N VAL A 3  O TYR B 51 ? O TYR B 51 
A 2 3 O ILE B 54 ? O ILE B 54 N VAL B 42 ? N VAL B 42 
A 3 4 O GLU B 39 ? O GLU B 39 N ASN B 34 ? N ASN B 34 
B 1 2 N PHE A 32 ? N PHE A 32 O ASN A 41 ? O ASN A 41 
B 2 3 N TYR A 44 ? N TYR A 44 O GLY A 52 ? O GLY A 52 
B 3 4 N TYR A 51 ? N TYR A 51 O VAL B 3  ? O VAL B 3  
# 
_pdbx_entry_details.entry_id                   3KA5 
_pdbx_entry_details.compound_details           ? 
_pdbx_entry_details.source_details             ? 
_pdbx_entry_details.nonpolymer_details         ? 
_pdbx_entry_details.sequence_details           ? 
_pdbx_entry_details.has_ligand_of_interest     ? 
_pdbx_entry_details.has_protein_modification   Y 
# 
loop_
_pdbx_validate_torsion.id 
_pdbx_validate_torsion.PDB_model_num 
_pdbx_validate_torsion.auth_comp_id 
_pdbx_validate_torsion.auth_asym_id 
_pdbx_validate_torsion.auth_seq_id 
_pdbx_validate_torsion.PDB_ins_code 
_pdbx_validate_torsion.label_alt_id 
_pdbx_validate_torsion.phi 
_pdbx_validate_torsion.psi 
1 1 LYS A 47 ? ? -67.15  17.40 
2 1 LYS B 47 ? ? -62.44  80.25 
3 1 ASP B 48 ? ? -171.12 -9.55 
# 
_pdbx_SG_project.id                    1 
_pdbx_SG_project.project_name          'PSI, Protein Structure Initiative' 
_pdbx_SG_project.full_name_of_center   'Northeast Structural Genomics Consortium' 
_pdbx_SG_project.initial_of_center     NESG 
# 
loop_
_pdbx_struct_mod_residue.id 
_pdbx_struct_mod_residue.label_asym_id 
_pdbx_struct_mod_residue.label_comp_id 
_pdbx_struct_mod_residue.label_seq_id 
_pdbx_struct_mod_residue.auth_asym_id 
_pdbx_struct_mod_residue.auth_comp_id 
_pdbx_struct_mod_residue.auth_seq_id 
_pdbx_struct_mod_residue.PDB_ins_code 
_pdbx_struct_mod_residue.parent_comp_id 
_pdbx_struct_mod_residue.details 
1 A MSE 13 A MSE 13 ? MET SELENOMETHIONINE 
2 A MSE 22 A MSE 22 ? MET SELENOMETHIONINE 
3 B MSE 13 B MSE 13 ? MET SELENOMETHIONINE 
4 B MSE 22 B MSE 22 ? MET SELENOMETHIONINE 
# 
loop_
_pdbx_unobs_or_zero_occ_residues.id 
_pdbx_unobs_or_zero_occ_residues.PDB_model_num 
_pdbx_unobs_or_zero_occ_residues.polymer_flag 
_pdbx_unobs_or_zero_occ_residues.occupancy_flag 
_pdbx_unobs_or_zero_occ_residues.auth_asym_id 
_pdbx_unobs_or_zero_occ_residues.auth_comp_id 
_pdbx_unobs_or_zero_occ_residues.auth_seq_id 
_pdbx_unobs_or_zero_occ_residues.PDB_ins_code 
_pdbx_unobs_or_zero_occ_residues.label_asym_id 
_pdbx_unobs_or_zero_occ_residues.label_comp_id 
_pdbx_unobs_or_zero_occ_residues.label_seq_id 
1  1 Y 1 A LEU 58 ? A LEU 58 
2  1 Y 1 A GLU 59 ? A GLU 59 
3  1 Y 1 A HIS 60 ? A HIS 60 
4  1 Y 1 A HIS 61 ? A HIS 61 
5  1 Y 1 A HIS 62 ? A HIS 62 
6  1 Y 1 A HIS 63 ? A HIS 63 
7  1 Y 1 A HIS 64 ? A HIS 64 
8  1 Y 1 A HIS 65 ? A HIS 65 
9  1 Y 1 B HIS 60 ? B HIS 60 
10 1 Y 1 B HIS 61 ? B HIS 61 
11 1 Y 1 B HIS 62 ? B HIS 62 
12 1 Y 1 B HIS 63 ? B HIS 63 
13 1 Y 1 B HIS 64 ? B HIS 64 
14 1 Y 1 B HIS 65 ? B HIS 65 
# 
loop_
_chem_comp_atom.comp_id 
_chem_comp_atom.atom_id 
_chem_comp_atom.type_symbol 
_chem_comp_atom.pdbx_aromatic_flag 
_chem_comp_atom.pdbx_stereo_config 
_chem_comp_atom.pdbx_ordinal 
ALA N    N  N N 1   
ALA CA   C  N S 2   
ALA C    C  N N 3   
ALA O    O  N N 4   
ALA CB   C  N N 5   
ALA OXT  O  N N 6   
ALA H    H  N N 7   
ALA H2   H  N N 8   
ALA HA   H  N N 9   
ALA HB1  H  N N 10  
ALA HB2  H  N N 11  
ALA HB3  H  N N 12  
ALA HXT  H  N N 13  
ARG N    N  N N 14  
ARG CA   C  N S 15  
ARG C    C  N N 16  
ARG O    O  N N 17  
ARG CB   C  N N 18  
ARG CG   C  N N 19  
ARG CD   C  N N 20  
ARG NE   N  N N 21  
ARG CZ   C  N N 22  
ARG NH1  N  N N 23  
ARG NH2  N  N N 24  
ARG OXT  O  N N 25  
ARG H    H  N N 26  
ARG H2   H  N N 27  
ARG HA   H  N N 28  
ARG HB2  H  N N 29  
ARG HB3  H  N N 30  
ARG HG2  H  N N 31  
ARG HG3  H  N N 32  
ARG HD2  H  N N 33  
ARG HD3  H  N N 34  
ARG HE   H  N N 35  
ARG HH11 H  N N 36  
ARG HH12 H  N N 37  
ARG HH21 H  N N 38  
ARG HH22 H  N N 39  
ARG HXT  H  N N 40  
ASN N    N  N N 41  
ASN CA   C  N S 42  
ASN C    C  N N 43  
ASN O    O  N N 44  
ASN CB   C  N N 45  
ASN CG   C  N N 46  
ASN OD1  O  N N 47  
ASN ND2  N  N N 48  
ASN OXT  O  N N 49  
ASN H    H  N N 50  
ASN H2   H  N N 51  
ASN HA   H  N N 52  
ASN HB2  H  N N 53  
ASN HB3  H  N N 54  
ASN HD21 H  N N 55  
ASN HD22 H  N N 56  
ASN HXT  H  N N 57  
ASP N    N  N N 58  
ASP CA   C  N S 59  
ASP C    C  N N 60  
ASP O    O  N N 61  
ASP CB   C  N N 62  
ASP CG   C  N N 63  
ASP OD1  O  N N 64  
ASP OD2  O  N N 65  
ASP OXT  O  N N 66  
ASP H    H  N N 67  
ASP H2   H  N N 68  
ASP HA   H  N N 69  
ASP HB2  H  N N 70  
ASP HB3  H  N N 71  
ASP HD2  H  N N 72  
ASP HXT  H  N N 73  
GLN N    N  N N 74  
GLN CA   C  N S 75  
GLN C    C  N N 76  
GLN O    O  N N 77  
GLN CB   C  N N 78  
GLN CG   C  N N 79  
GLN CD   C  N N 80  
GLN OE1  O  N N 81  
GLN NE2  N  N N 82  
GLN OXT  O  N N 83  
GLN H    H  N N 84  
GLN H2   H  N N 85  
GLN HA   H  N N 86  
GLN HB2  H  N N 87  
GLN HB3  H  N N 88  
GLN HG2  H  N N 89  
GLN HG3  H  N N 90  
GLN HE21 H  N N 91  
GLN HE22 H  N N 92  
GLN HXT  H  N N 93  
GLU N    N  N N 94  
GLU CA   C  N S 95  
GLU C    C  N N 96  
GLU O    O  N N 97  
GLU CB   C  N N 98  
GLU CG   C  N N 99  
GLU CD   C  N N 100 
GLU OE1  O  N N 101 
GLU OE2  O  N N 102 
GLU OXT  O  N N 103 
GLU H    H  N N 104 
GLU H2   H  N N 105 
GLU HA   H  N N 106 
GLU HB2  H  N N 107 
GLU HB3  H  N N 108 
GLU HG2  H  N N 109 
GLU HG3  H  N N 110 
GLU HE2  H  N N 111 
GLU HXT  H  N N 112 
GLY N    N  N N 113 
GLY CA   C  N N 114 
GLY C    C  N N 115 
GLY O    O  N N 116 
GLY OXT  O  N N 117 
GLY H    H  N N 118 
GLY H2   H  N N 119 
GLY HA2  H  N N 120 
GLY HA3  H  N N 121 
GLY HXT  H  N N 122 
HIS N    N  N N 123 
HIS CA   C  N S 124 
HIS C    C  N N 125 
HIS O    O  N N 126 
HIS CB   C  N N 127 
HIS CG   C  Y N 128 
HIS ND1  N  Y N 129 
HIS CD2  C  Y N 130 
HIS CE1  C  Y N 131 
HIS NE2  N  Y N 132 
HIS OXT  O  N N 133 
HIS H    H  N N 134 
HIS H2   H  N N 135 
HIS HA   H  N N 136 
HIS HB2  H  N N 137 
HIS HB3  H  N N 138 
HIS HD1  H  N N 139 
HIS HD2  H  N N 140 
HIS HE1  H  N N 141 
HIS HE2  H  N N 142 
HIS HXT  H  N N 143 
HOH O    O  N N 144 
HOH H1   H  N N 145 
HOH H2   H  N N 146 
ILE N    N  N N 147 
ILE CA   C  N S 148 
ILE C    C  N N 149 
ILE O    O  N N 150 
ILE CB   C  N S 151 
ILE CG1  C  N N 152 
ILE CG2  C  N N 153 
ILE CD1  C  N N 154 
ILE OXT  O  N N 155 
ILE H    H  N N 156 
ILE H2   H  N N 157 
ILE HA   H  N N 158 
ILE HB   H  N N 159 
ILE HG12 H  N N 160 
ILE HG13 H  N N 161 
ILE HG21 H  N N 162 
ILE HG22 H  N N 163 
ILE HG23 H  N N 164 
ILE HD11 H  N N 165 
ILE HD12 H  N N 166 
ILE HD13 H  N N 167 
ILE HXT  H  N N 168 
LEU N    N  N N 169 
LEU CA   C  N S 170 
LEU C    C  N N 171 
LEU O    O  N N 172 
LEU CB   C  N N 173 
LEU CG   C  N N 174 
LEU CD1  C  N N 175 
LEU CD2  C  N N 176 
LEU OXT  O  N N 177 
LEU H    H  N N 178 
LEU H2   H  N N 179 
LEU HA   H  N N 180 
LEU HB2  H  N N 181 
LEU HB3  H  N N 182 
LEU HG   H  N N 183 
LEU HD11 H  N N 184 
LEU HD12 H  N N 185 
LEU HD13 H  N N 186 
LEU HD21 H  N N 187 
LEU HD22 H  N N 188 
LEU HD23 H  N N 189 
LEU HXT  H  N N 190 
LYS N    N  N N 191 
LYS CA   C  N S 192 
LYS C    C  N N 193 
LYS O    O  N N 194 
LYS CB   C  N N 195 
LYS CG   C  N N 196 
LYS CD   C  N N 197 
LYS CE   C  N N 198 
LYS NZ   N  N N 199 
LYS OXT  O  N N 200 
LYS H    H  N N 201 
LYS H2   H  N N 202 
LYS HA   H  N N 203 
LYS HB2  H  N N 204 
LYS HB3  H  N N 205 
LYS HG2  H  N N 206 
LYS HG3  H  N N 207 
LYS HD2  H  N N 208 
LYS HD3  H  N N 209 
LYS HE2  H  N N 210 
LYS HE3  H  N N 211 
LYS HZ1  H  N N 212 
LYS HZ2  H  N N 213 
LYS HZ3  H  N N 214 
LYS HXT  H  N N 215 
MSE N    N  N N 216 
MSE CA   C  N S 217 
MSE C    C  N N 218 
MSE O    O  N N 219 
MSE OXT  O  N N 220 
MSE CB   C  N N 221 
MSE CG   C  N N 222 
MSE SE   SE N N 223 
MSE CE   C  N N 224 
MSE H    H  N N 225 
MSE H2   H  N N 226 
MSE HA   H  N N 227 
MSE HXT  H  N N 228 
MSE HB2  H  N N 229 
MSE HB3  H  N N 230 
MSE HG2  H  N N 231 
MSE HG3  H  N N 232 
MSE HE1  H  N N 233 
MSE HE2  H  N N 234 
MSE HE3  H  N N 235 
PHE N    N  N N 236 
PHE CA   C  N S 237 
PHE C    C  N N 238 
PHE O    O  N N 239 
PHE CB   C  N N 240 
PHE CG   C  Y N 241 
PHE CD1  C  Y N 242 
PHE CD2  C  Y N 243 
PHE CE1  C  Y N 244 
PHE CE2  C  Y N 245 
PHE CZ   C  Y N 246 
PHE OXT  O  N N 247 
PHE H    H  N N 248 
PHE H2   H  N N 249 
PHE HA   H  N N 250 
PHE HB2  H  N N 251 
PHE HB3  H  N N 252 
PHE HD1  H  N N 253 
PHE HD2  H  N N 254 
PHE HE1  H  N N 255 
PHE HE2  H  N N 256 
PHE HZ   H  N N 257 
PHE HXT  H  N N 258 
PRO N    N  N N 259 
PRO CA   C  N S 260 
PRO C    C  N N 261 
PRO O    O  N N 262 
PRO CB   C  N N 263 
PRO CG   C  N N 264 
PRO CD   C  N N 265 
PRO OXT  O  N N 266 
PRO H    H  N N 267 
PRO HA   H  N N 268 
PRO HB2  H  N N 269 
PRO HB3  H  N N 270 
PRO HG2  H  N N 271 
PRO HG3  H  N N 272 
PRO HD2  H  N N 273 
PRO HD3  H  N N 274 
PRO HXT  H  N N 275 
SER N    N  N N 276 
SER CA   C  N S 277 
SER C    C  N N 278 
SER O    O  N N 279 
SER CB   C  N N 280 
SER OG   O  N N 281 
SER OXT  O  N N 282 
SER H    H  N N 283 
SER H2   H  N N 284 
SER HA   H  N N 285 
SER HB2  H  N N 286 
SER HB3  H  N N 287 
SER HG   H  N N 288 
SER HXT  H  N N 289 
THR N    N  N N 290 
THR CA   C  N S 291 
THR C    C  N N 292 
THR O    O  N N 293 
THR CB   C  N R 294 
THR OG1  O  N N 295 
THR CG2  C  N N 296 
THR OXT  O  N N 297 
THR H    H  N N 298 
THR H2   H  N N 299 
THR HA   H  N N 300 
THR HB   H  N N 301 
THR HG1  H  N N 302 
THR HG21 H  N N 303 
THR HG22 H  N N 304 
THR HG23 H  N N 305 
THR HXT  H  N N 306 
TYR N    N  N N 307 
TYR CA   C  N S 308 
TYR C    C  N N 309 
TYR O    O  N N 310 
TYR CB   C  N N 311 
TYR CG   C  Y N 312 
TYR CD1  C  Y N 313 
TYR CD2  C  Y N 314 
TYR CE1  C  Y N 315 
TYR CE2  C  Y N 316 
TYR CZ   C  Y N 317 
TYR OH   O  N N 318 
TYR OXT  O  N N 319 
TYR H    H  N N 320 
TYR H2   H  N N 321 
TYR HA   H  N N 322 
TYR HB2  H  N N 323 
TYR HB3  H  N N 324 
TYR HD1  H  N N 325 
TYR HD2  H  N N 326 
TYR HE1  H  N N 327 
TYR HE2  H  N N 328 
TYR HH   H  N N 329 
TYR HXT  H  N N 330 
VAL N    N  N N 331 
VAL CA   C  N S 332 
VAL C    C  N N 333 
VAL O    O  N N 334 
VAL CB   C  N N 335 
VAL CG1  C  N N 336 
VAL CG2  C  N N 337 
VAL OXT  O  N N 338 
VAL H    H  N N 339 
VAL H2   H  N N 340 
VAL HA   H  N N 341 
VAL HB   H  N N 342 
VAL HG11 H  N N 343 
VAL HG12 H  N N 344 
VAL HG13 H  N N 345 
VAL HG21 H  N N 346 
VAL HG22 H  N N 347 
VAL HG23 H  N N 348 
VAL HXT  H  N N 349 
# 
loop_
_chem_comp_bond.comp_id 
_chem_comp_bond.atom_id_1 
_chem_comp_bond.atom_id_2 
_chem_comp_bond.value_order 
_chem_comp_bond.pdbx_aromatic_flag 
_chem_comp_bond.pdbx_stereo_config 
_chem_comp_bond.pdbx_ordinal 
ALA N   CA   sing N N 1   
ALA N   H    sing N N 2   
ALA N   H2   sing N N 3   
ALA CA  C    sing N N 4   
ALA CA  CB   sing N N 5   
ALA CA  HA   sing N N 6   
ALA C   O    doub N N 7   
ALA C   OXT  sing N N 8   
ALA CB  HB1  sing N N 9   
ALA CB  HB2  sing N N 10  
ALA CB  HB3  sing N N 11  
ALA OXT HXT  sing N N 12  
ARG N   CA   sing N N 13  
ARG N   H    sing N N 14  
ARG N   H2   sing N N 15  
ARG CA  C    sing N N 16  
ARG CA  CB   sing N N 17  
ARG CA  HA   sing N N 18  
ARG C   O    doub N N 19  
ARG C   OXT  sing N N 20  
ARG CB  CG   sing N N 21  
ARG CB  HB2  sing N N 22  
ARG CB  HB3  sing N N 23  
ARG CG  CD   sing N N 24  
ARG CG  HG2  sing N N 25  
ARG CG  HG3  sing N N 26  
ARG CD  NE   sing N N 27  
ARG CD  HD2  sing N N 28  
ARG CD  HD3  sing N N 29  
ARG NE  CZ   sing N N 30  
ARG NE  HE   sing N N 31  
ARG CZ  NH1  sing N N 32  
ARG CZ  NH2  doub N N 33  
ARG NH1 HH11 sing N N 34  
ARG NH1 HH12 sing N N 35  
ARG NH2 HH21 sing N N 36  
ARG NH2 HH22 sing N N 37  
ARG OXT HXT  sing N N 38  
ASN N   CA   sing N N 39  
ASN N   H    sing N N 40  
ASN N   H2   sing N N 41  
ASN CA  C    sing N N 42  
ASN CA  CB   sing N N 43  
ASN CA  HA   sing N N 44  
ASN C   O    doub N N 45  
ASN C   OXT  sing N N 46  
ASN CB  CG   sing N N 47  
ASN CB  HB2  sing N N 48  
ASN CB  HB3  sing N N 49  
ASN CG  OD1  doub N N 50  
ASN CG  ND2  sing N N 51  
ASN ND2 HD21 sing N N 52  
ASN ND2 HD22 sing N N 53  
ASN OXT HXT  sing N N 54  
ASP N   CA   sing N N 55  
ASP N   H    sing N N 56  
ASP N   H2   sing N N 57  
ASP CA  C    sing N N 58  
ASP CA  CB   sing N N 59  
ASP CA  HA   sing N N 60  
ASP C   O    doub N N 61  
ASP C   OXT  sing N N 62  
ASP CB  CG   sing N N 63  
ASP CB  HB2  sing N N 64  
ASP CB  HB3  sing N N 65  
ASP CG  OD1  doub N N 66  
ASP CG  OD2  sing N N 67  
ASP OD2 HD2  sing N N 68  
ASP OXT HXT  sing N N 69  
GLN N   CA   sing N N 70  
GLN N   H    sing N N 71  
GLN N   H2   sing N N 72  
GLN CA  C    sing N N 73  
GLN CA  CB   sing N N 74  
GLN CA  HA   sing N N 75  
GLN C   O    doub N N 76  
GLN C   OXT  sing N N 77  
GLN CB  CG   sing N N 78  
GLN CB  HB2  sing N N 79  
GLN CB  HB3  sing N N 80  
GLN CG  CD   sing N N 81  
GLN CG  HG2  sing N N 82  
GLN CG  HG3  sing N N 83  
GLN CD  OE1  doub N N 84  
GLN CD  NE2  sing N N 85  
GLN NE2 HE21 sing N N 86  
GLN NE2 HE22 sing N N 87  
GLN OXT HXT  sing N N 88  
GLU N   CA   sing N N 89  
GLU N   H    sing N N 90  
GLU N   H2   sing N N 91  
GLU CA  C    sing N N 92  
GLU CA  CB   sing N N 93  
GLU CA  HA   sing N N 94  
GLU C   O    doub N N 95  
GLU C   OXT  sing N N 96  
GLU CB  CG   sing N N 97  
GLU CB  HB2  sing N N 98  
GLU CB  HB3  sing N N 99  
GLU CG  CD   sing N N 100 
GLU CG  HG2  sing N N 101 
GLU CG  HG3  sing N N 102 
GLU CD  OE1  doub N N 103 
GLU CD  OE2  sing N N 104 
GLU OE2 HE2  sing N N 105 
GLU OXT HXT  sing N N 106 
GLY N   CA   sing N N 107 
GLY N   H    sing N N 108 
GLY N   H2   sing N N 109 
GLY CA  C    sing N N 110 
GLY CA  HA2  sing N N 111 
GLY CA  HA3  sing N N 112 
GLY C   O    doub N N 113 
GLY C   OXT  sing N N 114 
GLY OXT HXT  sing N N 115 
HIS N   CA   sing N N 116 
HIS N   H    sing N N 117 
HIS N   H2   sing N N 118 
HIS CA  C    sing N N 119 
HIS CA  CB   sing N N 120 
HIS CA  HA   sing N N 121 
HIS C   O    doub N N 122 
HIS C   OXT  sing N N 123 
HIS CB  CG   sing N N 124 
HIS CB  HB2  sing N N 125 
HIS CB  HB3  sing N N 126 
HIS CG  ND1  sing Y N 127 
HIS CG  CD2  doub Y N 128 
HIS ND1 CE1  doub Y N 129 
HIS ND1 HD1  sing N N 130 
HIS CD2 NE2  sing Y N 131 
HIS CD2 HD2  sing N N 132 
HIS CE1 NE2  sing Y N 133 
HIS CE1 HE1  sing N N 134 
HIS NE2 HE2  sing N N 135 
HIS OXT HXT  sing N N 136 
HOH O   H1   sing N N 137 
HOH O   H2   sing N N 138 
ILE N   CA   sing N N 139 
ILE N   H    sing N N 140 
ILE N   H2   sing N N 141 
ILE CA  C    sing N N 142 
ILE CA  CB   sing N N 143 
ILE CA  HA   sing N N 144 
ILE C   O    doub N N 145 
ILE C   OXT  sing N N 146 
ILE CB  CG1  sing N N 147 
ILE CB  CG2  sing N N 148 
ILE CB  HB   sing N N 149 
ILE CG1 CD1  sing N N 150 
ILE CG1 HG12 sing N N 151 
ILE CG1 HG13 sing N N 152 
ILE CG2 HG21 sing N N 153 
ILE CG2 HG22 sing N N 154 
ILE CG2 HG23 sing N N 155 
ILE CD1 HD11 sing N N 156 
ILE CD1 HD12 sing N N 157 
ILE CD1 HD13 sing N N 158 
ILE OXT HXT  sing N N 159 
LEU N   CA   sing N N 160 
LEU N   H    sing N N 161 
LEU N   H2   sing N N 162 
LEU CA  C    sing N N 163 
LEU CA  CB   sing N N 164 
LEU CA  HA   sing N N 165 
LEU C   O    doub N N 166 
LEU C   OXT  sing N N 167 
LEU CB  CG   sing N N 168 
LEU CB  HB2  sing N N 169 
LEU CB  HB3  sing N N 170 
LEU CG  CD1  sing N N 171 
LEU CG  CD2  sing N N 172 
LEU CG  HG   sing N N 173 
LEU CD1 HD11 sing N N 174 
LEU CD1 HD12 sing N N 175 
LEU CD1 HD13 sing N N 176 
LEU CD2 HD21 sing N N 177 
LEU CD2 HD22 sing N N 178 
LEU CD2 HD23 sing N N 179 
LEU OXT HXT  sing N N 180 
LYS N   CA   sing N N 181 
LYS N   H    sing N N 182 
LYS N   H2   sing N N 183 
LYS CA  C    sing N N 184 
LYS CA  CB   sing N N 185 
LYS CA  HA   sing N N 186 
LYS C   O    doub N N 187 
LYS C   OXT  sing N N 188 
LYS CB  CG   sing N N 189 
LYS CB  HB2  sing N N 190 
LYS CB  HB3  sing N N 191 
LYS CG  CD   sing N N 192 
LYS CG  HG2  sing N N 193 
LYS CG  HG3  sing N N 194 
LYS CD  CE   sing N N 195 
LYS CD  HD2  sing N N 196 
LYS CD  HD3  sing N N 197 
LYS CE  NZ   sing N N 198 
LYS CE  HE2  sing N N 199 
LYS CE  HE3  sing N N 200 
LYS NZ  HZ1  sing N N 201 
LYS NZ  HZ2  sing N N 202 
LYS NZ  HZ3  sing N N 203 
LYS OXT HXT  sing N N 204 
MSE N   CA   sing N N 205 
MSE N   H    sing N N 206 
MSE N   H2   sing N N 207 
MSE CA  C    sing N N 208 
MSE CA  CB   sing N N 209 
MSE CA  HA   sing N N 210 
MSE C   O    doub N N 211 
MSE C   OXT  sing N N 212 
MSE OXT HXT  sing N N 213 
MSE CB  CG   sing N N 214 
MSE CB  HB2  sing N N 215 
MSE CB  HB3  sing N N 216 
MSE CG  SE   sing N N 217 
MSE CG  HG2  sing N N 218 
MSE CG  HG3  sing N N 219 
MSE SE  CE   sing N N 220 
MSE CE  HE1  sing N N 221 
MSE CE  HE2  sing N N 222 
MSE CE  HE3  sing N N 223 
PHE N   CA   sing N N 224 
PHE N   H    sing N N 225 
PHE N   H2   sing N N 226 
PHE CA  C    sing N N 227 
PHE CA  CB   sing N N 228 
PHE CA  HA   sing N N 229 
PHE C   O    doub N N 230 
PHE C   OXT  sing N N 231 
PHE CB  CG   sing N N 232 
PHE CB  HB2  sing N N 233 
PHE CB  HB3  sing N N 234 
PHE CG  CD1  doub Y N 235 
PHE CG  CD2  sing Y N 236 
PHE CD1 CE1  sing Y N 237 
PHE CD1 HD1  sing N N 238 
PHE CD2 CE2  doub Y N 239 
PHE CD2 HD2  sing N N 240 
PHE CE1 CZ   doub Y N 241 
PHE CE1 HE1  sing N N 242 
PHE CE2 CZ   sing Y N 243 
PHE CE2 HE2  sing N N 244 
PHE CZ  HZ   sing N N 245 
PHE OXT HXT  sing N N 246 
PRO N   CA   sing N N 247 
PRO N   CD   sing N N 248 
PRO N   H    sing N N 249 
PRO CA  C    sing N N 250 
PRO CA  CB   sing N N 251 
PRO CA  HA   sing N N 252 
PRO C   O    doub N N 253 
PRO C   OXT  sing N N 254 
PRO CB  CG   sing N N 255 
PRO CB  HB2  sing N N 256 
PRO CB  HB3  sing N N 257 
PRO CG  CD   sing N N 258 
PRO CG  HG2  sing N N 259 
PRO CG  HG3  sing N N 260 
PRO CD  HD2  sing N N 261 
PRO CD  HD3  sing N N 262 
PRO OXT HXT  sing N N 263 
SER N   CA   sing N N 264 
SER N   H    sing N N 265 
SER N   H2   sing N N 266 
SER CA  C    sing N N 267 
SER CA  CB   sing N N 268 
SER CA  HA   sing N N 269 
SER C   O    doub N N 270 
SER C   OXT  sing N N 271 
SER CB  OG   sing N N 272 
SER CB  HB2  sing N N 273 
SER CB  HB3  sing N N 274 
SER OG  HG   sing N N 275 
SER OXT HXT  sing N N 276 
THR N   CA   sing N N 277 
THR N   H    sing N N 278 
THR N   H2   sing N N 279 
THR CA  C    sing N N 280 
THR CA  CB   sing N N 281 
THR CA  HA   sing N N 282 
THR C   O    doub N N 283 
THR C   OXT  sing N N 284 
THR CB  OG1  sing N N 285 
THR CB  CG2  sing N N 286 
THR CB  HB   sing N N 287 
THR OG1 HG1  sing N N 288 
THR CG2 HG21 sing N N 289 
THR CG2 HG22 sing N N 290 
THR CG2 HG23 sing N N 291 
THR OXT HXT  sing N N 292 
TYR N   CA   sing N N 293 
TYR N   H    sing N N 294 
TYR N   H2   sing N N 295 
TYR CA  C    sing N N 296 
TYR CA  CB   sing N N 297 
TYR CA  HA   sing N N 298 
TYR C   O    doub N N 299 
TYR C   OXT  sing N N 300 
TYR CB  CG   sing N N 301 
TYR CB  HB2  sing N N 302 
TYR CB  HB3  sing N N 303 
TYR CG  CD1  doub Y N 304 
TYR CG  CD2  sing Y N 305 
TYR CD1 CE1  sing Y N 306 
TYR CD1 HD1  sing N N 307 
TYR CD2 CE2  doub Y N 308 
TYR CD2 HD2  sing N N 309 
TYR CE1 CZ   doub Y N 310 
TYR CE1 HE1  sing N N 311 
TYR CE2 CZ   sing Y N 312 
TYR CE2 HE2  sing N N 313 
TYR CZ  OH   sing N N 314 
TYR OH  HH   sing N N 315 
TYR OXT HXT  sing N N 316 
VAL N   CA   sing N N 317 
VAL N   H    sing N N 318 
VAL N   H2   sing N N 319 
VAL CA  C    sing N N 320 
VAL CA  CB   sing N N 321 
VAL CA  HA   sing N N 322 
VAL C   O    doub N N 323 
VAL C   OXT  sing N N 324 
VAL CB  CG1  sing N N 325 
VAL CB  CG2  sing N N 326 
VAL CB  HB   sing N N 327 
VAL CG1 HG11 sing N N 328 
VAL CG1 HG12 sing N N 329 
VAL CG1 HG13 sing N N 330 
VAL CG2 HG21 sing N N 331 
VAL CG2 HG22 sing N N 332 
VAL CG2 HG23 sing N N 333 
VAL OXT HXT  sing N N 334 
# 
_atom_sites.entry_id                    3KA5 
_atom_sites.fract_transf_matrix[1][1]   -0.00221987 
_atom_sites.fract_transf_matrix[1][2]   -0.01534119 
_atom_sites.fract_transf_matrix[1][3]   0.01731107 
_atom_sites.fract_transf_matrix[2][1]   -0.01724179 
_atom_sites.fract_transf_matrix[2][2]   0.00228556 
_atom_sites.fract_transf_matrix[2][3]   0.01540957 
_atom_sites.fract_transf_matrix[3][1]   -0.00599829 
_atom_sites.fract_transf_matrix[3][2]   -0.00574398 
_atom_sites.fract_transf_matrix[3][3]   -0.00585954 
_atom_sites.fract_transf_vector[1]      0.441834 
_atom_sites.fract_transf_vector[2]      0.180945 
_atom_sites.fract_transf_vector[3]      0.165750 
# 
loop_
_atom_type.symbol 
C  
N  
O  
SE 
# 
loop_
_atom_site.group_PDB 
_atom_site.id 
_atom_site.type_symbol 
_atom_site.label_atom_id 
_atom_site.label_alt_id 
_atom_site.label_comp_id 
_atom_site.label_asym_id 
_atom_site.label_entity_id 
_atom_site.label_seq_id 
_atom_site.pdbx_PDB_ins_code 
_atom_site.Cartn_x 
_atom_site.Cartn_y 
_atom_site.Cartn_z 
_atom_site.occupancy 
_atom_site.B_iso_or_equiv 
_atom_site.pdbx_formal_charge 
_atom_site.auth_seq_id 
_atom_site.auth_comp_id 
_atom_site.auth_asym_id 
_atom_site.auth_atom_id 
_atom_site.pdbx_PDB_model_num 
ATOM   1    N  N   . GLU A 1 1  ? -15.643 -10.152 -4.799  1.00 31.20 ? 1   GLU A N   1 
ATOM   2    C  CA  . GLU A 1 1  ? -15.352 -8.919  -5.586  1.00 36.74 ? 1   GLU A CA  1 
ATOM   3    C  C   . GLU A 1 1  ? -14.234 -8.107  -4.940  1.00 26.56 ? 1   GLU A C   1 
ATOM   4    O  O   . GLU A 1 1  ? -13.791 -8.405  -3.828  1.00 27.75 ? 1   GLU A O   1 
ATOM   5    C  CB  . GLU A 1 1  ? -16.599 -8.044  -5.676  1.00 38.49 ? 1   GLU A CB  1 
ATOM   6    C  CG  . GLU A 1 1  ? -17.136 -7.643  -4.313  1.00 44.56 ? 1   GLU A CG  1 
ATOM   7    C  CD  . GLU A 1 1  ? -17.971 -6.380  -4.354  1.00 52.93 ? 1   GLU A CD  1 
ATOM   8    O  OE1 . GLU A 1 1  ? -18.496 -5.984  -3.291  1.00 50.30 ? 1   GLU A OE1 1 
ATOM   9    O  OE2 . GLU A 1 1  ? -18.098 -5.781  -5.445  1.00 55.79 ? 1   GLU A OE2 1 
ATOM   10   N  N   . ILE A 1 2  ? -13.791 -7.074  -5.646  1.00 20.19 ? 2   ILE A N   1 
ATOM   11   C  CA  . ILE A 1 2  ? -12.736 -6.200  -5.150  1.00 21.84 ? 2   ILE A CA  1 
ATOM   12   C  C   . ILE A 1 2  ? -13.371 -4.859  -4.811  1.00 22.91 ? 2   ILE A C   1 
ATOM   13   O  O   . ILE A 1 2  ? -13.839 -4.152  -5.699  1.00 29.31 ? 2   ILE A O   1 
ATOM   14   C  CB  . ILE A 1 2  ? -11.644 -5.988  -6.214  1.00 29.33 ? 2   ILE A CB  1 
ATOM   15   C  CG1 . ILE A 1 2  ? -11.100 -7.344  -6.669  1.00 28.05 ? 2   ILE A CG1 1 
ATOM   16   C  CG2 . ILE A 1 2  ? -10.518 -5.128  -5.643  1.00 32.28 ? 2   ILE A CG2 1 
ATOM   17   C  CD1 . ILE A 1 2  ? -10.104 -7.262  -7.810  1.00 38.26 ? 2   ILE A CD1 1 
ATOM   18   N  N   . VAL A 1 3  ? -13.386 -4.524  -3.524  1.00 21.72 ? 3   VAL A N   1 
ATOM   19   C  CA  . VAL A 1 3  ? -13.980 -3.278  -3.049  1.00 24.00 ? 3   VAL A CA  1 
ATOM   20   C  C   . VAL A 1 3  ? -13.008 -2.111  -3.154  1.00 24.51 ? 3   VAL A C   1 
ATOM   21   O  O   . VAL A 1 3  ? -11.975 -2.094  -2.486  1.00 24.04 ? 3   VAL A O   1 
ATOM   22   C  CB  . VAL A 1 3  ? -14.427 -3.409  -1.578  1.00 24.47 ? 3   VAL A CB  1 
ATOM   23   C  CG1 . VAL A 1 3  ? -15.172 -2.159  -1.149  1.00 27.36 ? 3   VAL A CG1 1 
ATOM   24   C  CG2 . VAL A 1 3  ? -15.305 -4.637  -1.408  1.00 31.12 ? 3   VAL A CG2 1 
ATOM   25   N  N   . LYS A 1 4  ? -13.359 -1.131  -3.983  1.00 21.80 ? 4   LYS A N   1 
ATOM   26   C  CA  . LYS A 1 4  ? -12.525 0.047   -4.202  1.00 23.33 ? 4   LYS A CA  1 
ATOM   27   C  C   . LYS A 1 4  ? -12.770 1.175   -3.209  1.00 21.85 ? 4   LYS A C   1 
ATOM   28   O  O   . LYS A 1 4  ? -13.909 1.591   -2.987  1.00 21.68 ? 4   LYS A O   1 
ATOM   29   C  CB  . LYS A 1 4  ? -12.741 0.582   -5.617  1.00 25.95 ? 4   LYS A CB  1 
ATOM   30   C  CG  . LYS A 1 4  ? -12.376 -0.400  -6.717  1.00 29.22 ? 4   LYS A CG  1 
ATOM   31   C  CD  . LYS A 1 4  ? -12.678 0.176   -8.090  1.00 39.77 ? 4   LYS A CD  1 
ATOM   32   C  CE  . LYS A 1 4  ? -12.228 -0.771  -9.193  1.00 44.93 ? 4   LYS A CE  1 
ATOM   33   N  NZ  . LYS A 1 4  ? -12.786 -2.143  -9.003  1.00 42.66 ? 4   LYS A NZ  1 
ATOM   34   N  N   . THR A 1 5  ? -11.688 1.674   -2.625  1.00 19.78 ? 5   THR A N   1 
ATOM   35   C  CA  . THR A 1 5  ? -11.765 2.770   -1.671  1.00 20.20 ? 5   THR A CA  1 
ATOM   36   C  C   . THR A 1 5  ? -10.622 3.741   -1.917  1.00 21.44 ? 5   THR A C   1 
ATOM   37   O  O   . THR A 1 5  ? -9.602  3.381   -2.509  1.00 17.15 ? 5   THR A O   1 
ATOM   38   C  CB  . THR A 1 5  ? -11.693 2.263   -0.216  1.00 29.70 ? 5   THR A CB  1 
ATOM   39   O  OG1 . THR A 1 5  ? -10.418 1.648   0.025   1.00 28.67 ? 5   THR A OG1 1 
ATOM   40   C  CG2 . THR A 1 5  ? -12.794 1.248   0.039   1.00 31.28 ? 5   THR A CG2 1 
ATOM   41   N  N   . LYS A 1 6  ? -10.802 4.981   -1.476  1.00 16.09 ? 6   LYS A N   1 
ATOM   42   C  CA  . LYS A 1 6  ? -9.775  5.993   -1.644  1.00 17.30 ? 6   LYS A CA  1 
ATOM   43   C  C   . LYS A 1 6  ? -8.878  5.982   -0.411  1.00 16.10 ? 6   LYS A C   1 
ATOM   44   O  O   . LYS A 1 6  ? -9.331  5.688   0.694   1.00 17.72 ? 6   LYS A O   1 
ATOM   45   C  CB  . LYS A 1 6  ? -10.416 7.377   -1.813  1.00 29.42 ? 6   LYS A CB  1 
ATOM   46   C  CG  . LYS A 1 6  ? -9.442  8.472   -2.220  1.00 31.59 ? 6   LYS A CG  1 
ATOM   47   C  CD  . LYS A 1 6  ? -10.142 9.819   -2.410  1.00 42.34 ? 6   LYS A CD  1 
ATOM   48   C  CE  . LYS A 1 6  ? -10.738 10.323  -1.099  1.00 40.64 ? 6   LYS A CE  1 
ATOM   49   N  NZ  . LYS A 1 6  ? -11.272 11.708  -1.197  1.00 41.74 ? 6   LYS A NZ  1 
ATOM   50   N  N   . ARG A 1 7  ? -7.603  6.290   -0.613  1.00 15.25 ? 7   ARG A N   1 
ATOM   51   C  CA  . ARG A 1 7  ? -6.630  6.338   0.471   1.00 12.48 ? 7   ARG A CA  1 
ATOM   52   C  C   . ARG A 1 7  ? -7.190  7.193   1.610   1.00 16.65 ? 7   ARG A C   1 
ATOM   53   O  O   . ARG A 1 7  ? -7.628  8.328   1.391   1.00 14.82 ? 7   ARG A O   1 
ATOM   54   C  CB  . ARG A 1 7  ? -5.335  6.953   -0.052  1.00 16.04 ? 7   ARG A CB  1 
ATOM   55   C  CG  . ARG A 1 7  ? -4.207  7.032   0.949   1.00 17.90 ? 7   ARG A CG  1 
ATOM   56   C  CD  . ARG A 1 7  ? -3.024  7.751   0.318   1.00 13.95 ? 7   ARG A CD  1 
ATOM   57   N  NE  . ARG A 1 7  ? -3.230  9.194   0.220   1.00 15.46 ? 7   ARG A NE  1 
ATOM   58   C  CZ  . ARG A 1 7  ? -3.042  9.910   -0.884  1.00 21.88 ? 7   ARG A CZ  1 
ATOM   59   N  NH1 . ARG A 1 7  ? -2.651  9.319   -2.006  1.00 20.41 ? 7   ARG A NH1 1 
ATOM   60   N  NH2 . ARG A 1 7  ? -3.215  11.222  -0.861  1.00 20.40 ? 7   ARG A NH2 1 
ATOM   61   N  N   . PHE A 1 8  ? -7.168  6.649   2.822   1.00 11.53 ? 8   PHE A N   1 
ATOM   62   C  CA  . PHE A 1 8  ? -7.700  7.350   3.981   1.00 12.84 ? 8   PHE A CA  1 
ATOM   63   C  C   . PHE A 1 8  ? -6.898  8.597   4.336   1.00 20.76 ? 8   PHE A C   1 
ATOM   64   O  O   . PHE A 1 8  ? -7.475  9.651   4.585   1.00 15.45 ? 8   PHE A O   1 
ATOM   65   C  CB  . PHE A 1 8  ? -7.757  6.416   5.188   1.00 16.17 ? 8   PHE A CB  1 
ATOM   66   C  CG  . PHE A 1 8  ? -8.745  6.851   6.230   1.00 16.15 ? 8   PHE A CG  1 
ATOM   67   C  CD1 . PHE A 1 8  ? -10.108 6.630   6.049   1.00 17.86 ? 8   PHE A CD1 1 
ATOM   68   C  CD2 . PHE A 1 8  ? -8.321  7.509   7.378   1.00 24.55 ? 8   PHE A CD2 1 
ATOM   69   C  CE1 . PHE A 1 8  ? -11.037 7.064   6.998   1.00 22.91 ? 8   PHE A CE1 1 
ATOM   70   C  CE2 . PHE A 1 8  ? -9.241  7.946   8.334   1.00 29.18 ? 8   PHE A CE2 1 
ATOM   71   C  CZ  . PHE A 1 8  ? -10.599 7.721   8.141   1.00 24.73 ? 8   PHE A CZ  1 
ATOM   72   N  N   . ALA A 1 9  ? -5.572  8.477   4.356   1.00 15.38 ? 9   ALA A N   1 
ATOM   73   C  CA  . ALA A 1 9  ? -4.713  9.617   4.672   1.00 13.79 ? 9   ALA A CA  1 
ATOM   74   C  C   . ALA A 1 9  ? -4.649  10.518  3.447   1.00 13.35 ? 9   ALA A C   1 
ATOM   75   O  O   . ALA A 1 9  ? -3.835  10.301  2.549   1.00 15.10 ? 9   ALA A O   1 
ATOM   76   C  CB  . ALA A 1 9  ? -3.311  9.147   5.067   1.00 11.56 ? 9   ALA A CB  1 
ATOM   77   N  N   . ILE A 1 10 ? -5.512  11.529  3.409   1.00 12.19 ? 10  ILE A N   1 
ATOM   78   C  CA  . ILE A 1 10 ? -5.565  12.451  2.273   1.00 14.63 ? 10  ILE A CA  1 
ATOM   79   C  C   . ILE A 1 10 ? -4.384  13.408  2.158   1.00 18.66 ? 10  ILE A C   1 
ATOM   80   O  O   . ILE A 1 10 ? -3.808  13.568  1.078   1.00 19.56 ? 10  ILE A O   1 
ATOM   81   C  CB  . ILE A 1 10 ? -6.888  13.255  2.301   1.00 20.97 ? 10  ILE A CB  1 
ATOM   82   C  CG1 . ILE A 1 10 ? -8.058  12.275  2.183   1.00 22.09 ? 10  ILE A CG1 1 
ATOM   83   C  CG2 . ILE A 1 10 ? -6.929  14.291  1.163   1.00 19.27 ? 10  ILE A CG2 1 
ATOM   84   C  CD1 . ILE A 1 10 ? -9.404  12.900  2.445   1.00 23.86 ? 10  ILE A CD1 1 
ATOM   85   N  N   . LYS A 1 11 ? -4.005  14.014  3.277   1.00 15.26 ? 11  LYS A N   1 
ATOM   86   C  CA  . LYS A 1 11 ? -2.920  14.989  3.294   1.00 14.88 ? 11  LYS A CA  1 
ATOM   87   C  C   . LYS A 1 11 ? -1.518  14.402  3.410   1.00 19.38 ? 11  LYS A C   1 
ATOM   88   O  O   . LYS A 1 11 ? -1.298  13.425  4.119   1.00 14.18 ? 11  LYS A O   1 
ATOM   89   C  CB  . LYS A 1 11 ? -3.135  15.982  4.437   1.00 18.06 ? 11  LYS A CB  1 
ATOM   90   C  CG  . LYS A 1 11 ? -4.444  16.750  4.346   1.00 21.75 ? 11  LYS A CG  1 
ATOM   91   C  CD  . LYS A 1 11 ? -4.599  17.681  5.535   1.00 22.63 ? 11  LYS A CD  1 
ATOM   92   C  CE  . LYS A 1 11 ? -5.740  18.664  5.328   1.00 39.93 ? 11  LYS A CE  1 
ATOM   93   N  NZ  . LYS A 1 11 ? -5.876  19.587  6.493   1.00 39.55 ? 11  LYS A NZ  1 
ATOM   94   N  N   . PRO A 1 12 ? -0.545  15.009  2.713   1.00 20.42 ? 12  PRO A N   1 
ATOM   95   C  CA  . PRO A 1 12 ? 0.836   14.521  2.763   1.00 19.33 ? 12  PRO A CA  1 
ATOM   96   C  C   . PRO A 1 12 ? 1.405   14.567  4.179   1.00 21.79 ? 12  PRO A C   1 
ATOM   97   O  O   . PRO A 1 12 ? 1.064   15.446  4.980   1.00 17.63 ? 12  PRO A O   1 
ATOM   98   C  CB  . PRO A 1 12 ? 1.574   15.475  1.823   1.00 23.80 ? 12  PRO A CB  1 
ATOM   99   C  CG  . PRO A 1 12 ? 0.509   15.894  0.850   1.00 26.42 ? 12  PRO A CG  1 
ATOM   100  C  CD  . PRO A 1 12 ? -0.673  16.129  1.764   1.00 23.54 ? 12  PRO A CD  1 
HETATM 101  N  N   . MSE A 1 13 ? 2.261   13.605  4.495   1.00 16.41 ? 13  MSE A N   1 
HETATM 102  C  CA  . MSE A 1 13 ? 2.888   13.574  5.805   1.00 16.62 ? 13  MSE A CA  1 
HETATM 103  C  C   . MSE A 1 13 ? 4.248   12.905  5.702   1.00 16.29 ? 13  MSE A C   1 
HETATM 104  O  O   . MSE A 1 13 ? 4.586   12.327  4.671   1.00 19.94 ? 13  MSE A O   1 
HETATM 105  C  CB  . MSE A 1 13 ? 2.002   12.842  6.821   1.00 20.73 ? 13  MSE A CB  1 
HETATM 106  C  CG  . MSE A 1 13 ? 1.719   11.395  6.490   1.00 17.07 ? 13  MSE A CG  1 
HETATM 107  SE SE  . MSE A 1 13 ? 0.631   10.530  7.845   1.00 32.88 ? 13  MSE A SE  1 
HETATM 108  C  CE  . MSE A 1 13 ? -1.101  11.092  7.257   1.00 20.80 ? 13  MSE A CE  1 
ATOM   109  N  N   . SER A 1 14 ? 5.029   12.999  6.771   1.00 19.94 ? 14  SER A N   1 
ATOM   110  C  CA  . SER A 1 14 ? 6.364   12.412  6.797   1.00 21.58 ? 14  SER A CA  1 
ATOM   111  C  C   . SER A 1 14 ? 6.301   10.928  7.105   1.00 21.95 ? 14  SER A C   1 
ATOM   112  O  O   . SER A 1 14 ? 5.295   10.431  7.604   1.00 18.08 ? 14  SER A O   1 
ATOM   113  C  CB  . SER A 1 14 ? 7.217   13.098  7.859   1.00 23.44 ? 14  SER A CB  1 
ATOM   114  O  OG  . SER A 1 14 ? 6.783   12.726  9.155   1.00 22.38 ? 14  SER A OG  1 
ATOM   115  N  N   . GLU A 1 15 ? 7.393   10.225  6.819   1.00 20.21 ? 15  GLU A N   1 
ATOM   116  C  CA  . GLU A 1 15 ? 7.464   8.793   7.071   1.00 18.49 ? 15  GLU A CA  1 
ATOM   117  C  C   . GLU A 1 15 ? 7.284   8.562   8.565   1.00 14.75 ? 15  GLU A C   1 
ATOM   118  O  O   . GLU A 1 15 ? 6.621   7.615   8.987   1.00 15.31 ? 15  GLU A O   1 
ATOM   119  C  CB  . GLU A 1 15 ? 8.826   8.246   6.633   1.00 25.69 ? 15  GLU A CB  1 
ATOM   120  C  CG  . GLU A 1 15 ? 9.482   9.039   5.509   1.00 40.79 ? 15  GLU A CG  1 
ATOM   121  C  CD  . GLU A 1 15 ? 10.803  8.440   5.059   1.00 38.18 ? 15  GLU A CD  1 
ATOM   122  O  OE1 . GLU A 1 15 ? 11.641  8.107   5.926   1.00 40.29 ? 15  GLU A OE1 1 
ATOM   123  O  OE2 . GLU A 1 15 ? 11.004  8.311   3.835   1.00 45.31 ? 15  GLU A OE2 1 
ATOM   124  N  N   . GLU A 1 16 ? 7.886   9.437   9.364   1.00 17.92 ? 16  GLU A N   1 
ATOM   125  C  CA  . GLU A 1 16 ? 7.803   9.335   10.815  1.00 19.99 ? 16  GLU A CA  1 
ATOM   126  C  C   . GLU A 1 16 ? 6.353   9.443   11.278  1.00 15.11 ? 16  GLU A C   1 
ATOM   127  O  O   . GLU A 1 16 ? 5.897   8.666   12.114  1.00 15.55 ? 16  GLU A O   1 
ATOM   128  C  CB  . GLU A 1 16 ? 8.626   10.447  11.479  1.00 21.99 ? 16  GLU A CB  1 
ATOM   129  C  CG  . GLU A 1 16 ? 10.140  10.353  11.293  1.00 32.47 ? 16  GLU A CG  1 
ATOM   130  C  CD  . GLU A 1 16 ? 10.592  10.497  9.845   1.00 39.24 ? 16  GLU A CD  1 
ATOM   131  O  OE1 . GLU A 1 16 ? 9.991   11.301  9.096   1.00 28.55 ? 16  GLU A OE1 1 
ATOM   132  O  OE2 . GLU A 1 16 ? 11.567  9.814   9.462   1.00 44.54 ? 16  GLU A OE2 1 
ATOM   133  N  N   . GLU A 1 17 ? 5.629   10.415  10.735  1.00 16.56 ? 17  GLU A N   1 
ATOM   134  C  CA  . GLU A 1 17 ? 4.234   10.602  11.117  1.00 17.65 ? 17  GLU A CA  1 
ATOM   135  C  C   . GLU A 1 17 ? 3.409   9.416   10.657  1.00 15.90 ? 17  GLU A C   1 
ATOM   136  O  O   . GLU A 1 17 ? 2.505   8.969   11.365  1.00 13.35 ? 17  GLU A O   1 
ATOM   137  C  CB  . GLU A 1 17 ? 3.663   11.885  10.504  1.00 22.02 ? 17  GLU A CB  1 
ATOM   138  C  CG  . GLU A 1 17 ? 2.351   12.318  11.155  1.00 20.49 ? 17  GLU A CG  1 
ATOM   139  C  CD  . GLU A 1 17 ? 1.720   13.528  10.487  1.00 30.78 ? 17  GLU A CD  1 
ATOM   140  O  OE1 . GLU A 1 17 ? 2.451   14.491  10.181  1.00 31.48 ? 17  GLU A OE1 1 
ATOM   141  O  OE2 . GLU A 1 17 ? 0.485   13.518  10.278  1.00 34.36 ? 17  GLU A OE2 1 
ATOM   142  N  N   . ALA A 1 18 ? 3.728   8.906   9.469   1.00 13.46 ? 18  ALA A N   1 
ATOM   143  C  CA  . ALA A 1 18 ? 3.009   7.762   8.905   1.00 12.45 ? 18  ALA A CA  1 
ATOM   144  C  C   . ALA A 1 18 ? 3.106   6.541   9.811   1.00 13.76 ? 18  ALA A C   1 
ATOM   145  O  O   . ALA A 1 18 ? 2.120   5.846   10.041  1.00 13.31 ? 18  ALA A O   1 
ATOM   146  C  CB  . ALA A 1 18 ? 3.567   7.429   7.528   1.00 12.93 ? 18  ALA A CB  1 
ATOM   147  N  N   . VAL A 1 19 ? 4.298   6.261   10.317  1.00 11.07 ? 19  VAL A N   1 
ATOM   148  C  CA  . VAL A 1 19 ? 4.460   5.110   11.191  1.00 10.28 ? 19  VAL A CA  1 
ATOM   149  C  C   . VAL A 1 19 ? 3.645   5.275   12.465  1.00 12.40 ? 19  VAL A C   1 
ATOM   150  O  O   . VAL A 1 19 ? 2.950   4.352   12.894  1.00 14.26 ? 19  VAL A O   1 
ATOM   151  C  CB  . VAL A 1 19 ? 5.944   4.891   11.545  1.00 15.72 ? 19  VAL A CB  1 
ATOM   152  C  CG1 . VAL A 1 19 ? 6.076   3.848   12.632  1.00 18.64 ? 19  VAL A CG1 1 
ATOM   153  C  CG2 . VAL A 1 19 ? 6.698   4.449   10.299  1.00 16.25 ? 19  VAL A CG2 1 
ATOM   154  N  N   . LEU A 1 20 ? 3.716   6.455   13.068  1.00 12.41 ? 20  LEU A N   1 
ATOM   155  C  CA  . LEU A 1 20 ? 2.967   6.698   14.294  1.00 13.41 ? 20  LEU A CA  1 
ATOM   156  C  C   . LEU A 1 20 ? 1.464   6.586   14.039  1.00 13.58 ? 20  LEU A C   1 
ATOM   157  O  O   . LEU A 1 20 ? 0.732   5.996   14.839  1.00 13.03 ? 20  LEU A O   1 
ATOM   158  C  CB  . LEU A 1 20 ? 3.303   8.081   14.852  1.00 15.16 ? 20  LEU A CB  1 
ATOM   159  C  CG  . LEU A 1 20 ? 2.549   8.514   16.112  1.00 17.74 ? 20  LEU A CG  1 
ATOM   160  C  CD1 . LEU A 1 20 ? 2.785   7.517   17.237  1.00 15.83 ? 20  LEU A CD1 1 
ATOM   161  C  CD2 . LEU A 1 20 ? 3.019   9.907   16.514  1.00 23.11 ? 20  LEU A CD2 1 
ATOM   162  N  N   . GLU A 1 21 ? 1.007   7.151   12.927  1.00 12.51 ? 21  GLU A N   1 
ATOM   163  C  CA  . GLU A 1 21 ? -0.412  7.100   12.583  1.00 12.61 ? 21  GLU A CA  1 
ATOM   164  C  C   . GLU A 1 21 ? -0.887  5.666   12.410  1.00 14.51 ? 21  GLU A C   1 
ATOM   165  O  O   . GLU A 1 21 ? -1.950  5.297   12.893  1.00 11.24 ? 21  GLU A O   1 
ATOM   166  C  CB  . GLU A 1 21 ? -0.671  7.889   11.304  1.00 15.98 ? 21  GLU A CB  1 
ATOM   167  C  CG  . GLU A 1 21 ? -0.744  9.379   11.534  1.00 17.40 ? 21  GLU A CG  1 
ATOM   168  C  CD  . GLU A 1 21 ? -1.970  9.755   12.338  1.00 22.43 ? 21  GLU A CD  1 
ATOM   169  O  OE1 . GLU A 1 21 ? -3.086  9.438   11.886  1.00 28.81 ? 21  GLU A OE1 1 
ATOM   170  O  OE2 . GLU A 1 21 ? -1.821  10.357  13.416  1.00 25.81 ? 21  GLU A OE2 1 
HETATM 171  N  N   . MSE A 1 22 ? -0.097  4.857   11.713  1.00 11.94 ? 22  MSE A N   1 
HETATM 172  C  CA  . MSE A 1 22 ? -0.457  3.459   11.515  1.00 10.59 ? 22  MSE A CA  1 
HETATM 173  C  C   . MSE A 1 22 ? -0.623  2.774   12.869  1.00 10.73 ? 22  MSE A C   1 
HETATM 174  O  O   . MSE A 1 22 ? -1.561  2.008   13.082  1.00 15.09 ? 22  MSE A O   1 
HETATM 175  C  CB  . MSE A 1 22 ? 0.634   2.745   10.706  1.00 12.51 ? 22  MSE A CB  1 
HETATM 176  C  CG  . MSE A 1 22 ? 0.414   1.254   10.566  1.00 13.57 ? 22  MSE A CG  1 
HETATM 177  SE SE  . MSE A 1 22 ? 1.872   0.419   9.583   1.00 21.82 ? 22  MSE A SE  1 
HETATM 178  C  CE  . MSE A 1 22 ? 3.275   0.667   10.860  1.00 15.13 ? 22  MSE A CE  1 
ATOM   179  N  N   . GLU A 1 23 ? 0.287   3.063   13.792  1.00 10.10 ? 23  GLU A N   1 
ATOM   180  C  CA  . GLU A 1 23 ? 0.227   2.460   15.116  1.00 13.42 ? 23  GLU A CA  1 
ATOM   181  C  C   . GLU A 1 23 ? -0.962  2.944   15.937  1.00 10.85 ? 23  GLU A C   1 
ATOM   182  O  O   . GLU A 1 23 ? -1.657  2.145   16.547  1.00 15.73 ? 23  GLU A O   1 
ATOM   183  C  CB  . GLU A 1 23 ? 1.525   2.733   15.871  1.00 17.80 ? 23  GLU A CB  1 
ATOM   184  C  CG  . GLU A 1 23 ? 2.718   2.019   15.271  1.00 15.47 ? 23  GLU A CG  1 
ATOM   185  C  CD  . GLU A 1 23 ? 2.736   0.529   15.582  1.00 29.20 ? 23  GLU A CD  1 
ATOM   186  O  OE1 . GLU A 1 23 ? 1.670   -0.047  15.902  1.00 24.24 ? 23  GLU A OE1 1 
ATOM   187  O  OE2 . GLU A 1 23 ? 3.827   -0.069  15.489  1.00 26.91 ? 23  GLU A OE2 1 
ATOM   188  N  N   . LEU A 1 24 ? -1.196  4.249   15.951  1.00 12.05 ? 24  LEU A N   1 
ATOM   189  C  CA  . LEU A 1 24 ? -2.308  4.802   16.719  1.00 14.87 ? 24  LEU A CA  1 
ATOM   190  C  C   . LEU A 1 24 ? -3.656  4.332   16.189  1.00 17.26 ? 24  LEU A C   1 
ATOM   191  O  O   . LEU A 1 24 ? -4.600  4.146   16.955  1.00 15.82 ? 24  LEU A O   1 
ATOM   192  C  CB  . LEU A 1 24 ? -2.258  6.331   16.691  1.00 16.21 ? 24  LEU A CB  1 
ATOM   193  C  CG  . LEU A 1 24 ? -1.055  6.988   17.370  1.00 24.12 ? 24  LEU A CG  1 
ATOM   194  C  CD1 . LEU A 1 24 ? -1.061  8.483   17.087  1.00 23.47 ? 24  LEU A CD1 1 
ATOM   195  C  CD2 . LEU A 1 24 ? -1.103  6.731   18.864  1.00 25.03 ? 24  LEU A CD2 1 
ATOM   196  N  N   . LEU A 1 25 ? -3.740  4.137   14.875  1.00 13.94 ? 25  LEU A N   1 
ATOM   197  C  CA  . LEU A 1 25 ? -4.987  3.710   14.251  1.00 10.77 ? 25  LEU A CA  1 
ATOM   198  C  C   . LEU A 1 25 ? -5.189  2.197   14.298  1.00 17.78 ? 25  LEU A C   1 
ATOM   199  O  O   . LEU A 1 25 ? -6.269  1.698   13.984  1.00 13.67 ? 25  LEU A O   1 
ATOM   200  C  CB  . LEU A 1 25 ? -5.038  4.236   12.812  1.00 8.44  ? 25  LEU A CB  1 
ATOM   201  C  CG  . LEU A 1 25 ? -5.121  5.768   12.771  1.00 13.63 ? 25  LEU A CG  1 
ATOM   202  C  CD1 . LEU A 1 25 ? -4.793  6.302   11.388  1.00 15.60 ? 25  LEU A CD1 1 
ATOM   203  C  CD2 . LEU A 1 25 ? -6.520  6.200   13.211  1.00 14.08 ? 25  LEU A CD2 1 
ATOM   204  N  N   . GLY A 1 26 ? -4.144  1.469   14.681  1.00 15.26 ? 26  GLY A N   1 
ATOM   205  C  CA  . GLY A 1 26 ? -4.252  0.026   14.803  1.00 14.39 ? 26  GLY A CA  1 
ATOM   206  C  C   . GLY A 1 26 ? -4.079  -0.809  13.555  1.00 16.35 ? 26  GLY A C   1 
ATOM   207  O  O   . GLY A 1 26 ? -4.523  -1.959  13.524  1.00 16.12 ? 26  GLY A O   1 
ATOM   208  N  N   . HIS A 1 27 ? -3.416  -0.257  12.543  1.00 10.72 ? 27  HIS A N   1 
ATOM   209  C  CA  . HIS A 1 27 ? -3.216  -0.973  11.288  1.00 12.44 ? 27  HIS A CA  1 
ATOM   210  C  C   . HIS A 1 27 ? -1.859  -1.653  11.139  1.00 14.61 ? 27  HIS A C   1 
ATOM   211  O  O   . HIS A 1 27 ? -0.919  -1.358  11.881  1.00 13.45 ? 27  HIS A O   1 
ATOM   212  C  CB  . HIS A 1 27 ? -3.448  -0.028  10.109  1.00 11.05 ? 27  HIS A CB  1 
ATOM   213  C  CG  . HIS A 1 27 ? -4.882  0.362   9.929   1.00 16.89 ? 27  HIS A CG  1 
ATOM   214  N  ND1 . HIS A 1 27 ? -5.562  0.179   8.745   1.00 22.06 ? 27  HIS A ND1 1 
ATOM   215  C  CD2 . HIS A 1 27 ? -5.776  0.898   10.797  1.00 16.20 ? 27  HIS A CD2 1 
ATOM   216  C  CE1 . HIS A 1 27 ? -6.816  0.581   8.890   1.00 23.19 ? 27  HIS A CE1 1 
ATOM   217  N  NE2 . HIS A 1 27 ? -6.967  1.021   10.127  1.00 17.26 ? 27  HIS A NE2 1 
ATOM   218  N  N   . ASN A 1 28 ? -1.783  -2.562  10.167  1.00 12.50 ? 28  ASN A N   1 
ATOM   219  C  CA  . ASN A 1 28 ? -0.573  -3.333  9.863   1.00 13.08 ? 28  ASN A CA  1 
ATOM   220  C  C   . ASN A 1 28 ? 0.201   -2.772  8.674   1.00 13.45 ? 28  ASN A C   1 
ATOM   221  O  O   . ASN A 1 28 ? 1.367   -3.123  8.474   1.00 14.55 ? 28  ASN A O   1 
ATOM   222  C  CB  . ASN A 1 28 ? -0.936  -4.794  9.584   1.00 25.40 ? 28  ASN A CB  1 
ATOM   223  C  CG  . ASN A 1 28 ? -1.225  -5.580  10.850  1.00 30.77 ? 28  ASN A CG  1 
ATOM   224  O  OD1 . ASN A 1 28 ? -1.742  -6.695  10.793  1.00 39.96 ? 28  ASN A OD1 1 
ATOM   225  N  ND2 . ASN A 1 28 ? -0.880  -5.009  11.998  1.00 30.56 ? 28  ASN A ND2 1 
ATOM   226  N  N   . PHE A 1 29 ? -0.467  -1.957  7.856   1.00 10.69 ? 29  PHE A N   1 
ATOM   227  C  CA  . PHE A 1 29 ? 0.166   -1.275  6.726   1.00 9.12  ? 29  PHE A CA  1 
ATOM   228  C  C   . PHE A 1 29 ? -0.573  0.061   6.573   1.00 11.08 ? 29  PHE A C   1 
ATOM   229  O  O   . PHE A 1 29 ? -1.720  0.189   6.999   1.00 12.81 ? 29  PHE A O   1 
ATOM   230  C  CB  . PHE A 1 29 ? 0.130   -2.121  5.437   1.00 13.87 ? 29  PHE A CB  1 
ATOM   231  C  CG  . PHE A 1 29 ? -1.227  -2.251  4.809   1.00 12.83 ? 29  PHE A CG  1 
ATOM   232  C  CD1 . PHE A 1 29 ? -1.674  -1.318  3.877   1.00 12.29 ? 29  PHE A CD1 1 
ATOM   233  C  CD2 . PHE A 1 29 ? -2.045  -3.324  5.128   1.00 14.15 ? 29  PHE A CD2 1 
ATOM   234  C  CE1 . PHE A 1 29 ? -2.913  -1.461  3.271   1.00 12.88 ? 29  PHE A CE1 1 
ATOM   235  C  CE2 . PHE A 1 29 ? -3.289  -3.473  4.525   1.00 13.16 ? 29  PHE A CE2 1 
ATOM   236  C  CZ  . PHE A 1 29 ? -3.721  -2.540  3.598   1.00 10.63 ? 29  PHE A CZ  1 
ATOM   237  N  N   . PHE A 1 30 ? 0.067   1.053   5.973   1.00 9.15  ? 30  PHE A N   1 
ATOM   238  C  CA  . PHE A 1 30 ? -0.561  2.372   5.883   1.00 9.22  ? 30  PHE A CA  1 
ATOM   239  C  C   . PHE A 1 30 ? -0.102  3.087   4.616   1.00 9.96  ? 30  PHE A C   1 
ATOM   240  O  O   . PHE A 1 30 ? 1.101   3.272   4.393   1.00 10.01 ? 30  PHE A O   1 
ATOM   241  C  CB  . PHE A 1 30 ? -0.151  3.152   7.142   1.00 7.02  ? 30  PHE A CB  1 
ATOM   242  C  CG  . PHE A 1 30 ? -0.862  4.470   7.329   1.00 10.13 ? 30  PHE A CG  1 
ATOM   243  C  CD1 . PHE A 1 30 ? -2.166  4.515   7.808   1.00 18.68 ? 30  PHE A CD1 1 
ATOM   244  C  CD2 . PHE A 1 30 ? -0.205  5.666   7.071   1.00 14.01 ? 30  PHE A CD2 1 
ATOM   245  C  CE1 . PHE A 1 30 ? -2.803  5.743   8.029   1.00 16.11 ? 30  PHE A CE1 1 
ATOM   246  C  CE2 . PHE A 1 30 ? -0.827  6.893   7.284   1.00 16.14 ? 30  PHE A CE2 1 
ATOM   247  C  CZ  . PHE A 1 30 ? -2.128  6.932   7.765   1.00 16.67 ? 30  PHE A CZ  1 
ATOM   248  N  N   . VAL A 1 31 ? -1.057  3.463   3.773   1.00 8.26  ? 31  VAL A N   1 
ATOM   249  C  CA  . VAL A 1 31 ? -0.738  4.148   2.528   1.00 10.22 ? 31  VAL A CA  1 
ATOM   250  C  C   . VAL A 1 31 ? -0.774  5.652   2.753   1.00 13.28 ? 31  VAL A C   1 
ATOM   251  O  O   . VAL A 1 31 ? -1.707  6.172   3.362   1.00 13.22 ? 31  VAL A O   1 
ATOM   252  C  CB  . VAL A 1 31 ? -1.737  3.769   1.412   1.00 12.75 ? 31  VAL A CB  1 
ATOM   253  C  CG1 . VAL A 1 31 ? -1.287  4.373   0.080   1.00 13.84 ? 31  VAL A CG1 1 
ATOM   254  C  CG2 . VAL A 1 31 ? -1.834  2.255   1.298   1.00 10.09 ? 31  VAL A CG2 1 
ATOM   255  N  N   . PHE A 1 32 ? 0.248   6.360   2.283   1.00 10.76 ? 32  PHE A N   1 
ATOM   256  C  CA  . PHE A 1 32 ? 0.273   7.803   2.473   1.00 12.51 ? 32  PHE A CA  1 
ATOM   257  C  C   . PHE A 1 32 ? 1.064   8.537   1.407   1.00 18.47 ? 32  PHE A C   1 
ATOM   258  O  O   . PHE A 1 32 ? 1.893   7.952   0.702   1.00 15.61 ? 32  PHE A O   1 
ATOM   259  C  CB  . PHE A 1 32 ? 0.851   8.144   3.858   1.00 12.01 ? 32  PHE A CB  1 
ATOM   260  C  CG  . PHE A 1 32 ? 2.331   7.872   3.988   1.00 10.74 ? 32  PHE A CG  1 
ATOM   261  C  CD1 . PHE A 1 32 ? 3.254   8.913   3.914   1.00 11.18 ? 32  PHE A CD1 1 
ATOM   262  C  CD2 . PHE A 1 32 ? 2.800   6.573   4.176   1.00 14.33 ? 32  PHE A CD2 1 
ATOM   263  C  CE1 . PHE A 1 32 ? 4.629   8.667   4.028   1.00 15.90 ? 32  PHE A CE1 1 
ATOM   264  C  CE2 . PHE A 1 32 ? 4.175   6.313   4.289   1.00 15.12 ? 32  PHE A CE2 1 
ATOM   265  C  CZ  . PHE A 1 32 ? 5.088   7.364   4.215   1.00 16.92 ? 32  PHE A CZ  1 
ATOM   266  N  N   . GLN A 1 33 ? 0.787   9.828   1.288   1.00 13.07 ? 33  GLN A N   1 
ATOM   267  C  CA  . GLN A 1 33 ? 1.492   10.676  0.345   1.00 19.72 ? 33  GLN A CA  1 
ATOM   268  C  C   . GLN A 1 33 ? 2.688   11.211  1.116   1.00 19.32 ? 33  GLN A C   1 
ATOM   269  O  O   . GLN A 1 33 ? 2.517   11.967  2.070   1.00 19.87 ? 33  GLN A O   1 
ATOM   270  C  CB  . GLN A 1 33 ? 0.603   11.842  -0.083  1.00 21.64 ? 33  GLN A CB  1 
ATOM   271  C  CG  . GLN A 1 33 ? 1.293   12.835  -0.994  1.00 39.39 ? 33  GLN A CG  1 
ATOM   272  C  CD  . GLN A 1 33 ? 1.106   12.503  -2.455  1.00 45.11 ? 33  GLN A CD  1 
ATOM   273  O  OE1 . GLN A 1 33 ? 0.010   12.648  -2.997  1.00 50.24 ? 33  GLN A OE1 1 
ATOM   274  N  NE2 . GLN A 1 33 ? 2.172   12.049  -3.101  1.00 47.19 ? 33  GLN A NE2 1 
ATOM   275  N  N   . ASN A 1 34 ? 3.896   10.817  0.722   1.00 18.47 ? 34  ASN A N   1 
ATOM   276  C  CA  . ASN A 1 34 ? 5.089   11.283  1.417   1.00 21.50 ? 34  ASN A CA  1 
ATOM   277  C  C   . ASN A 1 34 ? 5.318   12.754  1.092   1.00 22.01 ? 34  ASN A C   1 
ATOM   278  O  O   . ASN A 1 34 ? 5.587   13.112  -0.056  1.00 25.50 ? 34  ASN A O   1 
ATOM   279  C  CB  . ASN A 1 34 ? 6.316   10.464  1.004   1.00 27.91 ? 34  ASN A CB  1 
ATOM   280  C  CG  . ASN A 1 34 ? 7.497   10.679  1.936   1.00 29.15 ? 34  ASN A CG  1 
ATOM   281  O  OD1 . ASN A 1 34 ? 7.862   11.815  2.240   1.00 28.77 ? 34  ASN A OD1 1 
ATOM   282  N  ND2 . ASN A 1 34 ? 8.103   9.586   2.390   1.00 28.32 ? 34  ASN A ND2 1 
ATOM   283  N  N   . GLY A 1 35 ? 5.214   13.605  2.106   1.00 21.96 ? 35  GLY A N   1 
ATOM   284  C  CA  . GLY A 1 35 ? 5.397   15.029  1.892   1.00 27.79 ? 35  GLY A CA  1 
ATOM   285  C  C   . GLY A 1 35 ? 6.817   15.461  1.570   1.00 34.63 ? 35  GLY A C   1 
ATOM   286  O  O   . GLY A 1 35 ? 7.028   16.571  1.088   1.00 33.15 ? 35  GLY A O   1 
ATOM   287  N  N   . ASP A 1 36 ? 7.791   14.596  1.831   1.00 35.58 ? 36  ASP A N   1 
ATOM   288  C  CA  . ASP A 1 36 ? 9.187   14.928  1.566   1.00 38.09 ? 36  ASP A CA  1 
ATOM   289  C  C   . ASP A 1 36 ? 9.645   14.509  0.172   1.00 37.50 ? 36  ASP A C   1 
ATOM   290  O  O   . ASP A 1 36 ? 10.641  15.027  -0.339  1.00 43.35 ? 36  ASP A O   1 
ATOM   291  C  CB  . ASP A 1 36 ? 10.094  14.282  2.624   1.00 39.95 ? 36  ASP A CB  1 
ATOM   292  C  CG  . ASP A 1 36 ? 9.933   14.917  4.001   1.00 47.71 ? 36  ASP A CG  1 
ATOM   293  O  OD1 . ASP A 1 36 ? 10.145  16.143  4.121   1.00 45.57 ? 36  ASP A OD1 1 
ATOM   294  O  OD2 . ASP A 1 36 ? 9.600   14.192  4.966   1.00 44.42 ? 36  ASP A OD2 1 
ATOM   295  N  N   . SER A 1 37 ? 8.920   13.580  -0.444  1.00 37.28 ? 37  SER A N   1 
ATOM   296  C  CA  . SER A 1 37 ? 9.270   13.096  -1.775  1.00 34.81 ? 37  SER A CA  1 
ATOM   297  C  C   . SER A 1 37 ? 8.145   13.305  -2.781  1.00 35.75 ? 37  SER A C   1 
ATOM   298  O  O   . SER A 1 37 ? 8.312   13.034  -3.972  1.00 35.80 ? 37  SER A O   1 
ATOM   299  C  CB  . SER A 1 37 ? 9.631   11.609  -1.718  1.00 39.72 ? 37  SER A CB  1 
ATOM   300  O  OG  . SER A 1 37 ? 8.503   10.818  -1.379  1.00 35.25 ? 37  SER A OG  1 
ATOM   301  N  N   . ASN A 1 38 ? 7.000   13.779  -2.294  1.00 32.42 ? 38  ASN A N   1 
ATOM   302  C  CA  . ASN A 1 38 ? 5.846   14.036  -3.144  1.00 36.22 ? 38  ASN A CA  1 
ATOM   303  C  C   . ASN A 1 38 ? 5.364   12.771  -3.849  1.00 39.63 ? 38  ASN A C   1 
ATOM   304  O  O   . ASN A 1 38 ? 4.711   12.843  -4.887  1.00 47.05 ? 38  ASN A O   1 
ATOM   305  C  CB  . ASN A 1 38 ? 6.202   15.108  -4.181  1.00 42.28 ? 38  ASN A CB  1 
ATOM   306  C  CG  . ASN A 1 38 ? 6.611   16.420  -3.543  1.00 46.82 ? 38  ASN A CG  1 
ATOM   307  O  OD1 . ASN A 1 38 ? 7.093   17.333  -4.217  1.00 51.84 ? 38  ASN A OD1 1 
ATOM   308  N  ND2 . ASN A 1 38 ? 6.417   16.524  -2.232  1.00 46.71 ? 38  ASN A ND2 1 
ATOM   309  N  N   . GLU A 1 39 ? 5.689   11.615  -3.280  1.00 34.11 ? 39  GLU A N   1 
ATOM   310  C  CA  . GLU A 1 39 ? 5.297   10.331  -3.853  0.50 26.61 ? 39  GLU A CA  1 
ATOM   311  C  C   . GLU A 1 39 ? 4.533   9.472   -2.846  1.00 24.85 ? 39  GLU A C   1 
ATOM   312  O  O   . GLU A 1 39 ? 4.730   9.585   -1.635  1.00 23.56 ? 39  GLU A O   1 
ATOM   313  C  CB  . GLU A 1 39 ? 6.535   9.560   -4.319  0.50 27.70 ? 39  GLU A CB  1 
ATOM   314  C  CG  . GLU A 1 39 ? 7.277   10.182  -5.492  0.50 32.49 ? 39  GLU A CG  1 
ATOM   315  C  CD  . GLU A 1 39 ? 6.404   10.336  -6.728  0.50 29.65 ? 39  GLU A CD  1 
ATOM   316  O  OE1 . GLU A 1 39 ? 5.683   9.376   -7.071  0.50 30.45 ? 39  GLU A OE1 1 
ATOM   317  O  OE2 . GLU A 1 39 ? 6.450   11.411  -7.366  0.50 38.16 ? 39  GLU A OE2 1 
ATOM   318  N  N   . VAL A 1 40 ? 3.656   8.610   -3.349  1.00 24.73 ? 40  VAL A N   1 
ATOM   319  C  CA  . VAL A 1 40 ? 2.896   7.727   -2.481  1.00 22.11 ? 40  VAL A CA  1 
ATOM   320  C  C   . VAL A 1 40 ? 3.794   6.593   -1.991  1.00 25.76 ? 40  VAL A C   1 
ATOM   321  O  O   . VAL A 1 40 ? 4.498   5.954   -2.780  1.00 21.87 ? 40  VAL A O   1 
ATOM   322  C  CB  . VAL A 1 40 ? 1.689   7.109   -3.212  1.00 26.39 ? 40  VAL A CB  1 
ATOM   323  C  CG1 . VAL A 1 40 ? 0.995   6.094   -2.304  1.00 27.84 ? 40  VAL A CG1 1 
ATOM   324  C  CG2 . VAL A 1 40 ? 0.714   8.202   -3.619  1.00 32.02 ? 40  VAL A CG2 1 
ATOM   325  N  N   . ASN A 1 41 ? 3.772   6.358   -0.684  1.00 12.82 ? 41  ASN A N   1 
ATOM   326  C  CA  . ASN A 1 41 ? 4.560   5.296   -0.072  1.00 12.81 ? 41  ASN A CA  1 
ATOM   327  C  C   . ASN A 1 41 ? 3.639   4.444   0.787   1.00 14.06 ? 41  ASN A C   1 
ATOM   328  O  O   . ASN A 1 41 ? 2.483   4.803   1.027   1.00 13.52 ? 41  ASN A O   1 
ATOM   329  C  CB  . ASN A 1 41 ? 5.659   5.867   0.840   1.00 12.69 ? 41  ASN A CB  1 
ATOM   330  C  CG  . ASN A 1 41 ? 6.770   6.566   0.078   1.00 14.40 ? 41  ASN A CG  1 
ATOM   331  O  OD1 . ASN A 1 41 ? 6.859   6.488   -1.148  1.00 19.01 ? 41  ASN A OD1 1 
ATOM   332  N  ND2 . ASN A 1 41 ? 7.638   7.249   0.814   1.00 13.43 ? 41  ASN A ND2 1 
ATOM   333  N  N   . VAL A 1 42 ? 4.160   3.319   1.259   1.00 11.89 ? 42  VAL A N   1 
ATOM   334  C  CA  . VAL A 1 42 ? 3.398   2.439   2.130   1.00 10.22 ? 42  VAL A CA  1 
ATOM   335  C  C   . VAL A 1 42 ? 4.300   1.957   3.259   1.00 13.52 ? 42  VAL A C   1 
ATOM   336  O  O   . VAL A 1 42 ? 5.353   1.381   3.007   1.00 11.73 ? 42  VAL A O   1 
ATOM   337  C  CB  . VAL A 1 42 ? 2.874   1.198   1.380   1.00 10.69 ? 42  VAL A CB  1 
ATOM   338  C  CG1 . VAL A 1 42 ? 1.999   0.366   2.311   1.00 9.83  ? 42  VAL A CG1 1 
ATOM   339  C  CG2 . VAL A 1 42 ? 2.087   1.629   0.143   1.00 10.40 ? 42  VAL A CG2 1 
ATOM   340  N  N   . VAL A 1 43 ? 3.914   2.226   4.502   1.00 12.71 ? 43  VAL A N   1 
ATOM   341  C  CA  . VAL A 1 43 ? 4.706   1.742   5.623   1.00 12.15 ? 43  VAL A CA  1 
ATOM   342  C  C   . VAL A 1 43 ? 3.983   0.519   6.152   1.00 12.77 ? 43  VAL A C   1 
ATOM   343  O  O   . VAL A 1 43 ? 2.763   0.402   6.033   1.00 13.32 ? 43  VAL A O   1 
ATOM   344  C  CB  . VAL A 1 43 ? 4.857   2.794   6.767   1.00 19.41 ? 43  VAL A CB  1 
ATOM   345  C  CG1 . VAL A 1 43 ? 5.809   3.891   6.342   1.00 20.40 ? 43  VAL A CG1 1 
ATOM   346  C  CG2 . VAL A 1 43 ? 3.511   3.386   7.129   1.00 11.15 ? 43  VAL A CG2 1 
ATOM   347  N  N   . TYR A 1 44 ? 4.732   -0.423  6.700   1.00 8.88  ? 44  TYR A N   1 
ATOM   348  C  CA  . TYR A 1 44 ? 4.107   -1.616  7.233   1.00 9.60  ? 44  TYR A CA  1 
ATOM   349  C  C   . TYR A 1 44 ? 4.949   -2.171  8.362   1.00 9.97  ? 44  TYR A C   1 
ATOM   350  O  O   . TYR A 1 44 ? 6.121   -1.818  8.509   1.00 15.40 ? 44  TYR A O   1 
ATOM   351  C  CB  . TYR A 1 44 ? 3.924   -2.662  6.129   1.00 10.91 ? 44  TYR A CB  1 
ATOM   352  C  CG  . TYR A 1 44 ? 5.222   -3.181  5.551   1.00 11.73 ? 44  TYR A CG  1 
ATOM   353  C  CD1 . TYR A 1 44 ? 5.792   -4.365  6.015   1.00 24.01 ? 44  TYR A CD1 1 
ATOM   354  C  CD2 . TYR A 1 44 ? 5.889   -2.474  4.557   1.00 9.97  ? 44  TYR A CD2 1 
ATOM   355  C  CE1 . TYR A 1 44 ? 7.005   -4.832  5.503   1.00 23.96 ? 44  TYR A CE1 1 
ATOM   356  C  CE2 . TYR A 1 44 ? 7.104   -2.931  4.036   1.00 15.80 ? 44  TYR A CE2 1 
ATOM   357  C  CZ  . TYR A 1 44 ? 7.653   -4.107  4.512   1.00 23.15 ? 44  TYR A CZ  1 
ATOM   358  O  OH  . TYR A 1 44 ? 8.855   -4.553  4.003   1.00 31.37 ? 44  TYR A OH  1 
ATOM   359  N  N   . LYS A 1 45 ? 4.332   -3.024  9.167   1.00 13.94 ? 45  LYS A N   1 
ATOM   360  C  CA  . LYS A 1 45 ? 4.999   -3.644  10.301  1.00 20.38 ? 45  LYS A CA  1 
ATOM   361  C  C   . LYS A 1 45 ? 5.647   -4.956  9.878   1.00 22.49 ? 45  LYS A C   1 
ATOM   362  O  O   . LYS A 1 45 ? 4.979   -5.827  9.323   1.00 21.07 ? 45  LYS A O   1 
ATOM   363  C  CB  . LYS A 1 45 ? 3.985   -3.925  11.408  1.00 17.65 ? 45  LYS A CB  1 
ATOM   364  C  CG  . LYS A 1 45 ? 3.341   -2.685  12.002  1.00 23.92 ? 45  LYS A CG  1 
ATOM   365  C  CD  . LYS A 1 45 ? 2.294   -3.066  13.040  1.00 28.16 ? 45  LYS A CD  1 
ATOM   366  C  CE  . LYS A 1 45 ? 2.903   -3.887  14.170  1.00 36.95 ? 45  LYS A CE  1 
ATOM   367  N  NZ  . LYS A 1 45 ? 3.965   -3.144  14.913  1.00 35.86 ? 45  LYS A NZ  1 
ATOM   368  N  N   . ARG A 1 46 ? 6.943   -5.087  10.145  1.00 23.16 ? 46  ARG A N   1 
ATOM   369  C  CA  . ARG A 1 46 ? 7.693   -6.294  9.814   1.00 28.90 ? 46  ARG A CA  1 
ATOM   370  C  C   . ARG A 1 46 ? 7.674   -7.265  10.994  1.00 39.39 ? 46  ARG A C   1 
ATOM   371  O  O   . ARG A 1 46 ? 7.629   -6.846  12.150  1.00 41.35 ? 46  ARG A O   1 
ATOM   372  C  CB  . ARG A 1 46 ? 9.138   -5.937  9.462   1.00 25.68 ? 46  ARG A CB  1 
ATOM   373  C  CG  . ARG A 1 46 ? 9.295   -5.216  8.137   1.00 24.41 ? 46  ARG A CG  1 
ATOM   374  C  CD  . ARG A 1 46 ? 10.712  -4.690  7.927   1.00 35.57 ? 46  ARG A CD  1 
ATOM   375  N  NE  . ARG A 1 46 ? 11.744  -5.686  8.216   1.00 44.29 ? 46  ARG A NE  1 
ATOM   376  C  CZ  . ARG A 1 46 ? 12.876  -5.812  7.526   1.00 42.66 ? 46  ARG A CZ  1 
ATOM   377  N  NH1 . ARG A 1 46 ? 13.122  -5.012  6.498   1.00 37.24 ? 46  ARG A NH1 1 
ATOM   378  N  NH2 . ARG A 1 46 ? 13.771  -6.728  7.871   1.00 45.89 ? 46  ARG A NH2 1 
ATOM   379  N  N   . LYS A 1 47 ? 7.717   -8.562  10.697  1.00 42.71 ? 47  LYS A N   1 
ATOM   380  C  CA  . LYS A 1 47 ? 7.685   -9.591  11.733  1.00 42.85 ? 47  LYS A CA  1 
ATOM   381  C  C   . LYS A 1 47 ? 8.927   -9.622  12.624  1.00 43.58 ? 47  LYS A C   1 
ATOM   382  O  O   . LYS A 1 47 ? 9.178   -10.610 13.312  1.00 55.17 ? 47  LYS A O   1 
ATOM   383  C  CB  . LYS A 1 47 ? 7.480   -10.966 11.092  1.00 44.44 ? 47  LYS A CB  1 
ATOM   384  C  CG  . LYS A 1 47 ? 6.229   -11.056 10.230  1.00 51.77 ? 47  LYS A CG  1 
ATOM   385  C  CD  . LYS A 1 47 ? 6.059   -12.424 9.578   1.00 51.76 ? 47  LYS A CD  1 
ATOM   386  C  CE  . LYS A 1 47 ? 5.670   -13.503 10.582  1.00 50.53 ? 47  LYS A CE  1 
ATOM   387  N  NZ  . LYS A 1 47 ? 6.744   -13.798 11.572  1.00 54.99 ? 47  LYS A NZ  1 
ATOM   388  N  N   . ASP A 1 48 ? 9.701   -8.543  12.616  1.00 47.51 ? 48  ASP A N   1 
ATOM   389  C  CA  . ASP A 1 48 ? 10.899  -8.471  13.446  1.00 46.75 ? 48  ASP A CA  1 
ATOM   390  C  C   . ASP A 1 48 ? 10.822  -7.233  14.329  1.00 42.94 ? 48  ASP A C   1 
ATOM   391  O  O   . ASP A 1 48 ? 11.815  -6.813  14.922  1.00 46.06 ? 48  ASP A O   1 
ATOM   392  C  CB  . ASP A 1 48 ? 12.160  -8.423  12.575  1.00 41.03 ? 48  ASP A CB  1 
ATOM   393  C  CG  . ASP A 1 48 ? 12.351  -7.085  11.890  1.00 49.90 ? 48  ASP A CG  1 
ATOM   394  O  OD1 . ASP A 1 48 ? 11.400  -6.603  11.243  1.00 49.09 ? 48  ASP A OD1 1 
ATOM   395  O  OD2 . ASP A 1 48 ? 13.459  -6.519  11.994  1.00 53.75 ? 48  ASP A OD2 1 
ATOM   396  N  N   . GLY A 1 49 ? 9.627   -6.654  14.410  1.00 46.39 ? 49  GLY A N   1 
ATOM   397  C  CA  . GLY A 1 49 ? 9.429   -5.473  15.227  1.00 40.65 ? 49  GLY A CA  1 
ATOM   398  C  C   . GLY A 1 49 ? 9.724   -4.185  14.487  1.00 37.91 ? 49  GLY A C   1 
ATOM   399  O  O   . GLY A 1 49 ? 9.231   -3.120  14.860  1.00 45.97 ? 49  GLY A O   1 
ATOM   400  N  N   . ASN A 1 50 ? 10.530  -4.280  13.436  1.00 34.50 ? 50  ASN A N   1 
ATOM   401  C  CA  . ASN A 1 50 ? 10.890  -3.112  12.648  1.00 28.08 ? 50  ASN A CA  1 
ATOM   402  C  C   . ASN A 1 50 ? 9.753   -2.680  11.732  1.00 20.26 ? 50  ASN A C   1 
ATOM   403  O  O   . ASN A 1 50 ? 8.723   -3.347  11.634  1.00 24.36 ? 50  ASN A O   1 
ATOM   404  C  CB  . ASN A 1 50 ? 12.137  -3.399  11.807  1.00 35.73 ? 50  ASN A CB  1 
ATOM   405  C  CG  . ASN A 1 50 ? 13.382  -3.566  12.652  1.00 44.34 ? 50  ASN A CG  1 
ATOM   406  O  OD1 . ASN A 1 50 ? 14.443  -3.944  12.151  1.00 47.05 ? 50  ASN A OD1 1 
ATOM   407  N  ND2 . ASN A 1 50 ? 13.263  -3.278  13.944  1.00 43.50 ? 50  ASN A ND2 1 
ATOM   408  N  N   . TYR A 1 51 ? 9.956   -1.550  11.070  1.00 18.83 ? 51  TYR A N   1 
ATOM   409  C  CA  . TYR A 1 51 ? 8.976   -1.010  10.144  1.00 19.92 ? 51  TYR A CA  1 
ATOM   410  C  C   . TYR A 1 51 ? 9.577   -1.016  8.755   1.00 22.29 ? 51  TYR A C   1 
ATOM   411  O  O   . TYR A 1 51 ? 10.774  -0.790  8.586   1.00 27.54 ? 51  TYR A O   1 
ATOM   412  C  CB  . TYR A 1 51 ? 8.622   0.431   10.505  1.00 17.13 ? 51  TYR A CB  1 
ATOM   413  C  CG  . TYR A 1 51 ? 7.941   0.578   11.838  1.00 16.55 ? 51  TYR A CG  1 
ATOM   414  C  CD1 . TYR A 1 51 ? 6.650   0.098   12.036  1.00 18.95 ? 51  TYR A CD1 1 
ATOM   415  C  CD2 . TYR A 1 51 ? 8.594   1.187   12.910  1.00 18.90 ? 51  TYR A CD2 1 
ATOM   416  C  CE1 . TYR A 1 51 ? 6.022   0.217   13.269  1.00 18.07 ? 51  TYR A CE1 1 
ATOM   417  C  CE2 . TYR A 1 51 ? 7.978   1.308   14.144  1.00 23.39 ? 51  TYR A CE2 1 
ATOM   418  C  CZ  . TYR A 1 51 ? 6.693   0.822   14.317  1.00 21.15 ? 51  TYR A CZ  1 
ATOM   419  O  OH  . TYR A 1 51 ? 6.081   0.929   15.542  1.00 26.18 ? 51  TYR A OH  1 
ATOM   420  N  N   . GLY A 1 52 ? 8.741   -1.274  7.761   1.00 18.69 ? 52  GLY A N   1 
ATOM   421  C  CA  . GLY A 1 52 ? 9.209   -1.264  6.396   1.00 13.14 ? 52  GLY A CA  1 
ATOM   422  C  C   . GLY A 1 52 ? 8.570   -0.088  5.692   1.00 18.96 ? 52  GLY A C   1 
ATOM   423  O  O   . GLY A 1 52 ? 7.485   0.360   6.072   1.00 16.01 ? 52  GLY A O   1 
ATOM   424  N  N   . LEU A 1 53 ? 9.252   0.424   4.677   1.00 17.71 ? 53  LEU A N   1 
ATOM   425  C  CA  . LEU A 1 53 ? 8.761   1.547   3.893   1.00 15.71 ? 53  LEU A CA  1 
ATOM   426  C  C   . LEU A 1 53 ? 8.930   1.196   2.418   1.00 20.80 ? 53  LEU A C   1 
ATOM   427  O  O   . LEU A 1 53 ? 10.050  1.014   1.937   1.00 22.09 ? 53  LEU A O   1 
ATOM   428  C  CB  . LEU A 1 53 ? 9.555   2.817   4.215   1.00 20.01 ? 53  LEU A CB  1 
ATOM   429  C  CG  . LEU A 1 53 ? 9.208   4.047   3.371   1.00 20.30 ? 53  LEU A CG  1 
ATOM   430  C  CD1 . LEU A 1 53 ? 7.760   4.442   3.619   1.00 21.27 ? 53  LEU A CD1 1 
ATOM   431  C  CD2 . LEU A 1 53 ? 10.136  5.195   3.715   1.00 35.37 ? 53  LEU A CD2 1 
ATOM   432  N  N   . ILE A 1 54 ? 7.811   1.086   1.709   1.00 14.54 ? 54  ILE A N   1 
ATOM   433  C  CA  . ILE A 1 54 ? 7.837   0.754   0.287   1.00 14.55 ? 54  ILE A CA  1 
ATOM   434  C  C   . ILE A 1 54 ? 7.681   2.018   -0.538  1.00 16.85 ? 54  ILE A C   1 
ATOM   435  O  O   . ILE A 1 54 ? 6.723   2.770   -0.360  1.00 17.94 ? 54  ILE A O   1 
ATOM   436  C  CB  . ILE A 1 54 ? 6.695   -0.210  -0.078  1.00 12.25 ? 54  ILE A CB  1 
ATOM   437  C  CG1 . ILE A 1 54 ? 6.732   -1.429  0.842   1.00 15.08 ? 54  ILE A CG1 1 
ATOM   438  C  CG2 . ILE A 1 54 ? 6.818   -0.632  -1.535  1.00 13.92 ? 54  ILE A CG2 1 
ATOM   439  C  CD1 . ILE A 1 54 ? 5.525   -2.331  0.711   1.00 14.80 ? 54  ILE A CD1 1 
ATOM   440  N  N   . GLU A 1 55 ? 8.626   2.249   -1.444  1.00 16.32 ? 55  GLU A N   1 
ATOM   441  C  CA  . GLU A 1 55 ? 8.604   3.430   -2.299  1.00 18.66 ? 55  GLU A CA  1 
ATOM   442  C  C   . GLU A 1 55 ? 8.820   3.014   -3.752  1.00 23.63 ? 55  GLU A C   1 
ATOM   443  O  O   . GLU A 1 55 ? 9.362   1.942   -4.026  1.00 24.03 ? 55  GLU A O   1 
ATOM   444  C  CB  . GLU A 1 55 ? 9.693   4.419   -1.858  1.00 31.73 ? 55  GLU A CB  1 
ATOM   445  C  CG  . GLU A 1 55 ? 11.080  3.798   -1.733  1.00 35.50 ? 55  GLU A CG  1 
ATOM   446  C  CD  . GLU A 1 55 ? 12.112  4.743   -1.137  1.00 39.92 ? 55  GLU A CD  1 
ATOM   447  O  OE1 . GLU A 1 55 ? 13.266  4.308   -0.947  1.00 40.64 ? 55  GLU A OE1 1 
ATOM   448  O  OE2 . GLU A 1 55 ? 11.777  5.912   -0.855  1.00 33.11 ? 55  GLU A OE2 1 
ATOM   449  N  N   . PRO A 1 56 ? 8.386   3.854   -4.704  1.00 22.36 ? 56  PRO A N   1 
ATOM   450  C  CA  . PRO A 1 56 ? 8.554   3.529   -6.121  1.00 27.86 ? 56  PRO A CA  1 
ATOM   451  C  C   . PRO A 1 56 ? 9.995   3.664   -6.596  1.00 31.11 ? 56  PRO A C   1 
ATOM   452  O  O   . PRO A 1 56 ? 10.352  3.160   -7.659  1.00 38.27 ? 56  PRO A O   1 
ATOM   453  C  CB  . PRO A 1 56 ? 7.619   4.515   -6.810  1.00 32.40 ? 56  PRO A CB  1 
ATOM   454  C  CG  . PRO A 1 56 ? 7.716   5.716   -5.929  1.00 30.33 ? 56  PRO A CG  1 
ATOM   455  C  CD  . PRO A 1 56 ? 7.657   5.123   -4.538  1.00 27.00 ? 56  PRO A CD  1 
ATOM   456  N  N   . GLU A 1 57 ? 10.819  4.348   -5.807  1.00 35.48 ? 57  GLU A N   1 
ATOM   457  C  CA  . GLU A 1 57 ? 12.222  4.541   -6.158  1.00 43.09 ? 57  GLU A CA  1 
ATOM   458  C  C   . GLU A 1 57 ? 12.878  3.217   -6.529  1.00 49.57 ? 57  GLU A C   1 
ATOM   459  O  O   . GLU A 1 57 ? 13.351  2.517   -5.606  1.00 56.79 ? 57  GLU A O   1 
ATOM   460  C  CB  . GLU A 1 57 ? 12.996  5.175   -5.000  1.00 40.40 ? 57  GLU A CB  1 
ATOM   461  C  CG  . GLU A 1 57 ? 14.481  5.341   -5.306  1.00 47.38 ? 57  GLU A CG  1 
ATOM   462  C  CD  . GLU A 1 57 ? 15.318  5.614   -4.071  1.00 50.39 ? 57  GLU A CD  1 
ATOM   463  O  OE1 . GLU A 1 57 ? 15.151  6.689   -3.455  1.00 53.75 ? 57  GLU A OE1 1 
ATOM   464  O  OE2 . GLU A 1 57 ? 16.146  4.746   -3.718  1.00 51.31 ? 57  GLU A OE2 1 
ATOM   465  N  N   . GLU B 1 1  ? 15.716  1.560   11.825  1.00 47.32 ? 1   GLU B N   1 
ATOM   466  C  CA  . GLU B 1 1  ? 14.454  0.852   12.207  1.00 43.97 ? 1   GLU B CA  1 
ATOM   467  C  C   . GLU B 1 1  ? 13.318  0.962   11.193  1.00 42.68 ? 1   GLU B C   1 
ATOM   468  O  O   . GLU B 1 1  ? 12.277  0.345   11.368  1.00 33.34 ? 1   GLU B O   1 
ATOM   469  C  CB  . GLU B 1 1  ? 13.976  1.334   13.570  1.00 41.09 ? 1   GLU B CB  1 
ATOM   470  C  CG  . GLU B 1 1  ? 12.580  0.860   13.938  1.00 49.86 ? 1   GLU B CG  1 
ATOM   471  C  CD  . GLU B 1 1  ? 12.492  0.561   15.402  1.00 50.18 ? 1   GLU B CD  1 
ATOM   472  O  OE1 . GLU B 1 1  ? 11.416  0.150   15.882  1.00 49.28 ? 1   GLU B OE1 1 
ATOM   473  O  OE2 . GLU B 1 1  ? 13.526  0.743   16.080  1.00 54.62 ? 1   GLU B OE2 1 
ATOM   474  N  N   . ILE B 1 2  ? 13.494  1.797   10.174  1.00 38.56 ? 2   ILE B N   1 
ATOM   475  C  CA  . ILE B 1 2  ? 12.518  1.908   9.091   1.00 36.08 ? 2   ILE B CA  1 
ATOM   476  C  C   . ILE B 1 2  ? 13.329  1.419   7.890   1.00 36.63 ? 2   ILE B C   1 
ATOM   477  O  O   . ILE B 1 2  ? 14.251  2.103   7.445   1.00 44.97 ? 2   ILE B O   1 
ATOM   478  C  CB  . ILE B 1 2  ? 12.098  3.359   8.774   1.00 32.04 ? 2   ILE B CB  1 
ATOM   479  C  CG1 . ILE B 1 2  ? 11.291  3.973   9.920   1.00 37.70 ? 2   ILE B CG1 1 
ATOM   480  C  CG2 . ILE B 1 2  ? 11.197  3.378   7.569   1.00 43.35 ? 2   ILE B CG2 1 
ATOM   481  C  CD1 . ILE B 1 2  ? 10.559  5.292   9.514   1.00 35.52 ? 2   ILE B CD1 1 
ATOM   482  N  N   . VAL B 1 3  ? 12.997  0.235   7.385   1.00 32.55 ? 3   VAL B N   1 
ATOM   483  C  CA  . VAL B 1 3  ? 13.678  -0.362  6.239   1.00 25.69 ? 3   VAL B CA  1 
ATOM   484  C  C   . VAL B 1 3  ? 12.996  0.019   4.904   1.00 29.14 ? 3   VAL B C   1 
ATOM   485  O  O   . VAL B 1 3  ? 11.851  -0.355  4.619   1.00 26.70 ? 3   VAL B O   1 
ATOM   486  C  CB  . VAL B 1 3  ? 13.746  -1.910  6.400   1.00 27.11 ? 3   VAL B CB  1 
ATOM   487  C  CG1 . VAL B 1 3  ? 14.669  -2.477  5.384   1.00 33.98 ? 3   VAL B CG1 1 
ATOM   488  C  CG2 . VAL B 1 3  ? 14.232  -2.294  7.811   1.00 35.05 ? 3   VAL B CG2 1 
ATOM   489  N  N   . LYS B 1 4  ? 13.719  0.801   4.110   1.00 26.14 ? 4   LYS B N   1 
ATOM   490  C  CA  . LYS B 1 4  ? 13.239  1.270   2.820   1.00 26.13 ? 4   LYS B CA  1 
ATOM   491  C  C   . LYS B 1 4  ? 13.555  0.272   1.723   1.00 29.20 ? 4   LYS B C   1 
ATOM   492  O  O   . LYS B 1 4  ? 14.710  -0.120  1.533   1.00 28.73 ? 4   LYS B O   1 
ATOM   493  C  CB  . LYS B 1 4  ? 13.863  2.629   2.488   1.00 21.77 ? 4   LYS B CB  1 
ATOM   494  C  CG  . LYS B 1 4  ? 13.543  3.684   3.523   1.00 28.35 ? 4   LYS B CG  1 
ATOM   495  C  CD  . LYS B 1 4  ? 14.175  5.013   3.182   1.00 34.42 ? 4   LYS B CD  1 
ATOM   496  C  CE  . LYS B 1 4  ? 13.809  6.068   4.214   1.00 39.76 ? 4   LYS B CE  1 
ATOM   497  N  NZ  . LYS B 1 4  ? 14.405  7.384   3.866   1.00 43.98 ? 4   LYS B NZ  1 
ATOM   498  N  N   . THR B 1 5  ? 12.511  -0.154  1.022   1.00 19.89 ? 5   THR B N   1 
ATOM   499  C  CA  . THR B 1 5  ? 12.650  -1.093  -0.080  1.00 22.95 ? 5   THR B CA  1 
ATOM   500  C  C   . THR B 1 5  ? 11.843  -0.567  -1.257  1.00 25.04 ? 5   THR B C   1 
ATOM   501  O  O   . THR B 1 5  ? 10.937  0.263   -1.096  1.00 18.65 ? 5   THR B O   1 
ATOM   502  C  CB  . THR B 1 5  ? 12.118  -2.498  0.278   1.00 32.38 ? 5   THR B CB  1 
ATOM   503  O  OG1 . THR B 1 5  ? 10.709  -2.426  0.531   1.00 31.03 ? 5   THR B OG1 1 
ATOM   504  C  CG2 . THR B 1 5  ? 12.828  -3.036  1.507   1.00 39.28 ? 5   THR B CG2 1 
ATOM   505  N  N   . LYS B 1 6  ? 12.185  -1.043  -2.446  1.00 16.54 ? 6   LYS B N   1 
ATOM   506  C  CA  . LYS B 1 6  ? 11.488  -0.629  -3.645  1.00 20.70 ? 6   LYS B CA  1 
ATOM   507  C  C   . LYS B 1 6  ? 10.331  -1.588  -3.897  1.00 17.87 ? 6   LYS B C   1 
ATOM   508  O  O   . LYS B 1 6  ? 10.411  -2.766  -3.553  1.00 20.76 ? 6   LYS B O   1 
ATOM   509  C  CB  . LYS B 1 6  ? 12.443  -0.643  -4.842  1.00 24.29 ? 6   LYS B CB  1 
ATOM   510  C  CG  . LYS B 1 6  ? 11.812  -0.154  -6.134  1.00 32.60 ? 6   LYS B CG  1 
ATOM   511  C  CD  . LYS B 1 6  ? 12.814  -0.111  -7.288  1.00 42.95 ? 6   LYS B CD  1 
ATOM   512  C  CE  . LYS B 1 6  ? 13.246  -1.504  -7.724  1.00 44.57 ? 6   LYS B CE  1 
ATOM   513  N  NZ  . LYS B 1 6  ? 14.154  -1.450  -8.907  1.00 44.27 ? 6   LYS B NZ  1 
ATOM   514  N  N   . ARG B 1 7  ? 9.253   -1.073  -4.482  1.00 14.52 ? 7   ARG B N   1 
ATOM   515  C  CA  . ARG B 1 7  ? 8.084   -1.882  -4.808  1.00 17.91 ? 7   ARG B CA  1 
ATOM   516  C  C   . ARG B 1 7  ? 8.554   -3.105  -5.594  1.00 15.98 ? 7   ARG B C   1 
ATOM   517  O  O   . ARG B 1 7  ? 9.289   -2.975  -6.576  1.00 16.81 ? 7   ARG B O   1 
ATOM   518  C  CB  . ARG B 1 7  ? 7.109   -1.072  -5.662  1.00 19.53 ? 7   ARG B CB  1 
ATOM   519  C  CG  . ARG B 1 7  ? 5.796   -1.768  -5.934  1.00 20.19 ? 7   ARG B CG  1 
ATOM   520  C  CD  . ARG B 1 7  ? 4.941   -0.944  -6.879  1.00 20.88 ? 7   ARG B CD  1 
ATOM   521  N  NE  . ARG B 1 7  ? 5.492   -0.900  -8.229  1.00 13.48 ? 7   ARG B NE  1 
ATOM   522  C  CZ  . ARG B 1 7  ? 5.736   0.219   -8.905  1.00 20.11 ? 7   ARG B CZ  1 
ATOM   523  N  NH1 . ARG B 1 7  ? 5.484   1.402   -8.359  1.00 23.76 ? 7   ARG B NH1 1 
ATOM   524  N  NH2 . ARG B 1 7  ? 6.222   0.157   -10.137 1.00 19.68 ? 7   ARG B NH2 1 
ATOM   525  N  N   . PHE B 1 8  ? 8.122   -4.287  -5.169  1.00 12.94 ? 8   PHE B N   1 
ATOM   526  C  CA  . PHE B 1 8  ? 8.543   -5.520  -5.825  1.00 13.86 ? 8   PHE B CA  1 
ATOM   527  C  C   . PHE B 1 8  ? 8.020   -5.677  -7.246  1.00 16.99 ? 8   PHE B C   1 
ATOM   528  O  O   . PHE B 1 8  ? 8.784   -6.018  -8.157  1.00 21.19 ? 8   PHE B O   1 
ATOM   529  C  CB  . PHE B 1 8  ? 8.122   -6.733  -4.999  1.00 14.22 ? 8   PHE B CB  1 
ATOM   530  C  CG  . PHE B 1 8  ? 8.938   -7.964  -5.281  1.00 16.33 ? 8   PHE B CG  1 
ATOM   531  C  CD1 . PHE B 1 8  ? 10.190  -8.126  -4.702  1.00 15.93 ? 8   PHE B CD1 1 
ATOM   532  C  CD2 . PHE B 1 8  ? 8.473   -8.936  -6.156  1.00 24.18 ? 8   PHE B CD2 1 
ATOM   533  C  CE1 . PHE B 1 8  ? 10.973  -9.243  -4.995  1.00 25.71 ? 8   PHE B CE1 1 
ATOM   534  C  CE2 . PHE B 1 8  ? 9.247   -10.057 -6.456  1.00 35.49 ? 8   PHE B CE2 1 
ATOM   535  C  CZ  . PHE B 1 8  ? 10.499  -10.209 -5.874  1.00 30.86 ? 8   PHE B CZ  1 
ATOM   536  N  N   . ALA B 1 9  ? 6.721   -5.450  -7.434  1.00 12.64 ? 9   ALA B N   1 
ATOM   537  C  CA  . ALA B 1 9  ? 6.101   -5.573  -8.753  1.00 9.45  ? 9   ALA B CA  1 
ATOM   538  C  C   . ALA B 1 9  ? 6.427   -4.337  -9.575  1.00 11.89 ? 9   ALA B C   1 
ATOM   539  O  O   . ALA B 1 9  ? 5.748   -3.319  -9.478  1.00 16.89 ? 9   ALA B O   1 
ATOM   540  C  CB  . ALA B 1 9  ? 4.585   -5.729  -8.614  1.00 13.44 ? 9   ALA B CB  1 
ATOM   541  N  N   . ILE B 1 10 ? 7.460   -4.449  -10.400 1.00 15.40 ? 10  ILE B N   1 
ATOM   542  C  CA  . ILE B 1 10 ? 7.928   -3.342  -11.224 1.00 16.40 ? 10  ILE B CA  1 
ATOM   543  C  C   . ILE B 1 10 ? 7.030   -2.941  -12.389 1.00 17.37 ? 10  ILE B C   1 
ATOM   544  O  O   . ILE B 1 10 ? 6.823   -1.759  -12.637 1.00 18.67 ? 10  ILE B O   1 
ATOM   545  C  CB  . ILE B 1 10 ? 9.335   -3.651  -11.780 1.00 16.65 ? 10  ILE B CB  1 
ATOM   546  C  CG1 . ILE B 1 10 ? 10.302  -3.906  -10.619 1.00 15.18 ? 10  ILE B CG1 1 
ATOM   547  C  CG2 . ILE B 1 10 ? 9.807   -2.506  -12.659 1.00 19.89 ? 10  ILE B CG2 1 
ATOM   548  C  CD1 . ILE B 1 10 ? 11.726  -4.269  -11.048 1.00 26.94 ? 10  ILE B CD1 1 
ATOM   549  N  N   . LYS B 1 11 ? 6.499   -3.928  -13.097 1.00 19.98 ? 11  LYS B N   1 
ATOM   550  C  CA  . LYS B 1 11 ? 5.659   -3.673  -14.259 1.00 16.23 ? 11  LYS B CA  1 
ATOM   551  C  C   . LYS B 1 11 ? 4.177   -3.529  -13.931 1.00 16.55 ? 11  LYS B C   1 
ATOM   552  O  O   . LYS B 1 11 ? 3.658   -4.198  -13.035 1.00 15.41 ? 11  LYS B O   1 
ATOM   553  C  CB  . LYS B 1 11 ? 5.878   -4.794  -15.277 1.00 19.95 ? 11  LYS B CB  1 
ATOM   554  C  CG  . LYS B 1 11 ? 7.357   -4.965  -15.613 1.00 29.93 ? 11  LYS B CG  1 
ATOM   555  C  CD  . LYS B 1 11 ? 7.659   -6.252  -16.361 1.00 31.02 ? 11  LYS B CD  1 
ATOM   556  C  CE  . LYS B 1 11 ? 7.345   -6.145  -17.838 1.00 44.11 ? 11  LYS B CE  1 
ATOM   557  N  NZ  . LYS B 1 11 ? 7.838   -7.349  -18.569 1.00 46.54 ? 11  LYS B NZ  1 
ATOM   558  N  N   . PRO B 1 12 ? 3.477   -2.644  -14.658 1.00 18.74 ? 12  PRO B N   1 
ATOM   559  C  CA  . PRO B 1 12 ? 2.044   -2.395  -14.460 1.00 16.46 ? 12  PRO B CA  1 
ATOM   560  C  C   . PRO B 1 12 ? 1.210   -3.649  -14.672 1.00 19.30 ? 12  PRO B C   1 
ATOM   561  O  O   . PRO B 1 12 ? 1.542   -4.493  -15.508 1.00 16.83 ? 12  PRO B O   1 
ATOM   562  C  CB  . PRO B 1 12 ? 1.729   -1.332  -15.511 1.00 24.64 ? 12  PRO B CB  1 
ATOM   563  C  CG  . PRO B 1 12 ? 3.025   -0.602  -15.656 1.00 32.80 ? 12  PRO B CG  1 
ATOM   564  C  CD  . PRO B 1 12 ? 4.021   -1.735  -15.679 1.00 26.73 ? 12  PRO B CD  1 
HETATM 565  N  N   . MSE B 1 13 ? 0.128   -3.771  -13.910 1.00 13.42 ? 13  MSE B N   1 
HETATM 566  C  CA  . MSE B 1 13 ? -0.763  -4.912  -14.032 1.00 15.74 ? 13  MSE B CA  1 
HETATM 567  C  C   . MSE B 1 13 ? -2.179  -4.524  -13.641 1.00 17.56 ? 13  MSE B C   1 
HETATM 568  O  O   . MSE B 1 13 ? -2.407  -3.454  -13.083 1.00 14.11 ? 13  MSE B O   1 
HETATM 569  C  CB  . MSE B 1 13 ? -0.283  -6.072  -13.158 1.00 18.15 ? 13  MSE B CB  1 
HETATM 570  C  CG  . MSE B 1 13 ? -0.148  -5.749  -11.692 1.00 13.93 ? 13  MSE B CG  1 
HETATM 571  SE SE  . MSE B 1 13 ? 0.307   -7.337  -10.684 1.00 29.54 ? 13  MSE B SE  1 
HETATM 572  C  CE  . MSE B 1 13 ? 2.190   -7.419  -11.060 1.00 24.12 ? 13  MSE B CE  1 
ATOM   573  N  N   . SER B 1 14 ? -3.127  -5.403  -13.947 1.00 15.38 ? 14  SER B N   1 
ATOM   574  C  CA  . SER B 1 14 ? -4.531  -5.163  -13.639 1.00 17.34 ? 14  SER B CA  1 
ATOM   575  C  C   . SER B 1 14 ? -4.787  -5.480  -12.178 1.00 16.17 ? 14  SER B C   1 
ATOM   576  O  O   . SER B 1 14 ? -4.031  -6.232  -11.559 1.00 13.29 ? 14  SER B O   1 
ATOM   577  C  CB  . SER B 1 14 ? -5.419  -6.062  -14.500 1.00 19.53 ? 14  SER B CB  1 
ATOM   578  O  OG  . SER B 1 14 ? -5.307  -7.412  -14.079 1.00 17.15 ? 14  SER B OG  1 
ATOM   579  N  N   . GLU B 1 15 ? -5.858  -4.924  -11.623 1.00 16.23 ? 15  GLU B N   1 
ATOM   580  C  CA  . GLU B 1 15 ? -6.174  -5.186  -10.227 1.00 13.75 ? 15  GLU B CA  1 
ATOM   581  C  C   . GLU B 1 15 ? -6.410  -6.679  -9.983  1.00 14.03 ? 15  GLU B C   1 
ATOM   582  O  O   . GLU B 1 15 ? -6.043  -7.198  -8.930  1.00 14.15 ? 15  GLU B O   1 
ATOM   583  C  CB  . GLU B 1 15 ? -7.397  -4.366  -9.793  1.00 19.49 ? 15  GLU B CB  1 
ATOM   584  C  CG  . GLU B 1 15 ? -8.608  -4.510  -10.695 1.00 30.68 ? 15  GLU B CG  1 
ATOM   585  C  CD  . GLU B 1 15 ? -9.754  -3.612  -10.270 1.00 37.54 ? 15  GLU B CD  1 
ATOM   586  O  OE1 . GLU B 1 15 ? -9.538  -2.387  -10.162 1.00 39.83 ? 15  GLU B OE1 1 
ATOM   587  O  OE2 . GLU B 1 15 ? -10.867 -4.131  -10.048 1.00 44.56 ? 15  GLU B OE2 1 
ATOM   588  N  N   . GLU B 1 16 ? -7.013  -7.369  -10.952 1.00 14.18 ? 16  GLU B N   1 
ATOM   589  C  CA  . GLU B 1 16 ? -7.264  -8.807  -10.822 1.00 14.78 ? 16  GLU B CA  1 
ATOM   590  C  C   . GLU B 1 16 ? -5.948  -9.573  -10.767 1.00 12.95 ? 16  GLU B C   1 
ATOM   591  O  O   . GLU B 1 16 ? -5.783  -10.505 -9.975  1.00 13.36 ? 16  GLU B O   1 
ATOM   592  C  CB  . GLU B 1 16 ? -8.085  -9.343  -12.005 1.00 20.48 ? 16  GLU B CB  1 
ATOM   593  C  CG  . GLU B 1 16 ? -9.550  -8.942  -12.037 1.00 30.88 ? 16  GLU B CG  1 
ATOM   594  C  CD  . GLU B 1 16 ? -9.768  -7.509  -12.493 1.00 35.03 ? 16  GLU B CD  1 
ATOM   595  O  OE1 . GLU B 1 16 ? -8.858  -6.926  -13.126 1.00 37.60 ? 16  GLU B OE1 1 
ATOM   596  O  OE2 . GLU B 1 16 ? -10.865 -6.967  -12.233 1.00 47.36 ? 16  GLU B OE2 1 
ATOM   597  N  N   . GLU B 1 17 ? -5.012  -9.199  -11.631 1.00 13.11 ? 17  GLU B N   1 
ATOM   598  C  CA  . GLU B 1 17 ? -3.725  -9.875  -11.630 1.00 10.36 ? 17  GLU B CA  1 
ATOM   599  C  C   . GLU B 1 17 ? -3.010  -9.591  -10.314 1.00 11.94 ? 17  GLU B C   1 
ATOM   600  O  O   . GLU B 1 17 ? -2.291  -10.445 -9.801  1.00 11.30 ? 17  GLU B O   1 
ATOM   601  C  CB  . GLU B 1 17 ? -2.843  -9.402  -12.790 1.00 12.48 ? 17  GLU B CB  1 
ATOM   602  C  CG  . GLU B 1 17 ? -1.563  -10.228 -12.916 1.00 16.34 ? 17  GLU B CG  1 
ATOM   603  C  CD  . GLU B 1 17 ? -0.615  -9.698  -13.974 1.00 23.19 ? 17  GLU B CD  1 
ATOM   604  O  OE1 . GLU B 1 17 ? -1.098  -9.157  -14.986 1.00 28.07 ? 17  GLU B OE1 1 
ATOM   605  O  OE2 . GLU B 1 17 ? 0.617   -9.838  -13.797 1.00 27.18 ? 17  GLU B OE2 1 
ATOM   606  N  N   . ALA B 1 18 ? -3.201  -8.389  -9.770  1.00 12.43 ? 18  ALA B N   1 
ATOM   607  C  CA  . ALA B 1 18 ? -2.558  -8.037  -8.508  1.00 12.65 ? 18  ALA B CA  1 
ATOM   608  C  C   . ALA B 1 18 ? -3.085  -8.905  -7.367  1.00 13.49 ? 18  ALA B C   1 
ATOM   609  O  O   . ALA B 1 18 ? -2.320  -9.341  -6.503  1.00 12.90 ? 18  ALA B O   1 
ATOM   610  C  CB  . ALA B 1 18 ? -2.780  -6.549  -8.187  1.00 11.77 ? 18  ALA B CB  1 
ATOM   611  N  N   . VAL B 1 19 ? -4.395  -9.145  -7.345  1.00 10.26 ? 19  VAL B N   1 
ATOM   612  C  CA  . VAL B 1 19 ? -4.967  -9.980  -6.291  1.00 12.85 ? 19  VAL B CA  1 
ATOM   613  C  C   . VAL B 1 19 ? -4.425  -11.398 -6.398  1.00 11.01 ? 19  VAL B C   1 
ATOM   614  O  O   . VAL B 1 19 ? -4.102  -12.033 -5.392  1.00 11.67 ? 19  VAL B O   1 
ATOM   615  C  CB  . VAL B 1 19 ? -6.511  -10.028 -6.371  1.00 12.02 ? 19  VAL B CB  1 
ATOM   616  C  CG1 . VAL B 1 19 ? -7.052  -11.071 -5.408  1.00 13.54 ? 19  VAL B CG1 1 
ATOM   617  C  CG2 . VAL B 1 19 ? -7.083  -8.669  -6.036  1.00 15.57 ? 19  VAL B CG2 1 
ATOM   618  N  N   . LEU B 1 20 ? -4.325  -11.897 -7.625  1.00 10.57 ? 20  LEU B N   1 
ATOM   619  C  CA  . LEU B 1 20 ? -3.805  -13.241 -7.861  1.00 8.81  ? 20  LEU B CA  1 
ATOM   620  C  C   . LEU B 1 20 ? -2.353  -13.328 -7.392  1.00 11.37 ? 20  LEU B C   1 
ATOM   621  O  O   . LEU B 1 20 ? -1.971  -14.264 -6.689  1.00 10.61 ? 20  LEU B O   1 
ATOM   622  C  CB  . LEU B 1 20 ? -3.909  -13.572 -9.354  1.00 9.70  ? 20  LEU B CB  1 
ATOM   623  C  CG  . LEU B 1 20 ? -3.381  -14.909 -9.881  1.00 14.78 ? 20  LEU B CG  1 
ATOM   624  C  CD1 . LEU B 1 20 ? -3.974  -16.070 -9.095  1.00 14.54 ? 20  LEU B CD1 1 
ATOM   625  C  CD2 . LEU B 1 20 ? -3.738  -15.019 -11.367 1.00 20.87 ? 20  LEU B CD2 1 
ATOM   626  N  N   . GLU B 1 21 ? -1.551  -12.341 -7.784  1.00 11.82 ? 21  GLU B N   1 
ATOM   627  C  CA  . GLU B 1 21 ? -0.141  -12.284 -7.398  1.00 10.63 ? 21  GLU B CA  1 
ATOM   628  C  C   . GLU B 1 21 ? 0.015   -12.225 -5.889  1.00 13.09 ? 21  GLU B C   1 
ATOM   629  O  O   . GLU B 1 21 ? 0.882   -12.891 -5.310  1.00 13.57 ? 21  GLU B O   1 
ATOM   630  C  CB  . GLU B 1 21 ? 0.529   -11.052 -8.009  1.00 11.04 ? 21  GLU B CB  1 
ATOM   631  C  CG  . GLU B 1 21 ? 0.894   -11.198 -9.465  1.00 12.55 ? 21  GLU B CG  1 
ATOM   632  C  CD  . GLU B 1 21 ? 1.909   -12.295 -9.686  1.00 16.57 ? 21  GLU B CD  1 
ATOM   633  O  OE1 . GLU B 1 21 ? 2.937   -12.303 -8.980  1.00 23.75 ? 21  GLU B OE1 1 
ATOM   634  O  OE2 . GLU B 1 21 ? 1.683   -13.146 -10.561 1.00 26.26 ? 21  GLU B OE2 1 
HETATM 635  N  N   . MSE B 1 22 ? -0.814  -11.413 -5.244  1.00 13.36 ? 22  MSE B N   1 
HETATM 636  C  CA  . MSE B 1 22 ? -0.729  -11.296 -3.798  1.00 14.01 ? 22  MSE B CA  1 
HETATM 637  C  C   . MSE B 1 22 ? -0.932  -12.657 -3.159  1.00 11.17 ? 22  MSE B C   1 
HETATM 638  O  O   . MSE B 1 22 ? -0.209  -13.029 -2.236  1.00 14.42 ? 22  MSE B O   1 
HETATM 639  C  CB  . MSE B 1 22 ? -1.771  -10.308 -3.265  1.00 11.65 ? 22  MSE B CB  1 
HETATM 640  C  CG  . MSE B 1 22 ? -1.792  -10.217 -1.750  1.00 13.16 ? 22  MSE B CG  1 
HETATM 641  SE SE  . MSE B 1 22 ? -3.138  -8.943  -1.176  1.00 25.46 ? 22  MSE B SE  1 
HETATM 642  C  CE  . MSE B 1 22 ? -4.670  -9.729  -2.018  1.00 15.87 ? 22  MSE B CE  1 
ATOM   643  N  N   . GLU B 1 23 ? -1.905  -13.413 -3.655  1.00 10.56 ? 23  GLU B N   1 
ATOM   644  C  CA  . GLU B 1 23 ? -2.174  -14.733 -3.104  0.50 3.59  ? 23  GLU B CA  1 
ATOM   645  C  C   . GLU B 1 23 ? -1.088  -15.762 -3.423  1.00 10.83 ? 23  GLU B C   1 
ATOM   646  O  O   . GLU B 1 23 ? -0.688  -16.538 -2.553  1.00 13.63 ? 23  GLU B O   1 
ATOM   647  C  CB  . GLU B 1 23 ? -3.528  -15.236 -3.598  0.50 14.22 ? 23  GLU B CB  1 
ATOM   648  C  CG  . GLU B 1 23 ? -4.695  -14.435 -3.057  0.50 18.34 ? 23  GLU B CG  1 
ATOM   649  C  CD  . GLU B 1 23 ? -4.760  -14.476 -1.543  0.50 25.65 ? 23  GLU B CD  1 
ATOM   650  O  OE1 . GLU B 1 23 ? -4.752  -15.592 -0.983  0.50 31.43 ? 23  GLU B OE1 1 
ATOM   651  O  OE2 . GLU B 1 23 ? -4.819  -13.399 -0.915  0.50 26.76 ? 23  GLU B OE2 1 
ATOM   652  N  N   . LEU B 1 24 ? -0.616  -15.771 -4.667  1.00 10.28 ? 24  LEU B N   1 
ATOM   653  C  CA  . LEU B 1 24 ? 0.419   -16.716 -5.086  1.00 12.73 ? 24  LEU B CA  1 
ATOM   654  C  C   . LEU B 1 24 ? 1.707   -16.496 -4.308  1.00 10.36 ? 24  LEU B C   1 
ATOM   655  O  O   . LEU B 1 24 ? 2.426   -17.448 -4.001  1.00 12.20 ? 24  LEU B O   1 
ATOM   656  C  CB  . LEU B 1 24 ? 0.707   -16.563 -6.586  1.00 11.27 ? 24  LEU B CB  1 
ATOM   657  C  CG  . LEU B 1 24 ? -0.398  -16.985 -7.559  1.00 16.89 ? 24  LEU B CG  1 
ATOM   658  C  CD1 . LEU B 1 24 ? -0.039  -16.546 -8.975  1.00 19.65 ? 24  LEU B CD1 1 
ATOM   659  C  CD2 . LEU B 1 24 ? -0.583  -18.487 -7.500  1.00 23.06 ? 24  LEU B CD2 1 
ATOM   660  N  N   . LEU B 1 25 ? 1.989   -15.237 -3.989  1.00 8.97  ? 25  LEU B N   1 
ATOM   661  C  CA  . LEU B 1 25 ? 3.202   -14.879 -3.258  1.00 10.57 ? 25  LEU B CA  1 
ATOM   662  C  C   . LEU B 1 25 ? 3.051   -14.967 -1.739  1.00 18.01 ? 25  LEU B C   1 
ATOM   663  O  O   . LEU B 1 25 ? 4.041   -14.905 -1.005  1.00 15.21 ? 25  LEU B O   1 
ATOM   664  C  CB  . LEU B 1 25 ? 3.641   -13.479 -3.665  1.00 12.76 ? 25  LEU B CB  1 
ATOM   665  C  CG  . LEU B 1 25 ? 4.029   -13.362 -5.142  1.00 12.53 ? 25  LEU B CG  1 
ATOM   666  C  CD1 . LEU B 1 25 ? 4.162   -11.893 -5.524  1.00 18.19 ? 25  LEU B CD1 1 
ATOM   667  C  CD2 . LEU B 1 25 ? 5.333   -14.123 -5.399  1.00 18.18 ? 25  LEU B CD2 1 
ATOM   668  N  N   . GLY B 1 26 ? 1.811   -15.102 -1.276  1.00 12.37 ? 26  GLY B N   1 
ATOM   669  C  CA  . GLY B 1 26 ? 1.553   -15.241 0.148   1.00 12.67 ? 26  GLY B CA  1 
ATOM   670  C  C   . GLY B 1 26 ? 1.512   -13.999 1.015   1.00 17.26 ? 26  GLY B C   1 
ATOM   671  O  O   . GLY B 1 26 ? 1.752   -14.080 2.227   1.00 14.38 ? 26  GLY B O   1 
ATOM   672  N  N   . HIS B 1 27 ? 1.193   -12.853 0.424   1.00 9.22  ? 27  HIS B N   1 
ATOM   673  C  CA  . HIS B 1 27 ? 1.141   -11.609 1.184   1.00 11.13 ? 27  HIS B CA  1 
ATOM   674  C  C   . HIS B 1 27 ? -0.266  -11.174 1.570   1.00 11.20 ? 27  HIS B C   1 
ATOM   675  O  O   . HIS B 1 27 ? -1.246  -11.680 1.024   1.00 15.42 ? 27  HIS B O   1 
ATOM   676  C  CB  . HIS B 1 27 ? 1.843   -10.504 0.398   1.00 15.46 ? 27  HIS B CB  1 
ATOM   677  C  CG  . HIS B 1 27 ? 3.324   -10.676 0.342   1.00 17.24 ? 27  HIS B CG  1 
ATOM   678  N  ND1 . HIS B 1 27 ? 4.202   -9.837  1.007   1.00 17.86 ? 27  HIS B ND1 1 
ATOM   679  C  CD2 . HIS B 1 27 ? 4.094   -11.619 -0.250  1.00 15.70 ? 27  HIS B CD2 1 
ATOM   680  C  CE1 . HIS B 1 27 ? 5.436   -10.264 0.827   1.00 22.23 ? 27  HIS B CE1 1 
ATOM   681  N  NE2 . HIS B 1 27 ? 5.400   -11.346 0.067   1.00 15.84 ? 27  HIS B NE2 1 
ATOM   682  N  N   . ASN B 1 28 ? -0.339  -10.241 2.524   1.00 13.43 ? 28  ASN B N   1 
ATOM   683  C  CA  . ASN B 1 28 ? -1.602  -9.704  3.042   1.00 17.01 ? 28  ASN B CA  1 
ATOM   684  C  C   . ASN B 1 28 ? -1.997  -8.402  2.348   1.00 15.30 ? 28  ASN B C   1 
ATOM   685  O  O   . ASN B 1 28 ? -3.133  -7.950  2.455   1.00 15.15 ? 28  ASN B O   1 
ATOM   686  C  CB  . ASN B 1 28 ? -1.493  -9.474  4.555   1.00 20.50 ? 28  ASN B CB  1 
ATOM   687  C  CG  . ASN B 1 28 ? -1.414  -10.776 5.340   1.00 36.42 ? 28  ASN B CG  1 
ATOM   688  O  OD1 . ASN B 1 28 ? -1.075  -10.780 6.525   1.00 42.49 ? 28  ASN B OD1 1 
ATOM   689  N  ND2 . ASN B 1 28 ? -1.741  -11.884 4.687   1.00 38.28 ? 28  ASN B ND2 1 
ATOM   690  N  N   . PHE B 1 29 ? -1.043  -7.782  1.666   1.00 12.78 ? 29  PHE B N   1 
ATOM   691  C  CA  . PHE B 1 29 ? -1.315  -6.574  0.903   1.00 9.44  ? 29  PHE B CA  1 
ATOM   692  C  C   . PHE B 1 29 ? -0.291  -6.581  -0.221  1.00 10.52 ? 29  PHE B C   1 
ATOM   693  O  O   . PHE B 1 29 ? 0.734   -7.247  -0.111  1.00 12.56 ? 29  PHE B O   1 
ATOM   694  C  CB  . PHE B 1 29 ? -1.216  -5.319  1.780   1.00 11.50 ? 29  PHE B CB  1 
ATOM   695  C  CG  . PHE B 1 29 ? 0.174   -4.948  2.176   1.00 13.20 ? 29  PHE B CG  1 
ATOM   696  C  CD1 . PHE B 1 29 ? 0.968   -4.175  1.335   1.00 14.06 ? 29  PHE B CD1 1 
ATOM   697  C  CD2 . PHE B 1 29 ? 0.682   -5.341  3.404   1.00 15.14 ? 29  PHE B CD2 1 
ATOM   698  C  CE1 . PHE B 1 29 ? 2.258   -3.794  1.721   1.00 15.94 ? 29  PHE B CE1 1 
ATOM   699  C  CE2 . PHE B 1 29 ? 1.969   -4.966  3.799   1.00 15.26 ? 29  PHE B CE2 1 
ATOM   700  C  CZ  . PHE B 1 29 ? 2.753   -4.191  2.954   1.00 14.30 ? 29  PHE B CZ  1 
ATOM   701  N  N   . PHE B 1 30 ? -0.568  -5.867  -1.302  1.00 9.78  ? 30  PHE B N   1 
ATOM   702  C  CA  . PHE B 1 30 ? 0.336   -5.885  -2.453  1.00 8.41  ? 30  PHE B CA  1 
ATOM   703  C  C   . PHE B 1 30 ? 0.280   -4.539  -3.167  1.00 11.95 ? 30  PHE B C   1 
ATOM   704  O  O   . PHE B 1 30 ? -0.793  -4.082  -3.569  1.00 9.86  ? 30  PHE B O   1 
ATOM   705  C  CB  . PHE B 1 30 ? -0.111  -7.031  -3.382  1.00 5.77  ? 30  PHE B CB  1 
ATOM   706  C  CG  . PHE B 1 30 ? 0.838   -7.332  -4.514  1.00 9.35  ? 30  PHE B CG  1 
ATOM   707  C  CD1 . PHE B 1 30 ? 2.013   -8.047  -4.291  1.00 14.68 ? 30  PHE B CD1 1 
ATOM   708  C  CD2 . PHE B 1 30 ? 0.522   -6.955  -5.811  1.00 11.79 ? 30  PHE B CD2 1 
ATOM   709  C  CE1 . PHE B 1 30 ? 2.848   -8.390  -5.356  1.00 16.12 ? 30  PHE B CE1 1 
ATOM   710  C  CE2 . PHE B 1 30 ? 1.348   -7.290  -6.874  1.00 13.50 ? 30  PHE B CE2 1 
ATOM   711  C  CZ  . PHE B 1 30 ? 2.510   -8.008  -6.648  1.00 11.55 ? 30  PHE B CZ  1 
ATOM   712  N  N   . VAL B 1 31 ? 1.437   -3.892  -3.299  1.00 8.85  ? 31  VAL B N   1 
ATOM   713  C  CA  . VAL B 1 31 ? 1.533   -2.592  -3.955  1.00 7.19  ? 31  VAL B CA  1 
ATOM   714  C  C   . VAL B 1 31 ? 1.849   -2.811  -5.426  1.00 12.26 ? 31  VAL B C   1 
ATOM   715  O  O   . VAL B 1 31 ? 2.736   -3.595  -5.762  1.00 10.19 ? 31  VAL B O   1 
ATOM   716  C  CB  . VAL B 1 31 ? 2.666   -1.740  -3.329  1.00 9.39  ? 31  VAL B CB  1 
ATOM   717  C  CG1 . VAL B 1 31 ? 2.691   -0.358  -3.959  1.00 11.98 ? 31  VAL B CG1 1 
ATOM   718  C  CG2 . VAL B 1 31 ? 2.472   -1.650  -1.821  1.00 9.68  ? 31  VAL B CG2 1 
ATOM   719  N  N   . PHE B 1 32 ? 1.136   -2.124  -6.310  1.00 9.57  ? 32  PHE B N   1 
ATOM   720  C  CA  . PHE B 1 32 ? 1.384   -2.294  -7.735  1.00 13.83 ? 32  PHE B CA  1 
ATOM   721  C  C   . PHE B 1 32 ? 1.004   -1.070  -8.552  1.00 14.81 ? 32  PHE B C   1 
ATOM   722  O  O   . PHE B 1 32 ? 0.253   -0.205  -8.099  1.00 17.27 ? 32  PHE B O   1 
ATOM   723  C  CB  . PHE B 1 32 ? 0.613   -3.512  -8.260  1.00 12.15 ? 32  PHE B CB  1 
ATOM   724  C  CG  . PHE B 1 32 ? -0.881  -3.306  -8.339  1.00 13.45 ? 32  PHE B CG  1 
ATOM   725  C  CD1 . PHE B 1 32 ? -1.513  -3.192  -9.568  1.00 12.28 ? 32  PHE B CD1 1 
ATOM   726  C  CD2 . PHE B 1 32 ? -1.653  -3.233  -7.179  1.00 10.22 ? 32  PHE B CD2 1 
ATOM   727  C  CE1 . PHE B 1 32 ? -2.896  -3.002  -9.651  1.00 17.95 ? 32  PHE B CE1 1 
ATOM   728  C  CE2 . PHE B 1 32 ? -3.037  -3.044  -7.251  1.00 13.95 ? 32  PHE B CE2 1 
ATOM   729  C  CZ  . PHE B 1 32 ? -3.658  -2.930  -8.489  1.00 11.15 ? 32  PHE B CZ  1 
ATOM   730  N  N   . GLN B 1 33 ? 1.540   -1.007  -9.763  1.00 9.64  ? 33  GLN B N   1 
ATOM   731  C  CA  . GLN B 1 33 ? 1.242   0.082   -10.681 1.00 15.03 ? 33  GLN B CA  1 
ATOM   732  C  C   . GLN B 1 33 ? 0.034   -0.407  -11.468 1.00 17.69 ? 33  GLN B C   1 
ATOM   733  O  O   . GLN B 1 33 ? 0.142   -1.375  -12.214 1.00 15.87 ? 33  GLN B O   1 
ATOM   734  C  CB  . GLN B 1 33 ? 2.428   0.299   -11.624 1.00 18.73 ? 33  GLN B CB  1 
ATOM   735  C  CG  . GLN B 1 33 ? 2.180   1.289   -12.743 1.00 32.14 ? 33  GLN B CG  1 
ATOM   736  C  CD  . GLN B 1 33 ? 2.308   2.723   -12.288 1.00 40.51 ? 33  GLN B CD  1 
ATOM   737  O  OE1 . GLN B 1 33 ? 1.559   3.184   -11.429 1.00 45.64 ? 33  GLN B OE1 1 
ATOM   738  N  NE2 . GLN B 1 33 ? 3.267   3.439   -12.864 1.00 44.62 ? 33  GLN B NE2 1 
ATOM   739  N  N   . ASN B 1 34 ? -1.115  0.235   -11.282 1.00 16.57 ? 34  ASN B N   1 
ATOM   740  C  CA  . ASN B 1 34 ? -2.330  -0.166  -11.985 1.00 16.52 ? 34  ASN B CA  1 
ATOM   741  C  C   . ASN B 1 34 ? -2.205  0.225   -13.452 1.00 20.49 ? 34  ASN B C   1 
ATOM   742  O  O   . ASN B 1 34 ? -2.073  1.404   -13.773 1.00 19.54 ? 34  ASN B O   1 
ATOM   743  C  CB  . ASN B 1 34 ? -3.553  0.524   -11.370 1.00 20.74 ? 34  ASN B CB  1 
ATOM   744  C  CG  . ASN B 1 34 ? -4.862  -0.051  -11.876 1.00 23.67 ? 34  ASN B CG  1 
ATOM   745  O  OD1 . ASN B 1 34 ? -5.012  -0.314  -13.065 1.00 29.46 ? 34  ASN B OD1 1 
ATOM   746  N  ND2 . ASN B 1 34 ? -5.820  -0.241  -10.974 1.00 23.73 ? 34  ASN B ND2 1 
ATOM   747  N  N   . GLY B 1 35 ? -2.247  -0.766  -14.337 1.00 18.60 ? 35  GLY B N   1 
ATOM   748  C  CA  . GLY B 1 35 ? -2.120  -0.493  -15.757 1.00 22.33 ? 35  GLY B CA  1 
ATOM   749  C  C   . GLY B 1 35 ? -3.315  0.207   -16.377 1.00 25.33 ? 35  GLY B C   1 
ATOM   750  O  O   . GLY B 1 35 ? -3.235  0.691   -17.504 1.00 32.59 ? 35  GLY B O   1 
ATOM   751  N  N   . ASP B 1 36 ? -4.422  0.262   -15.644 1.00 23.87 ? 36  ASP B N   1 
ATOM   752  C  CA  . ASP B 1 36 ? -5.637  0.905   -16.136 1.00 37.71 ? 36  ASP B CA  1 
ATOM   753  C  C   . ASP B 1 36 ? -5.606  2.414   -15.929 1.00 39.69 ? 36  ASP B C   1 
ATOM   754  O  O   . ASP B 1 36 ? -6.075  3.172   -16.774 1.00 45.77 ? 36  ASP B O   1 
ATOM   755  C  CB  . ASP B 1 36 ? -6.863  0.314   -15.428 1.00 40.35 ? 36  ASP B CB  1 
ATOM   756  C  CG  . ASP B 1 36 ? -8.152  1.046   -15.768 1.00 51.55 ? 36  ASP B CG  1 
ATOM   757  O  OD1 . ASP B 1 36 ? -8.336  2.194   -15.306 1.00 56.10 ? 36  ASP B OD1 1 
ATOM   758  O  OD2 . ASP B 1 36 ? -8.986  0.470   -16.502 1.00 54.96 ? 36  ASP B OD2 1 
ATOM   759  N  N   . SER B 1 37 ? -5.044  2.844   -14.805 1.00 40.36 ? 37  SER B N   1 
ATOM   760  C  CA  . SER B 1 37 ? -4.983  4.263   -14.482 1.00 32.63 ? 37  SER B CA  1 
ATOM   761  C  C   . SER B 1 37 ? -3.566  4.815   -14.418 1.00 40.85 ? 37  SER B C   1 
ATOM   762  O  O   . SER B 1 37 ? -3.373  6.006   -14.174 1.00 43.04 ? 37  SER B O   1 
ATOM   763  C  CB  . SER B 1 37 ? -5.674  4.510   -13.144 1.00 36.90 ? 37  SER B CB  1 
ATOM   764  O  OG  . SER B 1 37 ? -5.001  3.823   -12.102 1.00 36.98 ? 37  SER B OG  1 
ATOM   765  N  N   . ASN B 1 38 ? -2.579  3.952   -14.632 1.00 37.12 ? 38  ASN B N   1 
ATOM   766  C  CA  . ASN B 1 38 ? -1.180  4.366   -14.589 1.00 37.18 ? 38  ASN B CA  1 
ATOM   767  C  C   . ASN B 1 38 ? -0.795  4.918   -13.218 1.00 33.55 ? 38  ASN B C   1 
ATOM   768  O  O   . ASN B 1 38 ? 0.161   5.685   -13.097 1.00 39.04 ? 38  ASN B O   1 
ATOM   769  C  CB  . ASN B 1 38 ? -0.904  5.430   -15.660 1.00 40.60 ? 38  ASN B CB  1 
ATOM   770  C  CG  . ASN B 1 38 ? -1.050  4.894   -17.073 1.00 50.51 ? 38  ASN B CG  1 
ATOM   771  O  OD1 . ASN B 1 38 ? -0.951  5.646   -18.047 1.00 50.77 ? 38  ASN B OD1 1 
ATOM   772  N  ND2 . ASN B 1 38 ? -1.280  3.591   -17.195 1.00 46.95 ? 38  ASN B ND2 1 
ATOM   773  N  N   . GLU B 1 39 ? -1.534  4.533   -12.183 1.00 25.98 ? 39  GLU B N   1 
ATOM   774  C  CA  . GLU B 1 39 ? -1.232  5.001   -10.835 0.50 20.89 ? 39  GLU B CA  1 
ATOM   775  C  C   . GLU B 1 39 ? -0.979  3.837   -9.887  1.00 22.91 ? 39  GLU B C   1 
ATOM   776  O  O   . GLU B 1 39 ? -1.434  2.718   -10.122 1.00 18.44 ? 39  GLU B O   1 
ATOM   777  C  CB  . GLU B 1 39 ? -2.383  5.859   -10.298 0.50 22.56 ? 39  GLU B CB  1 
ATOM   778  C  CG  . GLU B 1 39 ? -2.738  7.043   -11.189 0.50 28.38 ? 39  GLU B CG  1 
ATOM   779  C  CD  . GLU B 1 39 ? -3.945  7.810   -10.687 0.50 35.37 ? 39  GLU B CD  1 
ATOM   780  O  OE1 . GLU B 1 39 ? -4.739  7.227   -9.921  0.50 37.08 ? 39  GLU B OE1 1 
ATOM   781  O  OE2 . GLU B 1 39 ? -4.108  8.991   -11.068 0.50 38.89 ? 39  GLU B OE2 1 
ATOM   782  N  N   . VAL B 1 40 ? -0.239  4.110   -8.818  1.00 20.36 ? 40  VAL B N   1 
ATOM   783  C  CA  . VAL B 1 40 ? 0.058   3.087   -7.830  1.00 18.02 ? 40  VAL B CA  1 
ATOM   784  C  C   . VAL B 1 40 ? -1.193  2.836   -7.001  1.00 20.26 ? 40  VAL B C   1 
ATOM   785  O  O   . VAL B 1 40 ? -1.868  3.772   -6.565  1.00 21.16 ? 40  VAL B O   1 
ATOM   786  C  CB  . VAL B 1 40 ? 1.197   3.522   -6.891  1.00 18.38 ? 40  VAL B CB  1 
ATOM   787  C  CG1 . VAL B 1 40 ? 1.319   2.550   -5.737  1.00 18.63 ? 40  VAL B CG1 1 
ATOM   788  C  CG2 . VAL B 1 40 ? 2.506   3.581   -7.657  1.00 24.54 ? 40  VAL B CG2 1 
ATOM   789  N  N   . ASN B 1 41 ? -1.498  1.562   -6.806  1.00 13.05 ? 41  ASN B N   1 
ATOM   790  C  CA  . ASN B 1 41 ? -2.652  1.133   -6.028  1.00 12.12 ? 41  ASN B CA  1 
ATOM   791  C  C   . ASN B 1 41 ? -2.166  0.064   -5.057  1.00 12.66 ? 41  ASN B C   1 
ATOM   792  O  O   . ASN B 1 41 ? -1.048  -0.442  -5.185  1.00 14.53 ? 41  ASN B O   1 
ATOM   793  C  CB  . ASN B 1 41 ? -3.713  0.497   -6.928  1.00 11.44 ? 41  ASN B CB  1 
ATOM   794  C  CG  . ASN B 1 41 ? -4.484  1.507   -7.764  1.00 18.42 ? 41  ASN B CG  1 
ATOM   795  O  OD1 . ASN B 1 41 ? -4.220  2.713   -7.742  1.00 20.54 ? 41  ASN B OD1 1 
ATOM   796  N  ND2 . ASN B 1 41 ? -5.454  1.007   -8.513  1.00 13.51 ? 41  ASN B ND2 1 
ATOM   797  N  N   . VAL B 1 42 ? -3.013  -0.292  -4.102  1.00 9.00  ? 42  VAL B N   1 
ATOM   798  C  CA  . VAL B 1 42 ? -2.677  -1.321  -3.131  1.00 9.67  ? 42  VAL B CA  1 
ATOM   799  C  C   . VAL B 1 42 ? -3.881  -2.233  -2.922  1.00 14.31 ? 42  VAL B C   1 
ATOM   800  O  O   . VAL B 1 42 ? -4.973  -1.760  -2.608  1.00 13.86 ? 42  VAL B O   1 
ATOM   801  C  CB  . VAL B 1 42 ? -2.291  -0.701  -1.767  1.00 6.31  ? 42  VAL B CB  1 
ATOM   802  C  CG1 . VAL B 1 42 ? -1.878  -1.797  -0.790  1.00 12.54 ? 42  VAL B CG1 1 
ATOM   803  C  CG2 . VAL B 1 42 ? -1.148  0.302   -1.955  1.00 7.68  ? 42  VAL B CG2 1 
ATOM   804  N  N   . VAL B 1 43 ? -3.697  -3.533  -3.130  1.00 10.89 ? 43  VAL B N   1 
ATOM   805  C  CA  . VAL B 1 43 ? -4.783  -4.472  -2.898  1.00 12.17 ? 43  VAL B CA  1 
ATOM   806  C  C   . VAL B 1 43 ? -4.463  -5.156  -1.584  1.00 11.41 ? 43  VAL B C   1 
ATOM   807  O  O   . VAL B 1 43 ? -3.299  -5.248  -1.189  1.00 11.78 ? 43  VAL B O   1 
ATOM   808  C  CB  . VAL B 1 43 ? -4.929  -5.539  -4.027  1.00 17.23 ? 43  VAL B CB  1 
ATOM   809  C  CG1 . VAL B 1 43 ? -5.552  -4.911  -5.257  1.00 15.26 ? 43  VAL B CG1 1 
ATOM   810  C  CG2 . VAL B 1 43 ? -3.582  -6.139  -4.377  1.00 10.28 ? 43  VAL B CG2 1 
ATOM   811  N  N   . TYR B 1 44 ? -5.495  -5.613  -0.890  1.00 9.66  ? 44  TYR B N   1 
ATOM   812  C  CA  . TYR B 1 44 ? -5.301  -6.276  0.388   1.00 11.94 ? 44  TYR B CA  1 
ATOM   813  C  C   . TYR B 1 44 ? -6.472  -7.200  0.668   1.00 12.02 ? 44  TYR B C   1 
ATOM   814  O  O   . TYR B 1 44 ? -7.525  -7.091  0.041   1.00 13.50 ? 44  TYR B O   1 
ATOM   815  C  CB  . TYR B 1 44 ? -5.157  -5.230  1.503   1.00 13.86 ? 44  TYR B CB  1 
ATOM   816  C  CG  . TYR B 1 44 ? -6.400  -4.391  1.721   1.00 14.87 ? 44  TYR B CG  1 
ATOM   817  C  CD1 . TYR B 1 44 ? -7.343  -4.745  2.685   1.00 27.72 ? 44  TYR B CD1 1 
ATOM   818  C  CD2 . TYR B 1 44 ? -6.648  -3.265  0.940   1.00 12.14 ? 44  TYR B CD2 1 
ATOM   819  C  CE1 . TYR B 1 44 ? -8.508  -3.995  2.867   1.00 21.28 ? 44  TYR B CE1 1 
ATOM   820  C  CE2 . TYR B 1 44 ? -7.814  -2.509  1.112   1.00 16.42 ? 44  TYR B CE2 1 
ATOM   821  C  CZ  . TYR B 1 44 ? -8.735  -2.882  2.075   1.00 28.70 ? 44  TYR B CZ  1 
ATOM   822  O  OH  . TYR B 1 44 ? -9.890  -2.143  2.245   1.00 26.57 ? 44  TYR B OH  1 
ATOM   823  N  N   . LYS B 1 45 ? -6.278  -8.124  1.599   1.00 16.21 ? 45  LYS B N   1 
ATOM   824  C  CA  . LYS B 1 45 ? -7.327  -9.063  1.957   1.00 17.68 ? 45  LYS B CA  1 
ATOM   825  C  C   . LYS B 1 45 ? -7.994  -8.560  3.229   1.00 19.65 ? 45  LYS B C   1 
ATOM   826  O  O   . LYS B 1 45 ? -7.319  -8.253  4.208   1.00 24.03 ? 45  LYS B O   1 
ATOM   827  C  CB  . LYS B 1 45 ? -6.734  -10.455 2.185   1.00 27.68 ? 45  LYS B CB  1 
ATOM   828  C  CG  . LYS B 1 45 ? -7.774  -11.556 2.281   1.00 27.49 ? 45  LYS B CG  1 
ATOM   829  C  CD  . LYS B 1 45 ? -7.148  -12.927 2.098   1.00 37.35 ? 45  LYS B CD  1 
ATOM   830  C  CE  . LYS B 1 45 ? -8.221  -13.982 1.920   1.00 40.80 ? 45  LYS B CE  1 
ATOM   831  N  NZ  . LYS B 1 45 ? -7.638  -15.318 1.616   1.00 42.65 ? 45  LYS B NZ  1 
ATOM   832  N  N   . ARG B 1 46 ? -9.317  -8.458  3.204   1.00 27.53 ? 46  ARG B N   1 
ATOM   833  C  CA  . ARG B 1 46 ? -10.063 -7.988  4.365   1.00 38.92 ? 46  ARG B CA  1 
ATOM   834  C  C   . ARG B 1 46 ? -10.877 -9.103  5.013   1.00 42.90 ? 46  ARG B C   1 
ATOM   835  O  O   . ARG B 1 46 ? -11.458 -9.939  4.320   1.00 42.24 ? 46  ARG B O   1 
ATOM   836  C  CB  . ARG B 1 46 ? -10.981 -6.827  3.962   1.00 38.02 ? 46  ARG B CB  1 
ATOM   837  C  CG  . ARG B 1 46 ? -11.496 -6.899  2.533   1.00 34.03 ? 46  ARG B CG  1 
ATOM   838  C  CD  . ARG B 1 46 ? -12.346 -5.684  2.164   1.00 38.56 ? 46  ARG B CD  1 
ATOM   839  N  NE  . ARG B 1 46 ? -13.749 -5.842  2.545   1.00 41.27 ? 46  ARG B NE  1 
ATOM   840  C  CZ  . ARG B 1 46 ? -14.683 -4.907  2.381   1.00 42.27 ? 46  ARG B CZ  1 
ATOM   841  N  NH1 . ARG B 1 46 ? -14.372 -3.734  1.845   1.00 29.93 ? 46  ARG B NH1 1 
ATOM   842  N  NH2 . ARG B 1 46 ? -15.931 -5.147  2.750   1.00 39.01 ? 46  ARG B NH2 1 
ATOM   843  N  N   . LYS B 1 47 ? -10.899 -9.118  6.345   1.00 50.57 ? 47  LYS B N   1 
ATOM   844  C  CA  . LYS B 1 47 ? -11.657 -10.119 7.092   1.00 49.09 ? 47  LYS B CA  1 
ATOM   845  C  C   . LYS B 1 47 ? -13.133 -9.965  6.762   1.00 51.24 ? 47  LYS B C   1 
ATOM   846  O  O   . LYS B 1 47 ? -13.897 -9.366  7.519   1.00 59.56 ? 47  LYS B O   1 
ATOM   847  C  CB  . LYS B 1 47 ? -11.439 -9.944  8.598   1.00 52.22 ? 47  LYS B CB  1 
ATOM   848  C  CG  . LYS B 1 47 ? -10.242 -10.701 9.154   1.00 53.20 ? 47  LYS B CG  1 
ATOM   849  C  CD  . LYS B 1 47 ? -10.464 -12.207 9.071   1.00 56.21 ? 47  LYS B CD  1 
ATOM   850  C  CE  . LYS B 1 47 ? -9.352  -12.985 9.764   1.00 56.86 ? 47  LYS B CE  1 
ATOM   851  N  NZ  . LYS B 1 47 ? -8.026  -12.778 9.116   1.00 56.09 ? 47  LYS B NZ  1 
ATOM   852  N  N   . ASP B 1 48 ? -13.519 -10.514 5.616   1.00 48.62 ? 48  ASP B N   1 
ATOM   853  C  CA  . ASP B 1 48 ? -14.888 -10.444 5.129   1.00 48.93 ? 48  ASP B CA  1 
ATOM   854  C  C   . ASP B 1 48 ? -14.987 -11.365 3.920   1.00 51.63 ? 48  ASP B C   1 
ATOM   855  O  O   . ASP B 1 48 ? -16.076 -11.639 3.411   1.00 52.31 ? 48  ASP B O   1 
ATOM   856  C  CB  . ASP B 1 48 ? -15.218 -9.002  4.727   1.00 49.15 ? 48  ASP B CB  1 
ATOM   857  C  CG  . ASP B 1 48 ? -16.534 -8.884  3.988   1.00 51.74 ? 48  ASP B CG  1 
ATOM   858  O  OD1 . ASP B 1 48 ? -17.559 -9.371  4.509   1.00 58.83 ? 48  ASP B OD1 1 
ATOM   859  O  OD2 . ASP B 1 48 ? -16.545 -8.294  2.885   1.00 52.72 ? 48  ASP B OD2 1 
ATOM   860  N  N   . GLY B 1 49 ? -13.831 -11.841 3.470   1.00 50.05 ? 49  GLY B N   1 
ATOM   861  C  CA  . GLY B 1 49 ? -13.788 -12.730 2.326   1.00 48.57 ? 49  GLY B CA  1 
ATOM   862  C  C   . GLY B 1 49 ? -13.411 -12.003 1.051   1.00 46.84 ? 49  GLY B C   1 
ATOM   863  O  O   . GLY B 1 49 ? -12.746 -12.561 0.178   1.00 50.59 ? 49  GLY B O   1 
ATOM   864  N  N   . ASN B 1 50 ? -13.837 -10.749 0.939   1.00 42.74 ? 50  ASN B N   1 
ATOM   865  C  CA  . ASN B 1 50 ? -13.536 -9.959  -0.243  1.00 28.11 ? 50  ASN B CA  1 
ATOM   866  C  C   . ASN B 1 50 ? -12.131 -9.369  -0.191  1.00 17.71 ? 50  ASN B C   1 
ATOM   867  O  O   . ASN B 1 50 ? -11.393 -9.543  0.777   1.00 23.68 ? 50  ASN B O   1 
ATOM   868  C  CB  . ASN B 1 50 ? -14.553 -8.825  -0.406  1.00 35.27 ? 50  ASN B CB  1 
ATOM   869  C  CG  . ASN B 1 50 ? -15.947 -9.326  -0.741  1.00 38.75 ? 50  ASN B CG  1 
ATOM   870  O  OD1 . ASN B 1 50 ? -16.153 -10.008 -1.747  1.00 36.14 ? 50  ASN B OD1 1 
ATOM   871  N  ND2 . ASN B 1 50 ? -16.914 -8.982  0.100   1.00 40.54 ? 50  ASN B ND2 1 
ATOM   872  N  N   . TYR B 1 51 ? -11.777 -8.671  -1.256  1.00 19.36 ? 51  TYR B N   1 
ATOM   873  C  CA  . TYR B 1 51 ? -10.476 -8.031  -1.364  1.00 19.08 ? 51  TYR B CA  1 
ATOM   874  C  C   . TYR B 1 51 ? -10.730 -6.543  -1.484  1.00 20.21 ? 51  TYR B C   1 
ATOM   875  O  O   . TYR B 1 51 ? -11.777 -6.129  -1.978  1.00 19.32 ? 51  TYR B O   1 
ATOM   876  C  CB  . TYR B 1 51 ? -9.749  -8.530  -2.615  1.00 17.05 ? 51  TYR B CB  1 
ATOM   877  C  CG  . TYR B 1 51 ? -9.325  -9.979  -2.544  1.00 15.04 ? 51  TYR B CG  1 
ATOM   878  C  CD1 . TYR B 1 51 ? -8.220  -10.364 -1.789  1.00 16.99 ? 51  TYR B CD1 1 
ATOM   879  C  CD2 . TYR B 1 51 ? -10.046 -10.971 -3.209  1.00 18.87 ? 51  TYR B CD2 1 
ATOM   880  C  CE1 . TYR B 1 51 ? -7.840  -11.703 -1.700  1.00 18.02 ? 51  TYR B CE1 1 
ATOM   881  C  CE2 . TYR B 1 51 ? -9.674  -12.311 -3.124  1.00 19.43 ? 51  TYR B CE2 1 
ATOM   882  C  CZ  . TYR B 1 51 ? -8.572  -12.668 -2.368  1.00 14.78 ? 51  TYR B CZ  1 
ATOM   883  O  OH  . TYR B 1 51 ? -8.199  -13.991 -2.271  1.00 19.74 ? 51  TYR B OH  1 
ATOM   884  N  N   . GLY B 1 52 ? -9.775  -5.743  -1.025  1.00 12.53 ? 52  GLY B N   1 
ATOM   885  C  CA  . GLY B 1 52 ? -9.919  -4.309  -1.124  1.00 15.41 ? 52  GLY B CA  1 
ATOM   886  C  C   . GLY B 1 52 ? -8.862  -3.744  -2.050  1.00 17.60 ? 52  GLY B C   1 
ATOM   887  O  O   . GLY B 1 52 ? -7.778  -4.314  -2.197  1.00 15.81 ? 52  GLY B O   1 
ATOM   888  N  N   . LEU B 1 53 ? -9.191  -2.623  -2.679  1.00 12.73 ? 53  LEU B N   1 
ATOM   889  C  CA  . LEU B 1 53 ? -8.293  -1.938  -3.590  1.00 13.29 ? 53  LEU B CA  1 
ATOM   890  C  C   . LEU B 1 53 ? -8.241  -0.483  -3.147  1.00 13.89 ? 53  LEU B C   1 
ATOM   891  O  O   . LEU B 1 53 ? -9.263  0.190   -3.112  1.00 19.20 ? 53  LEU B O   1 
ATOM   892  C  CB  . LEU B 1 53 ? -8.829  -2.012  -5.019  1.00 15.21 ? 53  LEU B CB  1 
ATOM   893  C  CG  . LEU B 1 53 ? -8.042  -1.235  -6.075  1.00 21.76 ? 53  LEU B CG  1 
ATOM   894  C  CD1 . LEU B 1 53 ? -6.717  -1.918  -6.340  1.00 31.37 ? 53  LEU B CD1 1 
ATOM   895  C  CD2 . LEU B 1 53 ? -8.852  -1.163  -7.354  1.00 31.74 ? 53  LEU B CD2 1 
ATOM   896  N  N   . ILE B 1 54 ? -7.055  -0.008  -2.792  1.00 12.82 ? 54  ILE B N   1 
ATOM   897  C  CA  . ILE B 1 54 ? -6.881  1.374   -2.359  1.00 15.43 ? 54  ILE B CA  1 
ATOM   898  C  C   . ILE B 1 54 ? -6.339  2.183   -3.532  1.00 16.74 ? 54  ILE B C   1 
ATOM   899  O  O   . ILE B 1 54 ? -5.328  1.812   -4.144  1.00 12.26 ? 54  ILE B O   1 
ATOM   900  C  CB  . ILE B 1 54 ? -5.901  1.457   -1.165  1.00 11.94 ? 54  ILE B CB  1 
ATOM   901  C  CG1 . ILE B 1 54 ? -6.398  0.550   -0.033  1.00 13.18 ? 54  ILE B CG1 1 
ATOM   902  C  CG2 . ILE B 1 54 ? -5.775  2.899   -0.683  1.00 17.96 ? 54  ILE B CG2 1 
ATOM   903  C  CD1 . ILE B 1 54 ? -5.423  0.391   1.117   1.00 16.66 ? 54  ILE B CD1 1 
ATOM   904  N  N   . GLU B 1 55 ? -7.029  3.275   -3.848  1.00 12.77 ? 55  GLU B N   1 
ATOM   905  C  CA  . GLU B 1 55 ? -6.649  4.158   -4.946  1.00 15.17 ? 55  GLU B CA  1 
ATOM   906  C  C   . GLU B 1 55 ? -6.438  5.561   -4.400  1.00 16.16 ? 55  GLU B C   1 
ATOM   907  O  O   . GLU B 1 55 ? -7.043  5.943   -3.400  1.00 22.60 ? 55  GLU B O   1 
ATOM   908  C  CB  . GLU B 1 55 ? -7.764  4.249   -5.991  1.00 23.03 ? 55  GLU B CB  1 
ATOM   909  C  CG  . GLU B 1 55 ? -8.438  2.959   -6.364  1.00 33.64 ? 55  GLU B CG  1 
ATOM   910  C  CD  . GLU B 1 55 ? -9.633  3.200   -7.271  1.00 37.68 ? 55  GLU B CD  1 
ATOM   911  O  OE1 . GLU B 1 55 ? -10.595 3.869   -6.829  1.00 38.67 ? 55  GLU B OE1 1 
ATOM   912  O  OE2 . GLU B 1 55 ? -9.608  2.730   -8.425  1.00 39.07 ? 55  GLU B OE2 1 
ATOM   913  N  N   . PRO B 1 56 ? -5.591  6.357   -5.064  1.00 21.62 ? 56  PRO B N   1 
ATOM   914  C  CA  . PRO B 1 56 ? -5.346  7.724   -4.596  1.00 26.79 ? 56  PRO B CA  1 
ATOM   915  C  C   . PRO B 1 56 ? -6.586  8.588   -4.810  1.00 35.68 ? 56  PRO B C   1 
ATOM   916  O  O   . PRO B 1 56 ? -6.849  9.531   -4.057  1.00 34.52 ? 56  PRO B O   1 
ATOM   917  C  CB  . PRO B 1 56 ? -4.163  8.172   -5.448  1.00 28.40 ? 56  PRO B CB  1 
ATOM   918  C  CG  . PRO B 1 56 ? -4.373  7.413   -6.734  1.00 29.32 ? 56  PRO B CG  1 
ATOM   919  C  CD  . PRO B 1 56 ? -4.758  6.041   -6.239  1.00 25.67 ? 56  PRO B CD  1 
ATOM   920  N  N   . GLU B 1 57 ? -7.349  8.246   -5.843  1.00 31.87 ? 57  GLU B N   1 
ATOM   921  C  CA  . GLU B 1 57 ? -8.567  8.965   -6.184  1.00 39.37 ? 57  GLU B CA  1 
ATOM   922  C  C   . GLU B 1 57 ? -9.516  8.083   -6.986  1.00 41.62 ? 57  GLU B C   1 
ATOM   923  O  O   . GLU B 1 57 ? -9.124  7.046   -7.523  1.00 34.99 ? 57  GLU B O   1 
ATOM   924  C  CB  . GLU B 1 57 ? -8.224  10.225  -6.986  1.00 42.27 ? 57  GLU B CB  1 
ATOM   925  C  CG  . GLU B 1 57 ? -7.683  11.362  -6.135  1.00 47.21 ? 57  GLU B CG  1 
ATOM   926  C  CD  . GLU B 1 57 ? -6.951  12.409  -6.946  1.00 52.10 ? 57  GLU B CD  1 
ATOM   927  O  OE1 . GLU B 1 57 ? -7.538  12.940  -7.912  1.00 55.11 ? 57  GLU B OE1 1 
ATOM   928  O  OE2 . GLU B 1 57 ? -5.784  12.705  -6.611  1.00 52.64 ? 57  GLU B OE2 1 
ATOM   929  N  N   . LEU B 1 58 ? -10.772 8.506   -7.057  1.00 45.53 ? 58  LEU B N   1 
ATOM   930  C  CA  . LEU B 1 58 ? -11.800 7.774   -7.783  1.00 45.42 ? 58  LEU B CA  1 
ATOM   931  C  C   . LEU B 1 58 ? -11.848 8.274   -9.226  1.00 43.38 ? 58  LEU B C   1 
ATOM   932  O  O   . LEU B 1 58 ? -11.830 9.480   -9.467  1.00 49.89 ? 58  LEU B O   1 
ATOM   933  C  CB  . LEU B 1 58 ? -13.152 7.993   -7.096  1.00 45.77 ? 58  LEU B CB  1 
ATOM   934  C  CG  . LEU B 1 58 ? -13.182 7.602   -5.612  1.00 45.87 ? 58  LEU B CG  1 
ATOM   935  C  CD1 . LEU B 1 58 ? -14.190 8.452   -4.861  1.00 52.26 ? 58  LEU B CD1 1 
ATOM   936  C  CD2 . LEU B 1 58 ? -13.506 6.123   -5.478  1.00 43.91 ? 58  LEU B CD2 1 
ATOM   937  N  N   . GLU B 1 59 ? -11.896 7.354   -10.184 1.00 41.94 ? 59  GLU B N   1 
ATOM   938  C  CA  . GLU B 1 59 ? -11.954 7.746   -11.590 1.00 46.86 ? 59  GLU B CA  1 
ATOM   939  C  C   . GLU B 1 59 ? -13.394 7.918   -12.059 1.00 47.87 ? 59  GLU B C   1 
ATOM   940  O  O   . GLU B 1 59 ? -13.841 7.117   -12.908 1.00 52.55 ? 59  GLU B O   1 
ATOM   941  C  CB  . GLU B 1 59 ? -11.242 6.720   -12.478 1.00 46.37 ? 59  GLU B CB  1 
ATOM   942  C  CG  . GLU B 1 59 ? -9.722  6.812   -12.450 1.00 50.93 ? 59  GLU B CG  1 
ATOM   943  C  CD  . GLU B 1 59 ? -9.095  5.871   -11.444 1.00 48.89 ? 59  GLU B CD  1 
ATOM   944  O  OE1 . GLU B 1 59 ? -9.239  4.643   -11.619 1.00 50.89 ? 59  GLU B OE1 1 
ATOM   945  O  OE2 . GLU B 1 59 ? -8.460  6.357   -10.483 1.00 57.91 ? 59  GLU B OE2 1 
HETATM 946  O  O   . HOH C 2 .  ? -2.840  19.120  8.293   1.00 39.39 ? 66  HOH A O   1 
HETATM 947  O  O   . HOH C 2 .  ? 3.578   6.668   -7.238  1.00 45.64 ? 67  HOH A O   1 
HETATM 948  O  O   . HOH C 2 .  ? -4.088  6.106   4.462   1.00 14.31 ? 68  HOH A O   1 
HETATM 949  O  O   . HOH C 2 .  ? -6.026  3.754   3.088   1.00 15.42 ? 69  HOH A O   1 
HETATM 950  O  O   . HOH C 2 .  ? -13.703 5.948   4.247   1.00 44.34 ? 70  HOH A O   1 
HETATM 951  O  O   . HOH C 2 .  ? -1.116  10.881  3.037   1.00 15.25 ? 71  HOH A O   1 
HETATM 952  O  O   . HOH C 2 .  ? 10.671  7.344   -4.796  1.00 42.83 ? 73  HOH A O   1 
HETATM 953  O  O   . HOH C 2 .  ? 6.232   -3.818  13.526  1.00 47.47 ? 74  HOH A O   1 
HETATM 954  O  O   . HOH C 2 .  ? -3.383  12.757  5.852   1.00 17.89 ? 75  HOH A O   1 
HETATM 955  O  O   . HOH C 2 .  ? -13.056 -11.014 -5.777  1.00 33.02 ? 76  HOH A O   1 
HETATM 956  O  O   . HOH C 2 .  ? 10.500  13.810  7.834   1.00 37.64 ? 77  HOH A O   1 
HETATM 957  O  O   . HOH C 2 .  ? 9.177   6.198   12.911  1.00 44.60 ? 78  HOH A O   1 
HETATM 958  O  O   . HOH C 2 .  ? -8.774  3.360   2.383   1.00 43.76 ? 79  HOH A O   1 
HETATM 959  O  O   . HOH C 2 .  ? -6.984  10.052  -0.740  1.00 22.26 ? 80  HOH A O   1 
HETATM 960  O  O   . HOH C 2 .  ? 7.268   7.408   14.272  1.00 21.91 ? 81  HOH A O   1 
HETATM 961  O  O   . HOH C 2 .  ? -1.987  11.252  -4.061  1.00 41.01 ? 82  HOH A O   1 
HETATM 962  O  O   . HOH C 2 .  ? 9.429   18.652  3.051   1.00 48.24 ? 83  HOH A O   1 
HETATM 963  O  O   . HOH C 2 .  ? -0.676  -1.083  14.621  1.00 33.83 ? 84  HOH A O   1 
HETATM 964  O  O   . HOH C 2 .  ? 10.269  7.799   0.333   1.00 33.38 ? 85  HOH A O   1 
HETATM 965  O  O   . HOH C 2 .  ? -7.502  -5.205  15.215  1.00 38.14 ? 86  HOH A O   1 
HETATM 966  O  O   . HOH C 2 .  ? -10.238 9.241   1.983   1.00 19.73 ? 87  HOH A O   1 
HETATM 967  O  O   . HOH C 2 .  ? -16.132 -1.163  -5.023  1.00 35.21 ? 88  HOH A O   1 
HETATM 968  O  O   . HOH C 2 .  ? 4.345   15.184  8.460   1.00 34.12 ? 89  HOH A O   1 
HETATM 969  O  O   . HOH C 2 .  ? 2.133   -5.707  7.604   1.00 22.40 ? 90  HOH A O   1 
HETATM 970  O  O   . HOH C 2 .  ? -3.823  -3.295  8.355   1.00 34.83 ? 91  HOH A O   1 
HETATM 971  O  O   . HOH C 2 .  ? -5.320  -3.499  15.684  1.00 36.04 ? 92  HOH A O   1 
HETATM 972  O  O   . HOH C 2 .  ? -10.669 -0.943  -0.224  1.00 42.58 ? 93  HOH A O   1 
HETATM 973  O  O   . HOH C 2 .  ? 15.335  5.849   -0.333  1.00 38.41 ? 94  HOH A O   1 
HETATM 974  O  O   . HOH C 2 .  ? -13.377 5.569   -0.179  1.00 38.57 ? 95  HOH A O   1 
HETATM 975  O  O   . HOH C 2 .  ? 1.784   -2.164  17.570  1.00 46.23 ? 96  HOH A O   1 
HETATM 976  O  O   . HOH C 2 .  ? 9.210   8.055   -2.725  1.00 42.35 ? 97  HOH A O   1 
HETATM 977  O  O   . HOH C 2 .  ? -16.755 -12.660 -4.373  1.00 44.05 ? 98  HOH A O   1 
HETATM 978  O  O   . HOH C 2 .  ? 4.417   5.033   -5.366  1.00 36.16 ? 99  HOH A O   1 
HETATM 979  O  O   . HOH C 2 .  ? 3.777   15.941  -1.428  1.00 39.46 ? 100 HOH A O   1 
HETATM 980  O  O   . HOH C 2 .  ? -4.188  -1.145  6.759   1.00 29.27 ? 101 HOH A O   1 
HETATM 981  O  O   . HOH C 2 .  ? 9.505   -13.511 12.681  1.00 42.74 ? 102 HOH A O   1 
HETATM 982  O  O   . HOH C 2 .  ? -3.410  20.868  6.369   1.00 39.40 ? 103 HOH A O   1 
HETATM 983  O  O   . HOH C 2 .  ? -11.507 6.689   2.316   1.00 34.83 ? 104 HOH A O   1 
HETATM 984  O  O   . HOH C 2 .  ? -4.074  3.720   19.754  1.00 32.62 ? 105 HOH A O   1 
HETATM 985  O  O   . HOH C 2 .  ? 10.753  -2.637  3.591   1.00 40.03 ? 106 HOH A O   1 
HETATM 986  O  O   . HOH C 2 .  ? -4.200  2.390   4.496   1.00 7.98  ? 107 HOH A O   1 
HETATM 987  O  O   . HOH C 2 .  ? 5.047   2.612   -2.964  1.00 17.68 ? 108 HOH A O   1 
HETATM 988  O  O   . HOH C 2 .  ? 8.781   11.804  4.941   1.00 30.45 ? 109 HOH A O   1 
HETATM 989  O  O   . HOH C 2 .  ? -11.602 -12.964 -6.724  1.00 44.53 ? 110 HOH A O   1 
HETATM 990  O  O   . HOH D 2 .  ? -3.134  4.006   -3.290  1.00 11.41 ? 66  HOH B O   1 
HETATM 991  O  O   . HOH D 2 .  ? 6.350   -4.357  -2.490  1.00 18.13 ? 67  HOH B O   1 
HETATM 992  O  O   . HOH D 2 .  ? 5.789   -6.824  1.993   1.00 40.38 ? 68  HOH B O   1 
HETATM 993  O  O   . HOH D 2 .  ? 1.880   -16.549 3.515   1.00 41.37 ? 69  HOH B O   1 
HETATM 994  O  O   . HOH D 2 .  ? 3.178   -3.171  -10.472 1.00 15.71 ? 70  HOH B O   1 
HETATM 995  O  O   . HOH D 2 .  ? -9.662  -8.344  -15.279 1.00 38.23 ? 71  HOH B O   1 
HETATM 996  O  O   . HOH D 2 .  ? -2.876  6.365   -3.053  1.00 19.43 ? 72  HOH B O   1 
HETATM 997  O  O   . HOH D 2 .  ? 4.803   -5.295  -5.295  1.00 14.10 ? 73  HOH B O   1 
HETATM 998  O  O   . HOH D 2 .  ? 5.338   2.433   -5.405  1.00 21.80 ? 74  HOH B O   1 
HETATM 999  O  O   . HOH D 2 .  ? 9.330   0.079   17.634  1.00 43.10 ? 75  HOH B O   1 
HETATM 1000 O  O   . HOH D 2 .  ? 0.727   2.299   -15.929 1.00 46.91 ? 76  HOH B O   1 
HETATM 1001 O  O   . HOH D 2 .  ? -2.454  -7.317  -16.048 1.00 21.34 ? 77  HOH B O   1 
HETATM 1002 O  O   . HOH D 2 .  ? 11.821  -4.181  -6.999  1.00 22.09 ? 78  HOH B O   1 
HETATM 1003 O  O   . HOH D 2 .  ? -5.921  4.082   -9.738  1.00 25.07 ? 79  HOH B O   1 
HETATM 1004 O  O   . HOH D 2 .  ? 12.501  -4.821  -4.346  1.00 43.72 ? 80  HOH B O   1 
HETATM 1005 O  O   . HOH D 2 .  ? -18.230 -11.165 6.388   1.00 48.78 ? 81  HOH B O   1 
HETATM 1006 O  O   . HOH D 2 .  ? 5.108   -6.211  -12.108 1.00 18.72 ? 82  HOH B O   1 
HETATM 1007 O  O   . HOH D 2 .  ? -1.999  -14.487 0.715   1.00 35.42 ? 83  HOH B O   1 
HETATM 1008 O  O   . HOH D 2 .  ? -12.459 4.927   -8.972  1.00 43.99 ? 84  HOH B O   1 
HETATM 1009 O  O   . HOH D 2 .  ? 9.665   -0.789  -8.280  1.00 33.45 ? 85  HOH B O   1 
HETATM 1010 O  O   . HOH D 2 .  ? -1.092  6.253   -5.732  1.00 25.30 ? 86  HOH B O   1 
HETATM 1011 O  O   . HOH D 2 .  ? 1.839   -8.908  3.870   1.00 26.92 ? 87  HOH B O   1 
HETATM 1012 O  O   . HOH D 2 .  ? -6.983  -2.923  -13.236 1.00 26.58 ? 88  HOH B O   1 
HETATM 1013 O  O   . HOH D 2 .  ? -8.339  -0.981  -11.896 1.00 34.77 ? 89  HOH B O   1 
HETATM 1014 O  O   . HOH D 2 .  ? -12.787 -15.095 -1.989  1.00 37.27 ? 90  HOH B O   1 
HETATM 1015 O  O   . HOH D 2 .  ? 14.436  -2.865  -2.292  1.00 42.68 ? 91  HOH B O   1 
HETATM 1016 O  O   . HOH D 2 .  ? -7.571  2.126   -9.803  1.00 32.34 ? 92  HOH B O   1 
HETATM 1017 O  O   . HOH D 2 .  ? -4.066  -6.938  4.916   1.00 35.25 ? 93  HOH B O   1 
HETATM 1018 O  O   . HOH D 2 .  ? 9.212   -4.360  -1.499  1.00 42.13 ? 94  HOH B O   1 
HETATM 1019 O  O   . HOH D 2 .  ? -10.527 -6.085  7.135   1.00 43.54 ? 95  HOH B O   1 
HETATM 1020 O  O   . HOH D 2 .  ? 5.908   -7.971  -20.310 1.00 49.02 ? 96  HOH B O   1 
HETATM 1021 O  O   . HOH D 2 .  ? 0.832   6.774   -8.979  1.00 37.13 ? 97  HOH B O   1 
HETATM 1022 O  O   . HOH D 2 .  ? -5.413  8.242   -13.460 1.00 42.27 ? 98  HOH B O   1 
HETATM 1023 O  O   . HOH D 2 .  ? -10.212 -15.874 -2.664  1.00 33.26 ? 99  HOH B O   1 
HETATM 1024 O  O   . HOH D 2 .  ? 13.250  -1.565  18.191  1.00 48.62 ? 100 HOH B O   1 
HETATM 1025 O  O   . HOH D 2 .  ? 3.210   -7.266  1.418   1.00 33.41 ? 101 HOH B O   1 
HETATM 1026 O  O   . HOH D 2 .  ? -12.551 -8.046  -14.308 1.00 46.26 ? 102 HOH B O   1 
HETATM 1027 O  O   . HOH D 2 .  ? -4.385  -17.740 0.590   1.00 42.82 ? 103 HOH B O   1 
HETATM 1028 O  O   . HOH D 2 .  ? -19.441 -7.662  3.340   1.00 47.68 ? 104 HOH B O   1 
HETATM 1029 O  O   . HOH D 2 .  ? 4.093   -5.249  -1.560  1.00 7.88  ? 105 HOH B O   1 
HETATM 1030 O  O   . HOH D 2 .  ? -10.846 -3.838  5.607   1.00 40.54 ? 106 HOH B O   1 
HETATM 1031 O  O   . HOH D 2 .  ? -1.091  -14.344 3.899   1.00 48.32 ? 107 HOH B O   1 
# 
